data_6Q7J
#
_entry.id   6Q7J
#
_cell.length_a   70.398
_cell.length_b   91.579
_cell.length_c   245.059
_cell.angle_alpha   90.00
_cell.angle_beta   90.00
_cell.angle_gamma   90.00
#
_symmetry.space_group_name_H-M   'P 21 21 21'
#
loop_
_entity.id
_entity.type
_entity.pdbx_description
1 polymer 'Exo-1,4-beta-xylosidase xlnD'
2 branched alpha-D-mannopyranose-(1-2)-alpha-D-mannopyranose-(1-3)-[alpha-D-mannopyranose-(1-2)-alpha-D-mannopyranose-(1-6)]alpha-D-mannopyranose-(1-6)-[alpha-D-mannopyranose-(1-2)-alpha-D-mannopyranose-(1-3)]beta-D-mannopyranose-(1-4)-2-acetamido-2-deoxy-beta-D-glucopyranose-(1-4)-2-acetamido-2-deoxy-beta-D-glucopyranose
3 branched 2-acetamido-2-deoxy-beta-D-glucopyranose-(1-4)-2-acetamido-2-deoxy-beta-D-glucopyranose
4 branched alpha-D-mannopyranose-(1-2)-alpha-D-mannopyranose-(1-6)-[alpha-D-mannopyranose-(1-3)]alpha-D-mannopyranose-(1-6)-[alpha-D-mannopyranose-(1-2)-alpha-D-mannopyranose-(1-3)]beta-D-mannopyranose-(1-4)-2-acetamido-2-deoxy-beta-D-glucopyranose-(1-4)-2-acetamido-2-deoxy-beta-D-glucopyranose
5 non-polymer 2-acetamido-2-deoxy-beta-D-glucopyranose
6 non-polymer 5-[3,3-dimethyl-2-[5-(1,3,3-trimethylindol-2-ylidene)penta-1,3-dienyl]indol-1-ium-1-yl]-~{N}-[8-[[(1~{R},2~{S},3~{S},4~{S},5~{R})-2,3,4,5-tetrakis(oxidanyl)cyclohexyl]amino]octyl]pentanamide
7 non-polymer 1,2-ETHANEDIOL
8 water water
#
_entity_poly.entity_id   1
_entity_poly.type   'polypeptide(L)'
_entity_poly.pdbx_seq_one_letter_code
;(PCA)ANTSYTDYNVEANPDLFPLCLQHLNASFPDCASGPLSLTPVCDRSLSPKDRATALVSLFTFDELVNNTGNTGLGV
SRLGLPNYQVWGEALHGVGRANFVESGNFSWATSFPMPITMMAALNKTLIHQIGTIVSTQLRAFSNAGLGGVDVYSPNIN
TFRHPVWGRGQETPGEDAFLTSVYGYEYITALQGGVDPETLKIIATAKHYAGYDIESWNNHSRLGNDMQITQQELSEYYT
PPFIVASRDAKVRSVMCSYNAVNGVPSCANKFFLQTLLRDTFEFSEDGYVSGDCGAVYNVWNPHGYASNEAAASADSILA
GTDIDCGTSYQWHSEDAFEDSLVSRSDIERGVIRLYSNLVQAGYFDGEDAPYRDITWDDVLSTDAWNIAYEAAVEGIVLL
KNDETLPLSKDIKSVAVIGPWANVTEELQGNYFGPAPYLISPLTGFRDSGLDVHYALGTNLTSHSTSGFEEALTAAKQAD
AIIFAGGIDNTIEAEAMDRENITWPGNQLDLISKLSELGKPLVVLQMGGGQVDSSSLKDNDNVNALIWGGYPGQSGGHAL
ADIITGKRAPAGRLVTTQYPAEYAEVFPAIDMNLRPNETSGNPGQTYMWYTGTPVYEFGHGLFYTTFEESTETTDAGSFN
IQTVLTTPHSGYEHAQQKTLLNFTATVKNTGERESDYTALVYVNTTAGPAPYPKKWVVGFDRLGGLEPGDSQTLTVPVTV
ESVARTDEQGNRVLYPGSYELALNNERSVVVKFELKGEEAVILSWPEDTTSDFVSSIDGGLDRKQDVIA
;
_entity_poly.pdbx_strand_id   B,A
#
loop_
_chem_comp.id
_chem_comp.type
_chem_comp.name
_chem_comp.formula
BMA D-saccharide, beta linking beta-D-mannopyranose 'C6 H12 O6'
EDO non-polymer 1,2-ETHANEDIOL 'C2 H6 O2'
HLB non-polymer 5-[3,3-dimethyl-2-[5-(1,3,3-trimethylindol-2-ylidene)penta-1,3-dienyl]indol-1-ium-1-yl]-~{N}-[8-[[(1~{R},2~{S},3~{S},4~{S},5~{R})-2,3,4,5-tetrakis(oxidanyl)cyclohexyl]amino]octyl]pentanamide 'C45 H65 N4 O5 1'
MAN D-saccharide, alpha linking alpha-D-mannopyranose 'C6 H12 O6'
NAG D-saccharide, beta linking 2-acetamido-2-deoxy-beta-D-glucopyranose 'C8 H15 N O6'
#
# COMPACT_ATOMS: atom_id res chain seq x y z
N PCA A 1 3.74 33.42 2.89
CA PCA A 1 5.04 33.29 3.51
CB PCA A 1 5.55 31.92 2.98
CG PCA A 1 4.44 31.36 2.11
CD PCA A 1 3.34 32.39 2.15
OE PCA A 1 2.24 32.29 1.59
C PCA A 1 6.00 34.41 3.10
O PCA A 1 6.71 34.93 3.95
N ALA A 2 6.02 34.75 1.79
CA ALA A 2 6.92 35.75 1.22
C ALA A 2 6.30 37.16 1.24
N ASN A 3 5.22 37.35 1.99
CA ASN A 3 4.60 38.66 2.28
C ASN A 3 5.61 39.62 2.94
N THR A 4 5.63 40.87 2.49
CA THR A 4 6.53 41.97 2.96
C THR A 4 5.83 42.83 4.02
N SER A 5 4.57 42.52 4.35
CA SER A 5 3.77 43.06 5.49
C SER A 5 2.80 41.99 5.98
N TYR A 6 2.23 42.16 7.17
CA TYR A 6 1.21 41.22 7.71
C TYR A 6 0.18 40.94 6.60
N THR A 7 -0.22 39.68 6.51
CA THR A 7 -1.20 39.13 5.54
C THR A 7 -2.02 38.08 6.30
N ASP A 8 -3.35 38.26 6.40
CA ASP A 8 -4.28 37.34 7.11
C ASP A 8 -4.82 36.33 6.10
N TYR A 9 -4.20 35.14 6.06
CA TYR A 9 -4.43 34.08 5.05
C TYR A 9 -5.75 33.35 5.33
N ASN A 10 -6.44 33.64 6.45
CA ASN A 10 -7.88 33.31 6.68
C ASN A 10 -8.81 34.15 5.79
N VAL A 11 -8.37 35.34 5.33
CA VAL A 11 -9.15 36.23 4.41
C VAL A 11 -8.47 36.31 3.03
N GLU A 12 -7.17 36.63 2.98
CA GLU A 12 -6.39 36.62 1.71
C GLU A 12 -6.31 35.18 1.19
N ALA A 13 -6.66 34.96 -0.08
CA ALA A 13 -6.84 33.63 -0.73
C ALA A 13 -5.67 33.28 -1.62
N ASN A 14 -4.73 34.21 -1.85
CA ASN A 14 -3.50 33.97 -2.66
C ASN A 14 -2.33 33.78 -1.69
N PRO A 15 -1.58 32.66 -1.80
CA PRO A 15 -0.32 32.55 -1.08
C PRO A 15 0.76 33.47 -1.67
N ASP A 16 1.65 33.93 -0.80
CA ASP A 16 2.89 34.67 -1.13
C ASP A 16 4.03 33.64 -1.16
N LEU A 17 4.22 33.02 -2.32
CA LEU A 17 5.25 32.00 -2.58
C LEU A 17 6.62 32.67 -2.74
N PHE A 18 7.66 32.04 -2.20
CA PHE A 18 9.07 32.46 -2.41
C PHE A 18 9.42 32.21 -3.86
N PRO A 19 10.27 33.04 -4.47
CA PRO A 19 10.64 32.85 -5.88
C PRO A 19 11.14 31.45 -6.32
N LEU A 20 11.83 30.70 -5.46
CA LEU A 20 12.40 29.35 -5.80
C LEU A 20 11.24 28.46 -6.29
N CYS A 21 10.10 28.59 -5.63
CA CYS A 21 8.85 27.84 -5.90
C CYS A 21 8.24 28.25 -7.24
N LEU A 22 8.35 29.53 -7.59
CA LEU A 22 7.77 30.13 -8.82
C LEU A 22 8.76 30.08 -9.99
N GLN A 23 9.97 29.59 -9.78
CA GLN A 23 11.05 29.59 -10.82
C GLN A 23 10.75 28.57 -11.93
N HIS A 24 10.79 28.99 -13.19
CA HIS A 24 10.77 28.03 -14.35
C HIS A 24 12.16 27.44 -14.52
N LEU A 25 12.28 26.17 -14.97
CA LEU A 25 13.60 25.47 -15.03
C LEU A 25 13.84 24.99 -16.44
N ASN A 26 15.09 25.10 -16.87
CA ASN A 26 15.59 24.60 -18.16
C ASN A 26 15.64 23.08 -18.02
N ALA A 27 14.66 22.39 -18.60
CA ALA A 27 14.55 20.93 -18.60
C ALA A 27 15.72 20.31 -19.37
N SER A 28 16.18 19.14 -18.95
CA SER A 28 17.06 18.26 -19.75
C SER A 28 16.94 16.83 -19.24
N PHE A 29 17.61 15.90 -19.92
CA PHE A 29 17.62 14.44 -19.61
C PHE A 29 18.95 14.04 -19.01
N PRO A 30 18.95 13.24 -17.93
CA PRO A 30 20.18 12.59 -17.47
C PRO A 30 20.73 11.68 -18.57
N ASP A 31 22.04 11.48 -18.56
CA ASP A 31 22.79 10.71 -19.59
C ASP A 31 23.19 9.36 -18.98
N CYS A 32 22.49 8.29 -19.36
CA CYS A 32 22.72 6.92 -18.82
C CYS A 32 23.76 6.20 -19.68
N ALA A 33 24.13 6.77 -20.84
CA ALA A 33 25.15 6.20 -21.74
C ALA A 33 26.56 6.60 -21.25
N SER A 34 26.74 7.77 -20.64
CA SER A 34 28.09 8.33 -20.32
C SER A 34 28.19 8.96 -18.92
N GLY A 35 27.10 9.52 -18.36
CA GLY A 35 27.17 10.33 -17.12
C GLY A 35 27.50 9.49 -15.90
N PRO A 36 27.70 10.13 -14.71
CA PRO A 36 27.92 9.43 -13.44
C PRO A 36 26.97 8.26 -13.15
N LEU A 37 25.73 8.36 -13.64
CA LEU A 37 24.67 7.38 -13.33
C LEU A 37 24.77 6.17 -14.27
N SER A 38 25.50 6.27 -15.39
CA SER A 38 25.56 5.19 -16.41
C SER A 38 25.94 3.88 -15.71
N LEU A 39 26.90 3.96 -14.77
CA LEU A 39 27.48 2.81 -14.03
C LEU A 39 26.55 2.32 -12.92
N THR A 40 25.51 3.08 -12.53
CA THR A 40 24.62 2.79 -11.37
C THR A 40 23.34 2.09 -11.84
N PRO A 41 22.54 1.52 -10.91
CA PRO A 41 21.37 0.73 -11.29
C PRO A 41 20.22 1.57 -11.85
N VAL A 42 20.14 2.87 -11.51
CA VAL A 42 19.06 3.76 -12.02
C VAL A 42 19.07 3.70 -13.57
N CYS A 43 20.20 3.34 -14.17
CA CYS A 43 20.37 3.29 -15.64
C CYS A 43 20.15 1.87 -16.17
N ASP A 44 19.75 0.93 -15.31
CA ASP A 44 19.54 -0.50 -15.67
C ASP A 44 18.05 -0.78 -15.96
N ARG A 45 17.71 -1.03 -17.23
CA ARG A 45 16.32 -1.25 -17.73
C ARG A 45 15.81 -2.66 -17.39
N SER A 46 16.64 -3.52 -16.75
CA SER A 46 16.21 -4.88 -16.27
C SER A 46 15.33 -4.72 -15.02
N LEU A 47 15.61 -3.69 -14.22
CA LEU A 47 14.99 -3.42 -12.89
C LEU A 47 13.66 -2.64 -13.04
N SER A 48 12.79 -2.73 -12.04
CA SER A 48 11.52 -1.99 -11.97
C SER A 48 11.80 -0.50 -11.79
N PRO A 49 10.80 0.37 -12.08
CA PRO A 49 10.89 1.79 -11.76
C PRO A 49 11.20 2.11 -10.29
N LYS A 50 10.57 1.38 -9.37
CA LYS A 50 10.72 1.64 -7.92
C LYS A 50 12.17 1.32 -7.50
N ASP A 51 12.72 0.21 -7.95
CA ASP A 51 14.11 -0.18 -7.61
C ASP A 51 15.12 0.85 -8.17
N ARG A 52 14.88 1.37 -9.40
CA ARG A 52 15.73 2.42 -10.04
C ARG A 52 15.64 3.75 -9.25
N ALA A 53 14.44 4.29 -9.04
CA ALA A 53 14.26 5.53 -8.28
C ALA A 53 14.97 5.39 -6.93
N THR A 54 14.76 4.25 -6.27
CA THR A 54 15.29 3.96 -4.91
C THR A 54 16.82 4.01 -4.93
N ALA A 55 17.45 3.35 -5.92
CA ALA A 55 18.92 3.34 -6.12
C ALA A 55 19.40 4.76 -6.33
N LEU A 56 18.73 5.53 -7.20
CA LEU A 56 19.03 6.97 -7.45
C LEU A 56 19.09 7.73 -6.14
N VAL A 57 18.01 7.70 -5.37
CA VAL A 57 17.86 8.51 -4.12
C VAL A 57 18.93 8.00 -3.15
N SER A 58 19.37 6.74 -3.26
CA SER A 58 20.42 6.20 -2.36
C SER A 58 21.76 6.90 -2.62
N LEU A 59 22.00 7.53 -3.77
CA LEU A 59 23.30 8.21 -4.07
C LEU A 59 23.36 9.62 -3.48
N PHE A 60 22.22 10.23 -3.17
CA PHE A 60 22.18 11.66 -2.74
C PHE A 60 22.82 11.78 -1.36
N THR A 61 23.44 12.93 -1.08
CA THR A 61 23.63 13.46 0.29
C THR A 61 22.26 13.97 0.72
N PHE A 62 22.05 14.15 2.02
CA PHE A 62 20.77 14.63 2.59
C PHE A 62 20.46 15.99 1.96
N ASP A 63 21.44 16.90 1.95
CA ASP A 63 21.27 18.28 1.42
C ASP A 63 20.72 18.21 0.00
N GLU A 64 21.25 17.28 -0.80
CA GLU A 64 20.87 17.18 -2.23
C GLU A 64 19.42 16.69 -2.31
N LEU A 65 19.12 15.66 -1.50
CA LEU A 65 17.77 15.08 -1.28
C LEU A 65 16.81 16.22 -0.93
N VAL A 66 17.08 16.92 0.17
CA VAL A 66 16.18 17.99 0.65
C VAL A 66 15.90 18.99 -0.47
N ASN A 67 16.87 19.25 -1.35
CA ASN A 67 16.76 20.24 -2.47
C ASN A 67 15.80 19.74 -3.56
N ASN A 68 15.42 18.46 -3.52
CA ASN A 68 14.62 17.81 -4.59
C ASN A 68 13.26 17.39 -4.02
N THR A 69 12.90 17.88 -2.82
CA THR A 69 11.62 17.55 -2.14
C THR A 69 10.52 18.59 -2.48
N GLY A 70 10.88 19.68 -3.14
CA GLY A 70 9.92 20.70 -3.59
C GLY A 70 9.72 20.62 -5.08
N ASN A 71 8.72 21.34 -5.61
CA ASN A 71 8.34 21.32 -7.05
C ASN A 71 9.56 21.73 -7.89
N THR A 72 10.33 22.69 -7.39
CA THR A 72 11.54 23.20 -8.06
C THR A 72 12.73 22.34 -7.60
N GLY A 73 12.82 21.13 -8.13
CA GLY A 73 13.91 20.19 -7.84
C GLY A 73 15.19 20.73 -8.44
N LEU A 74 16.12 21.14 -7.60
CA LEU A 74 17.35 21.82 -8.04
C LEU A 74 18.33 20.78 -8.63
N GLY A 75 17.98 19.50 -8.62
CA GLY A 75 18.78 18.45 -9.27
C GLY A 75 20.00 18.08 -8.43
N VAL A 76 20.90 17.28 -9.01
CA VAL A 76 22.19 16.96 -8.34
C VAL A 76 23.30 16.99 -9.40
N SER A 77 24.03 18.10 -9.46
CA SER A 77 25.12 18.33 -10.44
C SER A 77 26.19 17.26 -10.30
N ARG A 78 26.42 16.73 -9.09
CA ARG A 78 27.48 15.74 -8.82
C ARG A 78 27.27 14.46 -9.63
N LEU A 79 26.02 14.06 -9.87
CA LEU A 79 25.64 12.80 -10.60
C LEU A 79 25.16 13.12 -12.02
N GLY A 80 25.17 14.39 -12.43
CA GLY A 80 24.56 14.83 -13.70
C GLY A 80 23.05 14.55 -13.75
N LEU A 81 22.37 14.71 -12.60
CA LEU A 81 20.88 14.67 -12.52
C LEU A 81 20.39 16.10 -12.64
N PRO A 82 19.69 16.42 -13.75
CA PRO A 82 19.22 17.78 -14.01
C PRO A 82 18.23 18.28 -12.94
N ASN A 83 18.04 19.60 -12.89
CA ASN A 83 16.90 20.21 -12.16
C ASN A 83 15.62 19.80 -12.89
N TYR A 84 14.56 19.57 -12.13
CA TYR A 84 13.25 19.09 -12.65
C TYR A 84 12.13 19.88 -11.98
N GLN A 85 11.27 20.50 -12.82
CA GLN A 85 10.09 21.32 -12.39
C GLN A 85 8.83 20.44 -12.41
N VAL A 86 8.32 20.15 -11.22
CA VAL A 86 7.09 19.34 -11.03
C VAL A 86 5.86 20.19 -11.40
N TRP A 87 5.93 21.52 -11.25
CA TRP A 87 4.79 22.45 -11.52
C TRP A 87 4.63 22.73 -13.02
N GLY A 88 3.97 21.81 -13.73
CA GLY A 88 3.35 22.06 -15.05
C GLY A 88 1.85 22.16 -14.90
N GLU A 89 1.18 22.68 -15.92
CA GLU A 89 -0.30 22.86 -15.98
C GLU A 89 -0.77 22.46 -17.38
N ALA A 90 -1.93 21.83 -17.49
CA ALA A 90 -2.55 21.54 -18.80
C ALA A 90 -4.07 21.45 -18.60
N LEU A 91 -4.65 22.46 -17.97
CA LEU A 91 -6.12 22.51 -17.71
C LEU A 91 -6.89 22.27 -19.03
N HIS A 92 -6.49 22.94 -20.09
CA HIS A 92 -7.18 22.86 -21.41
C HIS A 92 -6.22 23.31 -22.49
N GLY A 93 -5.03 22.73 -22.48
CA GLY A 93 -3.89 23.07 -23.34
C GLY A 93 -2.69 23.42 -22.49
N VAL A 94 -1.51 23.50 -23.10
CA VAL A 94 -0.22 23.71 -22.38
C VAL A 94 -0.29 25.04 -21.64
N GLY A 95 -0.04 25.06 -20.34
CA GLY A 95 -0.34 26.22 -19.46
C GLY A 95 0.85 26.82 -18.72
N ARG A 96 1.95 26.08 -18.49
CA ARG A 96 3.11 26.54 -17.67
C ARG A 96 4.42 26.02 -18.27
N ALA A 97 4.49 25.93 -19.60
CA ALA A 97 5.76 25.65 -20.29
C ALA A 97 6.58 26.94 -20.33
N ASN A 98 7.86 26.83 -20.69
CA ASN A 98 8.80 27.97 -20.74
C ASN A 98 8.67 28.61 -22.12
N PHE A 99 7.49 29.17 -22.42
CA PHE A 99 7.10 29.74 -23.75
C PHE A 99 8.16 30.73 -24.21
N VAL A 100 8.54 30.70 -25.49
CA VAL A 100 9.50 31.69 -26.04
C VAL A 100 8.68 32.86 -26.60
N GLU A 101 9.28 34.06 -26.59
CA GLU A 101 8.72 35.37 -27.00
C GLU A 101 7.97 35.25 -28.32
N SER A 102 8.62 34.70 -29.34
CA SER A 102 8.00 34.43 -30.65
C SER A 102 8.74 33.28 -31.31
N GLY A 103 8.22 32.80 -32.43
CA GLY A 103 8.76 31.68 -33.23
C GLY A 103 8.21 30.33 -32.79
N ASN A 104 8.98 29.27 -33.02
CA ASN A 104 8.70 27.90 -32.48
C ASN A 104 8.52 27.96 -30.95
N PHE A 105 7.49 27.27 -30.41
CA PHE A 105 7.22 27.10 -28.95
C PHE A 105 6.88 28.44 -28.31
N SER A 106 6.21 29.34 -29.04
CA SER A 106 5.72 30.64 -28.52
C SER A 106 4.23 30.54 -28.26
N TRP A 107 3.60 29.44 -28.66
CA TRP A 107 2.18 29.20 -28.31
C TRP A 107 1.93 27.69 -28.29
N ALA A 108 0.75 27.34 -27.80
CA ALA A 108 0.13 26.01 -27.93
C ALA A 108 -1.37 26.20 -28.16
N THR A 109 -2.01 25.22 -28.82
CA THR A 109 -3.47 25.18 -29.01
C THR A 109 -4.11 25.44 -27.64
N SER A 110 -5.01 26.43 -27.56
CA SER A 110 -5.84 26.78 -26.37
C SER A 110 -7.30 26.35 -26.64
N PHE A 111 -7.67 25.21 -26.07
CA PHE A 111 -9.01 24.61 -26.17
C PHE A 111 -9.98 25.44 -25.32
N PRO A 112 -11.30 25.24 -25.49
CA PRO A 112 -12.28 25.84 -24.59
C PRO A 112 -12.01 25.34 -23.17
N MET A 113 -12.46 26.09 -22.16
CA MET A 113 -12.34 25.67 -20.75
C MET A 113 -13.06 24.33 -20.57
N PRO A 114 -12.69 23.54 -19.54
CA PRO A 114 -13.36 22.27 -19.26
C PRO A 114 -14.89 22.40 -19.16
N ILE A 115 -15.40 23.49 -18.59
CA ILE A 115 -16.87 23.66 -18.32
C ILE A 115 -17.64 23.61 -19.65
N THR A 116 -17.09 24.18 -20.72
CA THR A 116 -17.67 24.13 -22.09
C THR A 116 -17.37 22.78 -22.74
N MET A 117 -16.11 22.32 -22.67
CA MET A 117 -15.68 20.98 -23.16
C MET A 117 -16.72 19.94 -22.75
N MET A 118 -17.12 19.95 -21.47
CA MET A 118 -18.03 18.93 -20.88
C MET A 118 -19.43 19.11 -21.50
N ALA A 119 -19.93 20.35 -21.59
CA ALA A 119 -21.29 20.68 -22.12
C ALA A 119 -21.55 20.00 -23.49
N ALA A 120 -20.52 19.53 -24.19
CA ALA A 120 -20.60 18.78 -25.46
C ALA A 120 -21.11 17.35 -25.22
N LEU A 121 -20.98 16.82 -23.99
CA LEU A 121 -21.40 15.44 -23.62
C LEU A 121 -20.80 14.45 -24.63
N ASN A 122 -19.57 14.71 -25.05
CA ASN A 122 -18.82 13.87 -26.02
C ASN A 122 -17.52 13.45 -25.33
N LYS A 123 -17.55 12.30 -24.67
CA LYS A 123 -16.39 11.75 -23.92
C LYS A 123 -15.23 11.50 -24.91
N THR A 124 -15.50 11.09 -26.13
CA THR A 124 -14.43 10.88 -27.15
C THR A 124 -13.62 12.18 -27.38
N LEU A 125 -14.30 13.35 -27.36
CA LEU A 125 -13.71 14.68 -27.64
C LEU A 125 -12.75 15.05 -26.50
N ILE A 126 -13.18 14.83 -25.26
CA ILE A 126 -12.36 15.03 -24.04
C ILE A 126 -11.07 14.21 -24.17
N HIS A 127 -11.19 12.94 -24.54
CA HIS A 127 -10.03 12.05 -24.77
C HIS A 127 -9.14 12.59 -25.90
N GLN A 128 -9.72 13.06 -27.02
CA GLN A 128 -8.89 13.47 -28.17
C GLN A 128 -8.15 14.75 -27.79
N ILE A 129 -8.85 15.67 -27.11
CA ILE A 129 -8.22 16.93 -26.69
C ILE A 129 -7.01 16.63 -25.79
N GLY A 130 -7.18 15.75 -24.81
CA GLY A 130 -6.11 15.29 -23.91
C GLY A 130 -4.93 14.69 -24.67
N THR A 131 -5.17 14.02 -25.80
CA THR A 131 -4.08 13.35 -26.55
C THR A 131 -3.27 14.45 -27.21
N ILE A 132 -3.93 15.54 -27.62
CA ILE A 132 -3.28 16.66 -28.35
C ILE A 132 -2.41 17.43 -27.35
N VAL A 133 -3.01 17.82 -26.22
CA VAL A 133 -2.29 18.47 -25.11
C VAL A 133 -1.07 17.61 -24.69
N SER A 134 -1.21 16.30 -24.60
CA SER A 134 -0.13 15.37 -24.21
C SER A 134 1.02 15.52 -25.21
N THR A 135 0.68 15.46 -26.50
CA THR A 135 1.65 15.52 -27.63
C THR A 135 2.38 16.87 -27.62
N GLN A 136 1.63 17.97 -27.47
CA GLN A 136 2.17 19.35 -27.41
C GLN A 136 3.06 19.47 -26.16
N LEU A 137 2.63 18.91 -25.04
CA LEU A 137 3.41 19.00 -23.77
C LEU A 137 4.75 18.30 -23.94
N ARG A 138 4.78 17.16 -24.63
CA ARG A 138 5.99 16.35 -24.84
C ARG A 138 6.89 17.07 -25.83
N ALA A 139 6.30 17.84 -26.76
CA ALA A 139 7.02 18.71 -27.72
C ALA A 139 7.80 19.78 -26.94
N PHE A 140 7.13 20.46 -26.01
CA PHE A 140 7.78 21.43 -25.10
C PHE A 140 8.88 20.69 -24.32
N SER A 141 8.61 19.51 -23.75
CA SER A 141 9.61 18.77 -22.92
C SER A 141 10.86 18.51 -23.76
N ASN A 142 10.67 17.99 -24.97
CA ASN A 142 11.76 17.54 -25.87
C ASN A 142 12.66 18.72 -26.21
N ALA A 143 12.09 19.94 -26.19
CA ALA A 143 12.75 21.22 -26.50
C ALA A 143 13.43 21.82 -25.27
N GLY A 144 13.35 21.18 -24.09
CA GLY A 144 13.97 21.70 -22.85
C GLY A 144 13.12 22.78 -22.21
N LEU A 145 11.83 22.82 -22.52
CA LEU A 145 10.93 23.96 -22.20
C LEU A 145 9.86 23.53 -21.17
N GLY A 146 9.92 22.32 -20.62
CA GLY A 146 8.93 21.86 -19.63
C GLY A 146 9.21 20.47 -19.12
N GLY A 147 8.48 20.06 -18.07
CA GLY A 147 8.59 18.73 -17.45
C GLY A 147 7.76 17.72 -18.23
N VAL A 148 7.50 16.55 -17.62
CA VAL A 148 6.61 15.51 -18.18
C VAL A 148 5.50 15.19 -17.16
N ASP A 149 5.22 16.12 -16.25
CA ASP A 149 4.07 15.99 -15.32
C ASP A 149 3.30 17.32 -15.29
N VAL A 150 1.98 17.26 -15.09
CA VAL A 150 1.11 18.47 -15.10
C VAL A 150 0.07 18.35 -13.98
N TYR A 151 -0.28 19.49 -13.41
CA TYR A 151 -1.24 19.59 -12.29
C TYR A 151 -2.63 19.67 -12.90
N SER A 152 -3.04 18.64 -13.63
CA SER A 152 -4.30 18.56 -14.40
C SER A 152 -4.78 17.11 -14.48
N PRO A 153 -6.10 16.82 -14.44
CA PRO A 153 -7.15 17.84 -14.44
C PRO A 153 -7.73 18.26 -13.08
N ASN A 154 -8.51 19.34 -13.09
CA ASN A 154 -9.42 19.75 -11.99
C ASN A 154 -10.66 18.86 -12.07
N ILE A 155 -10.82 17.93 -11.12
CA ILE A 155 -12.04 17.09 -11.08
C ILE A 155 -12.80 17.38 -9.77
N ASN A 156 -12.65 18.56 -9.19
CA ASN A 156 -13.63 19.05 -8.20
C ASN A 156 -14.92 19.33 -8.97
N THR A 157 -16.07 19.35 -8.28
CA THR A 157 -17.37 19.65 -8.91
C THR A 157 -17.75 21.09 -8.61
N PHE A 158 -18.43 21.72 -9.57
CA PHE A 158 -18.95 23.11 -9.48
C PHE A 158 -20.14 23.10 -8.51
N ARG A 159 -19.85 22.83 -7.25
CA ARG A 159 -20.89 22.53 -6.24
C ARG A 159 -21.77 23.79 -6.08
N HIS A 160 -21.15 24.91 -5.73
CA HIS A 160 -21.85 26.20 -5.47
C HIS A 160 -21.55 27.16 -6.60
N PRO A 161 -22.55 27.96 -7.06
CA PRO A 161 -22.40 28.78 -8.27
C PRO A 161 -21.55 30.06 -8.11
N VAL A 162 -21.25 30.49 -6.87
CA VAL A 162 -20.32 31.65 -6.62
C VAL A 162 -18.84 31.27 -6.81
N TRP A 163 -18.50 29.97 -6.95
CA TRP A 163 -17.09 29.50 -6.95
C TRP A 163 -16.35 30.12 -8.14
N GLY A 164 -15.28 30.85 -7.81
CA GLY A 164 -14.35 31.48 -8.76
C GLY A 164 -13.70 30.52 -9.76
N ARG A 165 -13.61 29.21 -9.48
CA ARG A 165 -12.88 28.24 -10.36
C ARG A 165 -13.76 27.11 -10.88
N GLY A 166 -15.08 27.27 -10.86
CA GLY A 166 -16.02 26.29 -11.44
C GLY A 166 -15.83 26.23 -12.93
N GLN A 167 -15.42 27.33 -13.52
CA GLN A 167 -15.02 27.41 -14.93
C GLN A 167 -14.05 26.27 -15.29
N GLU A 168 -13.26 25.75 -14.33
CA GLU A 168 -12.15 24.77 -14.59
C GLU A 168 -12.68 23.34 -14.56
N THR A 169 -13.89 23.13 -14.06
CA THR A 169 -14.45 21.80 -13.76
C THR A 169 -15.42 21.37 -14.83
N PRO A 170 -15.81 20.08 -14.87
CA PRO A 170 -16.88 19.61 -15.76
C PRO A 170 -18.29 19.80 -15.16
N GLY A 171 -18.43 20.69 -14.17
CA GLY A 171 -19.74 21.13 -13.68
C GLY A 171 -20.07 20.54 -12.32
N GLU A 172 -21.35 20.42 -11.99
CA GLU A 172 -21.82 20.17 -10.61
C GLU A 172 -22.06 18.66 -10.38
N ASP A 173 -21.97 17.83 -11.43
CA ASP A 173 -22.30 16.38 -11.33
C ASP A 173 -21.04 15.51 -11.23
N ALA A 174 -21.04 14.55 -10.28
CA ALA A 174 -19.92 13.64 -9.92
C ALA A 174 -19.68 12.58 -11.00
N PHE A 175 -20.73 12.13 -11.70
CA PHE A 175 -20.64 11.13 -12.79
C PHE A 175 -19.90 11.74 -13.98
N LEU A 176 -20.39 12.90 -14.46
CA LEU A 176 -19.82 13.57 -15.64
C LEU A 176 -18.37 13.88 -15.31
N THR A 177 -18.12 14.37 -14.09
CA THR A 177 -16.79 14.84 -13.63
C THR A 177 -15.86 13.63 -13.59
N SER A 178 -16.36 12.45 -13.20
CA SER A 178 -15.61 11.17 -13.21
C SER A 178 -15.19 10.82 -14.64
N VAL A 179 -16.14 10.89 -15.58
CA VAL A 179 -15.90 10.41 -16.96
C VAL A 179 -14.89 11.36 -17.59
N TYR A 180 -15.09 12.66 -17.43
CA TYR A 180 -14.12 13.73 -17.84
C TYR A 180 -12.73 13.33 -17.38
N GLY A 181 -12.60 13.07 -16.07
CA GLY A 181 -11.34 12.70 -15.41
C GLY A 181 -10.72 11.47 -16.04
N TYR A 182 -11.48 10.38 -16.11
CA TYR A 182 -11.03 9.12 -16.74
C TYR A 182 -10.49 9.40 -18.16
N GLU A 183 -11.26 10.08 -19.01
CA GLU A 183 -10.88 10.31 -20.44
C GLU A 183 -9.68 11.27 -20.50
N TYR A 184 -9.62 12.30 -19.67
CA TYR A 184 -8.52 13.30 -19.75
C TYR A 184 -7.22 12.65 -19.27
N ILE A 185 -7.28 11.88 -18.18
CA ILE A 185 -6.07 11.29 -17.52
C ILE A 185 -5.49 10.18 -18.41
N THR A 186 -6.35 9.30 -18.92
CA THR A 186 -5.92 8.14 -19.75
C THR A 186 -5.32 8.68 -21.05
N ALA A 187 -5.88 9.78 -21.57
CA ALA A 187 -5.30 10.53 -22.72
C ALA A 187 -3.94 11.16 -22.33
N LEU A 188 -3.84 11.84 -21.18
CA LEU A 188 -2.57 12.51 -20.76
C LEU A 188 -1.44 11.48 -20.60
N GLN A 189 -1.73 10.39 -19.89
CA GLN A 189 -0.72 9.39 -19.45
C GLN A 189 -0.44 8.42 -20.61
N GLY A 190 -1.21 8.48 -21.70
CA GLY A 190 -1.00 7.68 -22.92
C GLY A 190 -1.47 6.25 -22.77
N GLY A 191 -2.63 6.04 -22.11
CA GLY A 191 -3.23 4.71 -21.87
C GLY A 191 -3.70 4.47 -20.43
N VAL A 192 -4.06 3.22 -20.12
CA VAL A 192 -4.51 2.77 -18.76
C VAL A 192 -3.37 1.95 -18.14
N ASP A 193 -2.60 2.56 -17.23
CA ASP A 193 -1.36 1.96 -16.67
C ASP A 193 -0.49 1.47 -17.82
N PRO A 194 -0.01 2.35 -18.72
CA PRO A 194 0.76 1.94 -19.88
C PRO A 194 2.23 1.65 -19.52
N GLU A 195 2.95 0.95 -20.41
CA GLU A 195 4.38 0.56 -20.24
C GLU A 195 5.24 1.80 -20.04
N THR A 196 4.95 2.86 -20.79
CA THR A 196 5.66 4.16 -20.73
C THR A 196 4.65 5.27 -20.50
N LEU A 197 4.78 5.99 -19.40
CA LEU A 197 3.95 7.19 -19.11
C LEU A 197 4.28 8.27 -20.14
N LYS A 198 3.28 8.75 -20.87
CA LYS A 198 3.39 9.88 -21.83
C LYS A 198 3.57 11.16 -21.02
N ILE A 199 2.52 11.60 -20.35
CA ILE A 199 2.55 12.73 -19.38
C ILE A 199 1.91 12.24 -18.09
N ILE A 200 2.59 12.40 -16.95
CA ILE A 200 2.06 12.07 -15.60
C ILE A 200 0.95 13.09 -15.30
N ALA A 201 -0.27 12.65 -15.02
CA ALA A 201 -1.40 13.54 -14.71
C ALA A 201 -1.62 13.57 -13.19
N THR A 202 -2.29 14.61 -12.70
CA THR A 202 -2.48 14.90 -11.27
C THR A 202 -3.94 15.31 -11.08
N ALA A 203 -4.78 14.41 -10.56
CA ALA A 203 -6.16 14.73 -10.17
C ALA A 203 -6.10 15.74 -9.02
N LYS A 204 -6.74 16.90 -9.16
CA LYS A 204 -6.86 17.93 -8.10
C LYS A 204 -8.31 18.36 -8.02
N HIS A 205 -8.74 18.94 -6.90
CA HIS A 205 -7.97 19.18 -5.69
C HIS A 205 -8.59 18.34 -4.55
N TYR A 206 -7.81 17.44 -3.94
CA TYR A 206 -8.31 16.37 -3.03
C TYR A 206 -8.14 16.82 -1.60
N ALA A 207 -9.24 17.08 -0.85
CA ALA A 207 -10.62 17.00 -1.28
C ALA A 207 -11.43 18.08 -0.56
N GLY A 208 -12.65 18.32 -0.99
CA GLY A 208 -13.60 19.20 -0.29
C GLY A 208 -13.34 20.66 -0.61
N TYR A 209 -12.73 20.92 -1.76
CA TYR A 209 -12.29 22.27 -2.19
C TYR A 209 -13.19 22.73 -3.33
N ASP A 210 -14.02 23.74 -3.05
CA ASP A 210 -14.93 24.35 -4.06
C ASP A 210 -15.33 25.78 -3.65
N ILE A 211 -14.47 26.46 -2.90
CA ILE A 211 -14.63 27.89 -2.48
C ILE A 211 -13.22 28.53 -2.53
N GLU A 212 -13.12 29.78 -2.99
CA GLU A 212 -11.88 30.59 -2.95
C GLU A 212 -11.88 31.54 -1.74
N SER A 213 -12.97 32.29 -1.51
CA SER A 213 -12.97 33.54 -0.70
C SER A 213 -14.35 34.05 -0.30
N TRP A 214 -15.44 33.50 -0.86
CA TRP A 214 -16.80 33.97 -0.53
C TRP A 214 -16.82 34.44 0.94
N ASN A 215 -17.32 35.65 1.20
CA ASN A 215 -17.47 36.31 2.53
C ASN A 215 -16.13 36.32 3.30
N ASN A 216 -14.99 36.44 2.61
CA ASN A 216 -13.66 36.46 3.27
C ASN A 216 -13.33 35.09 3.88
N HIS A 217 -14.02 34.03 3.45
CA HIS A 217 -13.73 32.65 3.88
C HIS A 217 -12.65 32.15 2.92
N SER A 218 -11.38 32.31 3.28
CA SER A 218 -10.24 32.00 2.38
C SER A 218 -10.02 30.49 2.32
N ARG A 219 -9.94 29.96 1.11
CA ARG A 219 -9.47 28.57 0.86
C ARG A 219 -8.31 28.21 1.80
N LEU A 220 -7.41 29.14 2.11
CA LEU A 220 -6.14 28.83 2.83
C LEU A 220 -6.41 28.54 4.30
N GLY A 221 -7.53 29.00 4.86
CA GLY A 221 -7.88 28.71 6.28
C GLY A 221 -9.23 28.03 6.47
N ASN A 222 -9.92 27.68 5.38
CA ASN A 222 -11.30 27.12 5.44
C ASN A 222 -11.24 25.71 6.05
N ASP A 223 -12.07 25.46 7.08
CA ASP A 223 -12.24 24.14 7.74
C ASP A 223 -13.64 23.66 7.44
N MET A 224 -13.80 22.86 6.39
CA MET A 224 -15.13 22.47 5.85
C MET A 224 -15.63 21.23 6.57
N GLN A 225 -16.87 21.28 7.05
CA GLN A 225 -17.49 20.12 7.76
C GLN A 225 -18.33 19.36 6.74
N ILE A 226 -17.89 18.14 6.43
CA ILE A 226 -18.55 17.20 5.48
C ILE A 226 -18.87 15.90 6.22
N THR A 227 -20.09 15.42 6.05
CA THR A 227 -20.57 14.09 6.51
C THR A 227 -19.80 13.03 5.72
N GLN A 228 -19.45 11.92 6.39
CA GLN A 228 -18.84 10.74 5.74
C GLN A 228 -19.72 10.35 4.56
N GLN A 229 -21.04 10.37 4.73
CA GLN A 229 -22.01 10.02 3.67
C GLN A 229 -21.78 10.88 2.42
N GLU A 230 -21.67 12.21 2.58
CA GLU A 230 -21.56 13.11 1.41
C GLU A 230 -20.11 13.13 0.91
N LEU A 231 -19.15 12.99 1.82
CA LEU A 231 -17.71 12.78 1.45
C LEU A 231 -17.62 11.57 0.50
N SER A 232 -18.31 10.46 0.80
CA SER A 232 -18.30 9.19 0.03
C SER A 232 -19.14 9.30 -1.25
N GLU A 233 -20.33 9.91 -1.14
CA GLU A 233 -21.35 10.02 -2.22
C GLU A 233 -21.01 11.06 -3.31
N TYR A 234 -20.47 12.23 -2.95
CA TYR A 234 -20.36 13.42 -3.84
C TYR A 234 -18.92 13.92 -4.04
N TYR A 235 -18.19 14.10 -2.94
CA TYR A 235 -16.93 14.88 -2.90
C TYR A 235 -15.71 14.04 -3.32
N THR A 236 -15.77 12.71 -3.31
CA THR A 236 -14.61 11.86 -3.65
C THR A 236 -14.81 10.96 -4.87
N PRO A 237 -16.02 10.57 -5.37
CA PRO A 237 -16.09 9.64 -6.51
C PRO A 237 -15.25 9.98 -7.75
N PRO A 238 -15.06 11.25 -8.16
CA PRO A 238 -14.20 11.54 -9.30
C PRO A 238 -12.75 11.11 -9.04
N PHE A 239 -12.30 11.29 -7.79
CA PHE A 239 -10.94 10.89 -7.31
C PHE A 239 -10.89 9.36 -7.23
N ILE A 240 -11.95 8.74 -6.76
CA ILE A 240 -12.03 7.26 -6.78
C ILE A 240 -11.80 6.79 -8.22
N VAL A 241 -12.51 7.36 -9.19
CA VAL A 241 -12.44 6.89 -10.60
C VAL A 241 -11.05 7.21 -11.15
N ALA A 242 -10.51 8.40 -10.91
CA ALA A 242 -9.15 8.77 -11.38
C ALA A 242 -8.13 7.74 -10.87
N SER A 243 -8.28 7.34 -9.60
CA SER A 243 -7.27 6.53 -8.89
C SER A 243 -7.39 5.07 -9.31
N ARG A 244 -8.61 4.53 -9.20
CA ARG A 244 -8.93 3.09 -9.41
C ARG A 244 -9.01 2.74 -10.90
N ASP A 245 -9.64 3.58 -11.71
CA ASP A 245 -9.99 3.25 -13.12
C ASP A 245 -8.97 3.86 -14.08
N ALA A 246 -8.67 5.16 -13.97
CA ALA A 246 -7.79 5.88 -14.93
C ALA A 246 -6.34 5.55 -14.62
N LYS A 247 -6.08 5.10 -13.39
CA LYS A 247 -4.73 4.80 -12.82
C LYS A 247 -3.87 6.08 -12.87
N VAL A 248 -4.42 7.20 -12.39
CA VAL A 248 -3.66 8.48 -12.26
C VAL A 248 -2.41 8.23 -11.39
N ARG A 249 -1.26 8.78 -11.81
CA ARG A 249 0.03 8.60 -11.10
C ARG A 249 0.21 9.62 -9.97
N SER A 250 -0.57 10.70 -9.97
CA SER A 250 -0.42 11.82 -9.00
C SER A 250 -1.80 12.36 -8.59
N VAL A 251 -1.85 12.92 -7.39
CA VAL A 251 -3.06 13.50 -6.78
C VAL A 251 -2.59 14.74 -6.02
N MET A 252 -3.23 15.88 -6.25
CA MET A 252 -2.89 17.13 -5.52
C MET A 252 -3.80 17.21 -4.28
N CYS A 253 -3.22 17.38 -3.09
CA CYS A 253 -3.99 17.65 -1.85
C CYS A 253 -4.29 19.14 -1.78
N SER A 254 -5.50 19.49 -1.29
CA SER A 254 -6.13 20.82 -1.40
C SER A 254 -5.62 21.75 -0.27
N TYR A 255 -5.84 23.07 -0.37
CA TYR A 255 -5.42 24.05 0.65
C TYR A 255 -6.23 23.88 1.94
N ASN A 256 -7.50 23.49 1.82
CA ASN A 256 -8.50 23.55 2.91
C ASN A 256 -8.33 22.36 3.89
N ALA A 257 -8.90 22.51 5.06
CA ALA A 257 -9.11 21.42 6.03
C ALA A 257 -10.51 20.86 5.79
N VAL A 258 -10.68 19.56 6.05
CA VAL A 258 -12.01 18.90 6.13
C VAL A 258 -12.13 18.29 7.54
N ASN A 259 -13.22 18.60 8.26
CA ASN A 259 -13.50 18.05 9.62
C ASN A 259 -12.24 18.18 10.50
N GLY A 260 -11.59 19.33 10.43
CA GLY A 260 -10.54 19.80 11.36
C GLY A 260 -9.13 19.51 10.88
N VAL A 261 -8.95 18.97 9.67
CA VAL A 261 -7.60 18.50 9.22
C VAL A 261 -7.29 18.98 7.81
N PRO A 262 -6.19 19.77 7.63
CA PRO A 262 -5.78 20.19 6.30
C PRO A 262 -5.58 18.93 5.46
N SER A 263 -5.92 18.95 4.17
CA SER A 263 -5.84 17.75 3.30
C SER A 263 -4.40 17.20 3.26
N CYS A 264 -3.38 18.03 3.20
CA CYS A 264 -1.99 17.53 2.98
C CYS A 264 -1.45 16.98 4.29
N ALA A 265 -2.15 17.21 5.42
CA ALA A 265 -1.81 16.59 6.73
C ALA A 265 -2.87 15.55 7.12
N ASN A 266 -3.74 15.17 6.18
CA ASN A 266 -4.93 14.30 6.42
C ASN A 266 -4.58 12.85 6.06
N LYS A 267 -4.25 12.07 7.09
CA LYS A 267 -3.91 10.62 7.07
C LYS A 267 -5.14 9.84 6.56
N PHE A 268 -6.33 10.18 7.05
CA PHE A 268 -7.59 9.57 6.59
C PHE A 268 -7.71 9.70 5.08
N PHE A 269 -7.43 10.89 4.55
CA PHE A 269 -7.63 11.21 3.13
C PHE A 269 -6.53 10.53 2.32
N LEU A 270 -5.28 10.69 2.69
CA LEU A 270 -4.12 10.29 1.83
C LEU A 270 -3.81 8.80 1.97
N GLN A 271 -3.88 8.24 3.19
CA GLN A 271 -3.51 6.83 3.45
C GLN A 271 -4.77 5.95 3.44
N THR A 272 -5.73 6.21 4.32
CA THR A 272 -6.88 5.29 4.58
C THR A 272 -7.83 5.26 3.38
N LEU A 273 -8.15 6.42 2.82
CA LEU A 273 -9.00 6.47 1.62
C LEU A 273 -8.09 6.26 0.39
N LEU A 274 -7.24 7.21 0.03
CA LEU A 274 -6.63 7.23 -1.33
C LEU A 274 -5.79 5.97 -1.55
N ARG A 275 -4.96 5.56 -0.57
CA ARG A 275 -3.99 4.45 -0.74
C ARG A 275 -4.63 3.10 -0.36
N ASP A 276 -5.42 3.04 0.73
CA ASP A 276 -5.98 1.78 1.32
C ASP A 276 -7.41 1.50 0.82
N THR A 277 -8.14 2.48 0.29
CA THR A 277 -9.49 2.25 -0.26
C THR A 277 -9.56 2.43 -1.78
N PHE A 278 -8.83 3.38 -2.39
CA PHE A 278 -9.08 3.80 -3.80
C PHE A 278 -8.05 3.21 -4.77
N GLU A 279 -7.13 2.34 -4.31
CA GLU A 279 -6.20 1.51 -5.14
C GLU A 279 -5.27 2.43 -5.93
N PHE A 280 -4.88 3.55 -5.34
CA PHE A 280 -3.91 4.51 -5.91
C PHE A 280 -2.64 3.74 -6.23
N SER A 281 -2.08 3.93 -7.43
CA SER A 281 -0.85 3.23 -7.87
C SER A 281 0.16 3.17 -6.72
N GLU A 282 0.80 2.02 -6.56
CA GLU A 282 1.79 1.81 -5.46
C GLU A 282 3.02 2.70 -5.70
N ASP A 283 3.18 3.27 -6.91
CA ASP A 283 4.25 4.24 -7.24
C ASP A 283 3.71 5.67 -7.34
N GLY A 284 2.41 5.90 -7.15
CA GLY A 284 1.80 7.24 -7.24
C GLY A 284 2.34 8.19 -6.18
N TYR A 285 2.55 9.47 -6.50
CA TYR A 285 2.96 10.50 -5.51
C TYR A 285 1.86 11.56 -5.31
N VAL A 286 1.83 12.10 -4.11
CA VAL A 286 0.87 13.18 -3.72
C VAL A 286 1.66 14.48 -3.75
N SER A 287 1.21 15.44 -4.53
CA SER A 287 1.78 16.80 -4.56
C SER A 287 0.88 17.72 -3.73
N GLY A 288 1.46 18.56 -2.87
CA GLY A 288 0.71 19.64 -2.23
C GLY A 288 0.36 20.74 -3.22
N ASP A 289 -0.81 21.38 -3.08
CA ASP A 289 -1.10 22.66 -3.77
C ASP A 289 -0.07 23.66 -3.25
N CYS A 290 0.44 24.54 -4.13
CA CYS A 290 1.55 25.49 -3.85
C CYS A 290 1.26 26.38 -2.62
N GLY A 291 2.00 26.15 -1.53
CA GLY A 291 1.77 26.83 -0.24
C GLY A 291 1.07 25.94 0.76
N ALA A 292 0.37 24.89 0.30
CA ALA A 292 -0.57 24.10 1.12
C ALA A 292 0.14 23.63 2.39
N VAL A 293 1.32 23.05 2.24
CA VAL A 293 2.08 22.53 3.42
C VAL A 293 2.32 23.68 4.42
N TYR A 294 2.71 24.88 3.96
CA TYR A 294 2.92 26.06 4.83
C TYR A 294 1.61 26.34 5.57
N ASN A 295 0.48 26.21 4.85
CA ASN A 295 -0.87 26.59 5.32
C ASN A 295 -1.26 25.70 6.51
N VAL A 296 -0.65 24.52 6.66
CA VAL A 296 -0.94 23.56 7.78
C VAL A 296 -0.60 24.26 9.10
N TRP A 297 0.47 25.07 9.06
CA TRP A 297 0.87 26.01 10.15
C TRP A 297 0.09 27.34 10.03
N ASN A 298 0.27 28.08 8.93
CA ASN A 298 -0.29 29.45 8.77
C ASN A 298 -1.19 29.52 7.54
N PRO A 299 -2.54 29.66 7.68
CA PRO A 299 -3.20 29.95 8.96
C PRO A 299 -4.03 28.86 9.67
N HIS A 300 -3.98 27.58 9.25
CA HIS A 300 -4.84 26.51 9.82
C HIS A 300 -4.50 26.34 11.31
N GLY A 301 -3.21 26.46 11.65
CA GLY A 301 -2.75 26.24 13.03
C GLY A 301 -2.85 24.79 13.42
N TYR A 302 -2.88 23.86 12.46
CA TYR A 302 -2.88 22.41 12.76
C TYR A 302 -1.50 22.01 13.28
N ALA A 303 -0.42 22.42 12.63
CA ALA A 303 0.96 22.38 13.17
C ALA A 303 1.23 23.73 13.83
N SER A 304 2.21 23.82 14.73
CA SER A 304 2.53 25.09 15.44
C SER A 304 3.71 25.83 14.77
N ASN A 305 4.40 25.23 13.80
CA ASN A 305 5.41 25.94 12.98
C ASN A 305 5.59 25.19 11.66
N GLU A 306 6.49 25.65 10.79
CA GLU A 306 6.58 25.18 9.38
C GLU A 306 7.36 23.86 9.30
N ALA A 307 8.27 23.61 10.24
CA ALA A 307 8.97 22.32 10.40
C ALA A 307 7.93 21.23 10.78
N ALA A 308 7.05 21.52 11.75
CA ALA A 308 5.97 20.63 12.22
C ALA A 308 4.93 20.41 11.11
N ALA A 309 4.48 21.48 10.46
CA ALA A 309 3.64 21.41 9.23
C ALA A 309 4.29 20.48 8.18
N SER A 310 5.60 20.62 7.94
CA SER A 310 6.34 19.78 6.95
C SER A 310 6.32 18.30 7.40
N ALA A 311 6.61 18.03 8.69
CA ALA A 311 6.67 16.68 9.29
C ALA A 311 5.30 16.02 9.18
N ASP A 312 4.27 16.73 9.64
CA ASP A 312 2.86 16.28 9.64
C ASP A 312 2.39 15.91 8.22
N SER A 313 2.87 16.63 7.21
CA SER A 313 2.43 16.42 5.81
C SER A 313 3.17 15.23 5.20
N ILE A 314 4.46 15.08 5.47
CA ILE A 314 5.27 13.92 5.01
C ILE A 314 4.69 12.61 5.61
N LEU A 315 4.37 12.63 6.89
CA LEU A 315 3.88 11.42 7.60
C LEU A 315 2.44 11.07 7.19
N ALA A 316 1.63 12.05 6.75
CA ALA A 316 0.28 11.81 6.17
C ALA A 316 0.41 11.13 4.79
N GLY A 317 1.35 11.58 3.98
CA GLY A 317 1.53 11.03 2.63
C GLY A 317 1.68 12.10 1.56
N THR A 318 1.99 13.34 1.93
CA THR A 318 2.35 14.40 0.95
C THR A 318 3.79 14.20 0.51
N ASP A 319 4.02 13.65 -0.68
CA ASP A 319 5.35 13.24 -1.19
C ASP A 319 6.18 14.45 -1.61
N ILE A 320 5.55 15.40 -2.32
CA ILE A 320 6.23 16.57 -2.96
C ILE A 320 5.48 17.84 -2.60
N ASP A 321 6.23 18.82 -2.07
CA ASP A 321 5.69 20.13 -1.62
C ASP A 321 5.83 21.11 -2.78
N CYS A 322 4.71 21.51 -3.39
CA CYS A 322 4.72 22.75 -4.19
C CYS A 322 4.77 23.91 -3.20
N GLY A 323 5.90 24.60 -3.16
CA GLY A 323 6.29 25.52 -2.07
C GLY A 323 7.75 25.39 -1.78
N THR A 324 8.19 25.93 -0.66
CA THR A 324 9.57 25.81 -0.12
C THR A 324 9.53 25.26 1.30
N SER A 325 8.40 24.72 1.77
CA SER A 325 8.27 24.21 3.16
C SER A 325 9.25 23.06 3.37
N TYR A 326 9.19 22.03 2.53
CA TYR A 326 10.08 20.84 2.65
C TYR A 326 11.52 21.27 2.42
N GLN A 327 11.77 22.05 1.36
CA GLN A 327 13.16 22.36 0.89
C GLN A 327 13.94 23.11 1.99
N TRP A 328 13.26 23.92 2.79
CA TRP A 328 13.90 24.85 3.75
C TRP A 328 13.67 24.41 5.20
N HIS A 329 12.73 23.50 5.49
CA HIS A 329 12.39 23.14 6.88
C HIS A 329 12.47 21.64 7.17
N SER A 330 12.83 20.81 6.16
N SER A 330 12.88 20.79 6.21
CA SER A 330 12.98 19.35 6.34
CA SER A 330 12.91 19.32 6.43
C SER A 330 14.12 19.09 7.32
C SER A 330 14.25 18.90 7.04
N GLU A 331 15.23 19.81 7.15
CA GLU A 331 16.46 19.59 7.97
C GLU A 331 16.10 19.87 9.42
N ASP A 332 15.40 20.97 9.68
CA ASP A 332 14.99 21.37 11.06
C ASP A 332 14.11 20.24 11.62
N ALA A 333 13.22 19.66 10.81
CA ALA A 333 12.31 18.57 11.23
C ALA A 333 13.14 17.33 11.58
N PHE A 334 14.09 16.92 10.74
CA PHE A 334 14.98 15.75 10.95
C PHE A 334 15.85 15.95 12.19
N GLU A 335 16.42 17.15 12.38
CA GLU A 335 17.33 17.44 13.52
C GLU A 335 16.50 17.55 14.81
N ASP A 336 15.23 17.94 14.71
CA ASP A 336 14.29 17.92 15.87
C ASP A 336 13.57 16.55 15.93
N SER A 337 14.04 15.56 15.15
CA SER A 337 13.57 14.15 15.07
C SER A 337 12.03 14.06 15.03
N LEU A 338 11.41 14.79 14.10
CA LEU A 338 9.98 14.73 13.77
C LEU A 338 9.78 13.77 12.59
N VAL A 339 10.86 13.50 11.84
CA VAL A 339 10.85 12.55 10.69
C VAL A 339 12.24 11.92 10.60
N SER A 340 12.32 10.71 10.05
CA SER A 340 13.56 10.00 9.71
C SER A 340 14.03 10.50 8.35
N ARG A 341 15.29 10.28 7.99
CA ARG A 341 15.68 10.47 6.58
C ARG A 341 14.67 9.73 5.69
N SER A 342 14.35 8.49 6.02
CA SER A 342 13.61 7.53 5.15
C SER A 342 12.24 8.12 4.80
N ASP A 343 11.58 8.79 5.76
CA ASP A 343 10.30 9.49 5.57
C ASP A 343 10.49 10.51 4.43
N ILE A 344 11.54 11.32 4.49
CA ILE A 344 11.81 12.39 3.49
C ILE A 344 12.17 11.76 2.14
N GLU A 345 12.85 10.62 2.10
CA GLU A 345 13.19 9.95 0.81
C GLU A 345 11.97 9.26 0.16
N ARG A 346 10.92 8.94 0.94
CA ARG A 346 9.74 8.18 0.45
C ARG A 346 9.11 8.94 -0.72
N GLY A 347 8.81 10.23 -0.52
CA GLY A 347 8.24 11.14 -1.53
C GLY A 347 9.07 11.23 -2.79
N VAL A 348 10.39 11.43 -2.69
CA VAL A 348 11.25 11.64 -3.89
C VAL A 348 11.33 10.33 -4.71
N ILE A 349 11.41 9.17 -4.04
CA ILE A 349 11.44 7.84 -4.72
C ILE A 349 10.18 7.68 -5.60
N ARG A 350 9.01 7.96 -5.01
CA ARG A 350 7.69 7.93 -5.69
C ARG A 350 7.71 8.82 -6.95
N LEU A 351 8.02 10.12 -6.83
CA LEU A 351 8.20 11.01 -7.99
C LEU A 351 9.12 10.36 -9.04
N TYR A 352 10.32 9.91 -8.66
CA TYR A 352 11.34 9.40 -9.64
C TYR A 352 10.95 8.04 -10.21
N SER A 353 10.13 7.24 -9.51
CA SER A 353 9.51 6.00 -10.03
C SER A 353 8.72 6.36 -11.29
N ASN A 354 7.83 7.36 -11.17
CA ASN A 354 7.05 7.90 -12.30
C ASN A 354 7.99 8.45 -13.41
N LEU A 355 9.04 9.23 -13.10
CA LEU A 355 9.91 9.77 -14.18
C LEU A 355 10.66 8.62 -14.87
N VAL A 356 11.05 7.57 -14.13
CA VAL A 356 11.69 6.36 -14.75
C VAL A 356 10.67 5.73 -15.72
N GLN A 357 9.39 5.65 -15.37
CA GLN A 357 8.39 4.96 -16.24
C GLN A 357 7.96 5.85 -17.42
N ALA A 358 8.21 7.17 -17.35
CA ALA A 358 8.07 8.12 -18.47
C ALA A 358 9.30 8.10 -19.39
N GLY A 359 10.28 7.27 -19.12
CA GLY A 359 11.45 7.11 -20.01
C GLY A 359 12.48 8.20 -19.82
N TYR A 360 12.39 8.95 -18.71
CA TYR A 360 13.27 10.11 -18.38
C TYR A 360 14.75 9.70 -18.37
N PHE A 361 15.12 8.43 -18.12
CA PHE A 361 16.53 7.96 -17.98
C PHE A 361 16.98 7.13 -19.20
N ASP A 362 16.10 6.84 -20.15
CA ASP A 362 16.34 5.82 -21.22
C ASP A 362 16.88 6.47 -22.51
N GLY A 363 17.30 7.74 -22.51
CA GLY A 363 18.02 8.39 -23.63
C GLY A 363 17.11 8.86 -24.78
N GLU A 364 17.73 9.34 -25.88
CA GLU A 364 17.05 10.05 -27.01
C GLU A 364 16.06 9.15 -27.77
N ASP A 365 16.12 7.83 -27.57
CA ASP A 365 15.41 6.81 -28.38
C ASP A 365 14.09 6.41 -27.71
N ALA A 366 13.86 6.79 -26.46
CA ALA A 366 12.68 6.33 -25.68
C ALA A 366 11.43 6.84 -26.37
N PRO A 367 10.25 6.23 -26.09
CA PRO A 367 8.98 6.76 -26.57
C PRO A 367 8.75 8.23 -26.17
N TYR A 368 8.18 9.00 -27.12
CA TYR A 368 7.69 10.40 -27.05
C TYR A 368 8.86 11.40 -27.18
N ARG A 369 10.06 10.89 -27.46
CA ARG A 369 11.28 11.73 -27.44
C ARG A 369 11.51 12.33 -28.83
N ASP A 370 10.72 11.90 -29.80
CA ASP A 370 10.84 12.31 -31.22
C ASP A 370 9.80 13.39 -31.55
N ILE A 371 8.95 13.77 -30.61
CA ILE A 371 7.89 14.79 -30.84
C ILE A 371 8.58 16.17 -30.86
N THR A 372 8.19 17.03 -31.81
CA THR A 372 8.84 18.34 -32.13
C THR A 372 7.76 19.44 -32.34
N TRP A 373 8.20 20.66 -32.68
CA TRP A 373 7.29 21.80 -32.99
C TRP A 373 6.35 21.40 -34.14
N ASP A 374 6.88 20.69 -35.15
CA ASP A 374 6.12 20.10 -36.28
C ASP A 374 4.83 19.45 -35.75
N ASP A 375 4.91 18.72 -34.63
CA ASP A 375 3.78 17.95 -34.04
C ASP A 375 2.77 18.89 -33.37
N VAL A 376 3.22 20.07 -32.93
CA VAL A 376 2.30 21.13 -32.41
C VAL A 376 1.49 21.68 -33.59
N LEU A 377 2.17 21.98 -34.70
CA LEU A 377 1.53 22.61 -35.89
C LEU A 377 0.39 21.72 -36.39
N SER A 378 0.68 20.45 -36.67
CA SER A 378 -0.30 19.44 -37.21
C SER A 378 -1.48 19.18 -36.27
N THR A 379 -1.25 19.04 -34.96
CA THR A 379 -2.35 18.77 -34.00
C THR A 379 -3.26 20.00 -33.94
N ASP A 380 -2.68 21.19 -34.06
CA ASP A 380 -3.46 22.45 -34.06
C ASP A 380 -4.23 22.57 -35.38
N ALA A 381 -3.63 22.10 -36.48
CA ALA A 381 -4.26 22.10 -37.82
C ALA A 381 -5.59 21.33 -37.77
N TRP A 382 -5.73 20.30 -36.91
CA TRP A 382 -6.95 19.44 -36.88
C TRP A 382 -8.18 20.27 -36.50
N ASN A 383 -7.98 21.38 -35.78
CA ASN A 383 -9.03 22.37 -35.40
C ASN A 383 -10.06 21.73 -34.46
N ILE A 384 -9.59 20.99 -33.45
CA ILE A 384 -10.45 20.38 -32.41
C ILE A 384 -10.87 21.46 -31.41
N ALA A 385 -10.07 22.51 -31.26
CA ALA A 385 -10.43 23.69 -30.43
C ALA A 385 -11.76 24.25 -30.97
N TYR A 386 -11.86 24.41 -32.30
CA TYR A 386 -13.07 24.93 -33.01
C TYR A 386 -14.21 23.93 -32.85
N GLU A 387 -14.00 22.67 -33.25
CA GLU A 387 -15.00 21.57 -33.07
C GLU A 387 -15.51 21.59 -31.62
N ALA A 388 -14.63 21.65 -30.63
CA ALA A 388 -14.98 21.59 -29.20
C ALA A 388 -15.93 22.73 -28.83
N ALA A 389 -15.60 23.96 -29.26
CA ALA A 389 -16.45 25.17 -29.04
C ALA A 389 -17.83 24.95 -29.67
N VAL A 390 -17.85 24.46 -30.91
CA VAL A 390 -19.13 24.22 -31.64
C VAL A 390 -19.98 23.20 -30.86
N GLU A 391 -19.39 22.10 -30.36
CA GLU A 391 -20.16 21.03 -29.65
C GLU A 391 -20.58 21.50 -28.24
N GLY A 392 -19.86 22.45 -27.64
CA GLY A 392 -20.01 22.84 -26.23
C GLY A 392 -20.93 24.03 -25.99
N ILE A 393 -21.19 24.83 -27.03
CA ILE A 393 -22.12 25.98 -26.93
C ILE A 393 -23.54 25.44 -26.69
N VAL A 394 -24.22 26.02 -25.71
CA VAL A 394 -25.56 25.61 -25.24
C VAL A 394 -26.59 26.68 -25.63
N LEU A 395 -27.57 26.30 -26.45
CA LEU A 395 -28.74 27.14 -26.80
C LEU A 395 -29.84 26.98 -25.72
N LEU A 396 -30.16 28.04 -24.98
CA LEU A 396 -31.09 28.05 -23.81
C LEU A 396 -32.52 28.41 -24.24
N LYS A 397 -32.71 29.59 -24.88
CA LYS A 397 -34.01 30.06 -25.46
C LYS A 397 -33.86 30.21 -26.98
N ASN A 398 -34.95 30.02 -27.72
CA ASN A 398 -35.00 30.23 -29.20
C ASN A 398 -36.45 30.07 -29.69
N ASP A 399 -36.90 30.95 -30.59
CA ASP A 399 -38.28 30.99 -31.13
C ASP A 399 -38.27 30.91 -32.67
N GLU A 400 -37.27 30.26 -33.25
CA GLU A 400 -37.08 30.14 -34.73
C GLU A 400 -36.22 31.30 -35.26
N THR A 401 -36.04 32.37 -34.46
CA THR A 401 -35.13 33.52 -34.78
C THR A 401 -33.75 32.98 -35.18
N LEU A 402 -33.27 31.90 -34.52
CA LEU A 402 -31.98 31.20 -34.82
C LEU A 402 -32.29 29.83 -35.40
N PRO A 403 -31.60 29.39 -36.47
CA PRO A 403 -30.51 30.15 -37.08
C PRO A 403 -30.97 31.49 -37.68
N LEU A 404 -30.00 32.33 -38.07
CA LEU A 404 -30.25 33.63 -38.73
C LEU A 404 -30.88 33.38 -40.12
N SER A 405 -32.11 33.89 -40.30
CA SER A 405 -32.89 33.97 -41.56
C SER A 405 -32.01 34.48 -42.70
N LYS A 406 -32.11 33.83 -43.87
CA LYS A 406 -31.35 34.18 -45.10
C LYS A 406 -31.53 35.67 -45.42
N ASP A 407 -32.67 36.26 -45.02
CA ASP A 407 -33.05 37.68 -45.24
C ASP A 407 -31.95 38.58 -44.67
N ILE A 408 -31.67 38.42 -43.36
CA ILE A 408 -30.78 39.31 -42.54
C ILE A 408 -29.36 39.34 -43.12
N LYS A 409 -28.97 40.47 -43.74
CA LYS A 409 -27.67 40.66 -44.44
C LYS A 409 -26.77 41.62 -43.64
N SER A 410 -27.25 42.23 -42.56
CA SER A 410 -26.46 43.14 -41.69
C SER A 410 -26.82 42.89 -40.22
N VAL A 411 -25.87 43.05 -39.31
CA VAL A 411 -26.03 42.69 -37.86
C VAL A 411 -25.29 43.70 -36.97
N ALA A 412 -25.96 44.15 -35.92
CA ALA A 412 -25.39 45.02 -34.86
C ALA A 412 -24.81 44.13 -33.75
N VAL A 413 -23.50 43.89 -33.81
CA VAL A 413 -22.71 43.17 -32.76
C VAL A 413 -22.39 44.13 -31.61
N ILE A 414 -23.00 43.91 -30.45
N ILE A 414 -23.00 43.91 -30.45
CA ILE A 414 -22.94 44.83 -29.27
CA ILE A 414 -22.94 44.83 -29.27
C ILE A 414 -22.52 44.01 -28.05
C ILE A 414 -22.52 44.01 -28.05
N GLY A 415 -21.92 44.69 -27.06
CA GLY A 415 -21.68 44.15 -25.71
C GLY A 415 -20.20 43.98 -25.38
N PRO A 416 -19.85 43.86 -24.07
CA PRO A 416 -18.46 43.82 -23.62
C PRO A 416 -17.67 42.54 -24.04
N TRP A 417 -18.37 41.48 -24.44
CA TRP A 417 -17.78 40.18 -24.84
C TRP A 417 -17.62 40.12 -26.37
N ALA A 418 -18.02 41.19 -27.05
CA ALA A 418 -17.99 41.29 -28.53
C ALA A 418 -16.55 41.42 -29.00
N ASN A 419 -15.82 42.36 -28.42
CA ASN A 419 -14.41 42.68 -28.76
C ASN A 419 -13.55 42.19 -27.58
N VAL A 420 -12.95 41.01 -27.73
CA VAL A 420 -12.18 40.31 -26.66
C VAL A 420 -10.92 39.66 -27.25
N THR A 421 -9.91 39.42 -26.41
CA THR A 421 -8.76 38.52 -26.71
C THR A 421 -8.75 37.35 -25.70
N GLU A 422 -8.12 37.53 -24.55
CA GLU A 422 -7.74 36.45 -23.59
C GLU A 422 -8.94 36.09 -22.71
N GLU A 423 -10.04 36.83 -22.83
CA GLU A 423 -11.34 36.45 -22.21
C GLU A 423 -11.81 35.10 -22.80
N LEU A 424 -11.58 34.86 -24.08
CA LEU A 424 -11.89 33.56 -24.73
C LEU A 424 -11.28 32.37 -23.95
N GLN A 425 -10.17 32.57 -23.21
CA GLN A 425 -9.32 31.47 -22.66
C GLN A 425 -9.57 31.19 -21.17
N GLY A 426 -10.54 31.82 -20.52
CA GLY A 426 -10.76 31.59 -19.06
C GLY A 426 -9.47 31.77 -18.27
N ASN A 427 -9.01 30.73 -17.56
CA ASN A 427 -7.75 30.81 -16.78
C ASN A 427 -6.82 29.63 -17.13
N TYR A 428 -5.72 29.49 -16.40
CA TYR A 428 -4.68 28.44 -16.58
C TYR A 428 -4.45 28.20 -18.08
N PHE A 429 -4.09 29.23 -18.85
CA PHE A 429 -3.94 29.19 -20.33
C PHE A 429 -2.54 29.69 -20.72
N GLY A 430 -1.94 29.13 -21.75
CA GLY A 430 -0.71 29.71 -22.33
C GLY A 430 -1.04 30.60 -23.52
N PRO A 431 -0.03 31.19 -24.19
CA PRO A 431 -0.29 31.97 -25.39
C PRO A 431 -0.90 31.10 -26.50
N ALA A 432 -1.88 31.67 -27.21
CA ALA A 432 -2.65 31.05 -28.30
C ALA A 432 -2.00 31.36 -29.64
N PRO A 433 -2.24 30.55 -30.69
CA PRO A 433 -1.71 30.85 -32.02
C PRO A 433 -2.45 32.05 -32.62
N TYR A 434 -3.67 32.29 -32.14
CA TYR A 434 -4.58 33.40 -32.53
C TYR A 434 -5.77 33.33 -31.57
N LEU A 435 -6.54 34.41 -31.48
CA LEU A 435 -7.78 34.50 -30.67
C LEU A 435 -8.82 35.17 -31.56
N ILE A 436 -9.96 34.50 -31.80
CA ILE A 436 -11.04 34.97 -32.71
C ILE A 436 -12.18 35.48 -31.84
N SER A 437 -12.39 36.80 -31.79
CA SER A 437 -13.54 37.42 -31.09
C SER A 437 -14.84 36.99 -31.77
N PRO A 438 -15.99 37.12 -31.08
CA PRO A 438 -17.29 37.02 -31.72
C PRO A 438 -17.43 38.01 -32.88
N LEU A 439 -17.03 39.27 -32.62
CA LEU A 439 -16.95 40.37 -33.60
C LEU A 439 -16.20 39.89 -34.86
N THR A 440 -15.00 39.33 -34.70
CA THR A 440 -14.21 38.74 -35.83
C THR A 440 -15.00 37.57 -36.41
N GLY A 441 -15.68 36.80 -35.55
CA GLY A 441 -16.63 35.76 -35.98
C GLY A 441 -17.55 36.26 -37.08
N PHE A 442 -18.31 37.32 -36.84
CA PHE A 442 -19.34 37.83 -37.78
C PHE A 442 -18.72 38.44 -39.04
N ARG A 443 -17.68 39.27 -38.93
CA ARG A 443 -16.95 39.81 -40.11
C ARG A 443 -16.62 38.68 -41.09
N ASP A 444 -16.03 37.58 -40.60
CA ASP A 444 -15.59 36.41 -41.43
C ASP A 444 -16.82 35.69 -42.03
N SER A 445 -17.96 35.72 -41.35
CA SER A 445 -19.20 34.97 -41.74
C SER A 445 -19.82 35.54 -43.01
N GLY A 446 -19.39 36.72 -43.45
CA GLY A 446 -19.83 37.35 -44.71
C GLY A 446 -20.88 38.44 -44.48
N LEU A 447 -21.54 38.44 -43.32
CA LEU A 447 -22.53 39.49 -42.96
C LEU A 447 -21.78 40.79 -42.66
N ASP A 448 -22.45 41.91 -42.93
CA ASP A 448 -21.98 43.29 -42.62
C ASP A 448 -22.24 43.52 -41.14
N VAL A 449 -21.22 43.99 -40.41
CA VAL A 449 -21.23 44.04 -38.92
C VAL A 449 -21.27 45.51 -38.49
N HIS A 450 -22.11 45.85 -37.49
CA HIS A 450 -22.16 47.22 -36.89
C HIS A 450 -21.78 47.14 -35.40
N TYR A 451 -20.48 47.17 -35.09
CA TYR A 451 -19.96 47.00 -33.71
C TYR A 451 -20.23 48.24 -32.86
N ALA A 452 -20.70 48.05 -31.63
CA ALA A 452 -20.80 49.09 -30.59
C ALA A 452 -20.58 48.47 -29.21
N LEU A 453 -19.63 48.98 -28.42
CA LEU A 453 -19.31 48.44 -27.07
C LEU A 453 -20.55 48.49 -26.16
N GLY A 454 -21.39 49.51 -26.29
CA GLY A 454 -22.62 49.67 -25.48
C GLY A 454 -22.28 49.99 -24.03
N THR A 455 -21.82 49.00 -23.28
CA THR A 455 -21.38 49.19 -21.88
C THR A 455 -20.21 48.23 -21.61
N ASN A 456 -19.43 48.55 -20.57
CA ASN A 456 -18.36 47.67 -20.06
C ASN A 456 -19.00 46.62 -19.13
N LEU A 457 -18.35 45.48 -19.01
CA LEU A 457 -18.81 44.33 -18.19
C LEU A 457 -19.38 44.80 -16.85
N THR A 458 -18.57 45.47 -16.02
CA THR A 458 -18.98 46.05 -14.71
C THR A 458 -18.95 47.58 -14.86
N SER A 459 -20.10 48.24 -14.72
CA SER A 459 -20.30 49.66 -15.13
C SER A 459 -21.56 50.26 -14.51
N HIS A 460 -21.41 51.43 -13.86
CA HIS A 460 -22.51 52.29 -13.34
C HIS A 460 -22.86 53.39 -14.37
N SER A 461 -22.38 53.30 -15.62
CA SER A 461 -22.48 54.38 -16.63
C SER A 461 -23.34 53.97 -17.83
N THR A 462 -24.13 54.92 -18.34
CA THR A 462 -25.03 54.80 -19.52
C THR A 462 -24.35 55.41 -20.76
N SER A 463 -23.10 55.88 -20.61
CA SER A 463 -22.30 56.61 -21.64
C SER A 463 -22.43 56.01 -23.05
N GLY A 464 -22.17 54.72 -23.23
CA GLY A 464 -22.13 54.09 -24.57
C GLY A 464 -23.49 53.59 -25.04
N PHE A 465 -24.56 53.76 -24.24
CA PHE A 465 -25.93 53.23 -24.54
C PHE A 465 -26.43 53.71 -25.92
N GLU A 466 -26.46 55.04 -26.13
CA GLU A 466 -27.10 55.68 -27.32
C GLU A 466 -26.41 55.21 -28.61
N GLU A 467 -25.08 55.15 -28.61
CA GLU A 467 -24.24 54.73 -29.76
C GLU A 467 -24.62 53.31 -30.19
N ALA A 468 -25.04 52.48 -29.24
CA ALA A 468 -25.33 51.04 -29.42
C ALA A 468 -26.71 50.88 -30.06
N LEU A 469 -27.71 51.53 -29.46
CA LEU A 469 -29.11 51.66 -29.97
C LEU A 469 -29.08 52.12 -31.44
N THR A 470 -28.26 53.12 -31.78
CA THR A 470 -28.08 53.62 -33.16
C THR A 470 -27.62 52.49 -34.07
N ALA A 471 -26.51 51.83 -33.72
CA ALA A 471 -25.94 50.66 -34.43
C ALA A 471 -27.04 49.63 -34.72
N ALA A 472 -27.84 49.30 -33.71
CA ALA A 472 -28.99 48.35 -33.79
C ALA A 472 -29.96 48.79 -34.90
N LYS A 473 -30.61 49.95 -34.74
CA LYS A 473 -31.60 50.49 -35.72
C LYS A 473 -30.99 50.43 -37.13
N GLN A 474 -29.73 50.84 -37.29
CA GLN A 474 -28.98 50.85 -38.59
C GLN A 474 -28.50 49.44 -38.96
N ALA A 475 -29.32 48.40 -38.71
CA ALA A 475 -29.00 46.97 -38.95
C ALA A 475 -30.25 46.09 -38.76
N ASP A 476 -30.25 44.88 -39.37
CA ASP A 476 -31.42 43.97 -39.48
C ASP A 476 -31.64 43.19 -38.17
N ALA A 477 -30.57 42.70 -37.53
CA ALA A 477 -30.61 41.89 -36.27
C ALA A 477 -29.58 42.41 -35.27
N ILE A 478 -29.85 42.25 -33.96
CA ILE A 478 -28.97 42.66 -32.83
C ILE A 478 -28.42 41.41 -32.13
N ILE A 479 -27.10 41.23 -32.10
CA ILE A 479 -26.38 40.20 -31.26
C ILE A 479 -25.76 40.90 -30.04
N PHE A 480 -26.32 40.74 -28.85
CA PHE A 480 -25.67 41.16 -27.57
C PHE A 480 -24.71 40.06 -27.07
N ALA A 481 -23.45 40.42 -26.79
CA ALA A 481 -22.37 39.55 -26.25
C ALA A 481 -22.01 40.00 -24.83
N GLY A 482 -22.47 39.28 -23.80
CA GLY A 482 -22.29 39.73 -22.40
C GLY A 482 -22.02 38.58 -21.45
N GLY A 483 -22.11 38.85 -20.16
CA GLY A 483 -22.06 37.85 -19.09
C GLY A 483 -20.99 38.17 -18.07
N ILE A 484 -20.13 37.18 -17.78
CA ILE A 484 -18.99 37.31 -16.81
C ILE A 484 -17.68 36.83 -17.46
N ASP A 485 -16.57 37.17 -16.81
CA ASP A 485 -15.21 36.77 -17.22
C ASP A 485 -14.35 36.81 -15.95
N ASN A 486 -13.03 36.70 -16.11
CA ASN A 486 -12.10 36.40 -14.99
C ASN A 486 -11.85 37.67 -14.19
N THR A 487 -12.50 38.77 -14.55
CA THR A 487 -12.65 39.99 -13.71
C THR A 487 -13.79 39.79 -12.71
N ILE A 488 -14.64 38.77 -12.87
CA ILE A 488 -15.72 38.47 -11.87
C ILE A 488 -15.39 37.19 -11.08
N GLU A 489 -15.10 36.11 -11.80
CA GLU A 489 -14.81 34.75 -11.28
C GLU A 489 -13.36 34.40 -11.61
N ALA A 490 -12.54 34.15 -10.61
CA ALA A 490 -11.17 33.62 -10.79
C ALA A 490 -10.66 32.96 -9.51
N GLU A 491 -9.55 32.24 -9.65
CA GLU A 491 -8.77 31.72 -8.50
C GLU A 491 -8.66 32.86 -7.51
N ALA A 492 -8.84 32.60 -6.23
CA ALA A 492 -8.74 33.59 -5.13
C ALA A 492 -9.88 34.63 -5.17
N MET A 493 -10.89 34.47 -6.04
CA MET A 493 -11.99 35.46 -6.19
C MET A 493 -13.30 34.78 -6.61
N ASP A 494 -14.05 34.35 -5.59
CA ASP A 494 -15.46 33.90 -5.72
C ASP A 494 -16.31 35.10 -6.13
N ARG A 495 -17.50 34.85 -6.67
CA ARG A 495 -18.55 35.90 -6.78
C ARG A 495 -19.15 36.13 -5.40
N GLU A 496 -19.83 37.26 -5.20
CA GLU A 496 -20.62 37.54 -3.97
C GLU A 496 -22.13 37.51 -4.31
N ASN A 497 -22.46 37.25 -5.58
CA ASN A 497 -23.84 37.22 -6.13
C ASN A 497 -23.78 36.41 -7.43
N ILE A 498 -24.92 35.98 -7.98
CA ILE A 498 -24.97 35.15 -9.23
C ILE A 498 -25.83 35.84 -10.30
N THR A 499 -25.77 37.19 -10.33
CA THR A 499 -26.58 38.07 -11.18
C THR A 499 -25.67 38.70 -12.23
N TRP A 500 -26.24 39.06 -13.40
CA TRP A 500 -25.51 39.79 -14.48
C TRP A 500 -24.80 40.98 -13.85
N PRO A 501 -23.51 41.22 -14.14
CA PRO A 501 -22.81 42.37 -13.57
C PRO A 501 -23.20 43.70 -14.25
N GLY A 502 -23.05 44.79 -13.50
CA GLY A 502 -23.23 46.19 -13.95
C GLY A 502 -24.63 46.50 -14.45
N ASN A 503 -24.74 46.98 -15.70
CA ASN A 503 -26.01 47.50 -16.29
C ASN A 503 -26.21 46.88 -17.68
N GLN A 504 -25.78 45.64 -17.85
N GLN A 504 -25.79 45.62 -17.85
CA GLN A 504 -25.92 44.87 -19.12
CA GLN A 504 -25.91 44.87 -19.11
C GLN A 504 -27.40 44.58 -19.37
C GLN A 504 -27.39 44.56 -19.37
N LEU A 505 -28.12 44.16 -18.31
CA LEU A 505 -29.58 43.83 -18.37
C LEU A 505 -30.40 45.09 -18.73
N ASP A 506 -30.21 46.20 -18.02
CA ASP A 506 -30.84 47.54 -18.27
C ASP A 506 -30.68 47.88 -19.76
N LEU A 507 -29.48 47.67 -20.32
CA LEU A 507 -29.17 47.99 -21.75
C LEU A 507 -29.82 46.95 -22.67
N ILE A 508 -29.66 45.66 -22.37
CA ILE A 508 -30.30 44.53 -23.12
C ILE A 508 -31.80 44.82 -23.26
N SER A 509 -32.44 45.20 -22.14
CA SER A 509 -33.89 45.49 -22.07
C SER A 509 -34.24 46.55 -23.12
N LYS A 510 -33.59 47.72 -23.04
CA LYS A 510 -33.79 48.85 -24.00
C LYS A 510 -33.56 48.35 -25.43
N LEU A 511 -32.66 47.40 -25.64
CA LEU A 511 -32.36 46.87 -27.01
C LEU A 511 -33.53 46.02 -27.51
N SER A 512 -34.38 45.52 -26.61
CA SER A 512 -35.49 44.59 -26.96
C SER A 512 -36.73 45.36 -27.45
N GLU A 513 -36.89 46.62 -26.98
CA GLU A 513 -38.02 47.54 -27.26
C GLU A 513 -38.03 48.00 -28.73
N LEU A 514 -36.98 47.70 -29.50
CA LEU A 514 -36.80 48.16 -30.91
C LEU A 514 -37.33 47.11 -31.89
N GLY A 515 -38.06 46.10 -31.42
CA GLY A 515 -38.62 45.00 -32.24
C GLY A 515 -37.81 44.69 -33.50
N LYS A 516 -36.48 44.54 -33.38
CA LYS A 516 -35.62 43.81 -34.35
C LYS A 516 -35.29 42.46 -33.72
N PRO A 517 -34.93 41.40 -34.47
CA PRO A 517 -34.57 40.12 -33.84
C PRO A 517 -33.35 40.27 -32.92
N LEU A 518 -33.49 39.90 -31.64
CA LEU A 518 -32.46 40.09 -30.58
C LEU A 518 -31.98 38.73 -30.04
N VAL A 519 -30.73 38.38 -30.37
CA VAL A 519 -29.98 37.20 -29.83
C VAL A 519 -29.02 37.63 -28.72
N VAL A 520 -29.06 36.98 -27.57
CA VAL A 520 -28.19 37.33 -26.40
C VAL A 520 -27.19 36.19 -26.13
N LEU A 521 -25.94 36.52 -25.84
CA LEU A 521 -24.85 35.55 -25.52
C LEU A 521 -24.39 35.75 -24.07
N GLN A 522 -24.82 34.85 -23.19
CA GLN A 522 -24.37 34.74 -21.78
C GLN A 522 -23.05 33.96 -21.77
N MET A 523 -21.94 34.64 -21.52
CA MET A 523 -20.58 34.05 -21.55
C MET A 523 -20.08 33.86 -20.12
N GLY A 524 -18.94 33.18 -19.99
CA GLY A 524 -18.31 32.90 -18.69
C GLY A 524 -18.68 31.51 -18.17
N GLY A 525 -18.13 31.14 -17.02
CA GLY A 525 -18.14 29.77 -16.49
C GLY A 525 -19.31 29.57 -15.57
N GLY A 526 -19.34 30.37 -14.51
CA GLY A 526 -20.51 30.60 -13.65
C GLY A 526 -21.74 30.96 -14.47
N GLN A 527 -22.90 30.42 -14.05
CA GLN A 527 -24.24 30.76 -14.60
C GLN A 527 -24.64 32.08 -13.96
N VAL A 528 -25.43 32.86 -14.68
CA VAL A 528 -25.88 34.18 -14.21
C VAL A 528 -27.39 34.30 -14.46
N ASP A 529 -28.13 34.84 -13.48
CA ASP A 529 -29.63 34.83 -13.39
C ASP A 529 -30.27 35.59 -14.56
N SER A 530 -30.74 34.86 -15.57
CA SER A 530 -31.33 35.43 -16.81
C SER A 530 -32.85 35.25 -16.80
N SER A 531 -33.49 35.21 -15.63
CA SER A 531 -34.97 35.11 -15.50
C SER A 531 -35.60 36.29 -16.25
N SER A 532 -35.04 37.50 -16.09
CA SER A 532 -35.48 38.72 -16.81
C SER A 532 -35.32 38.52 -18.34
N LEU A 533 -34.39 37.69 -18.80
CA LEU A 533 -34.23 37.45 -20.27
C LEU A 533 -35.21 36.38 -20.73
N LYS A 534 -35.48 35.39 -19.88
CA LYS A 534 -36.43 34.28 -20.15
C LYS A 534 -37.82 34.86 -20.49
N ASP A 535 -38.36 35.64 -19.54
CA ASP A 535 -39.75 36.19 -19.47
C ASP A 535 -39.96 37.29 -20.50
N ASN A 536 -38.90 37.97 -20.93
CA ASN A 536 -38.94 38.98 -22.01
C ASN A 536 -39.06 38.27 -23.36
N ASP A 537 -40.28 38.18 -23.89
CA ASP A 537 -40.60 37.51 -25.19
C ASP A 537 -39.88 38.19 -26.37
N ASN A 538 -39.40 39.43 -26.21
CA ASN A 538 -38.69 40.19 -27.27
C ASN A 538 -37.22 39.77 -27.34
N VAL A 539 -36.67 39.18 -26.26
CA VAL A 539 -35.37 38.44 -26.35
C VAL A 539 -35.66 37.13 -27.09
N ASN A 540 -35.44 37.10 -28.41
CA ASN A 540 -35.73 35.95 -29.30
C ASN A 540 -35.04 34.67 -28.81
N ALA A 541 -33.70 34.73 -28.70
CA ALA A 541 -32.77 33.61 -28.41
C ALA A 541 -31.78 34.01 -27.32
N LEU A 542 -31.41 33.03 -26.47
CA LEU A 542 -30.38 33.15 -25.39
C LEU A 542 -29.36 32.01 -25.53
N ILE A 543 -28.07 32.32 -25.71
CA ILE A 543 -27.00 31.28 -25.81
C ILE A 543 -26.04 31.38 -24.61
N TRP A 544 -25.64 30.23 -24.04
CA TRP A 544 -24.49 30.16 -23.10
C TRP A 544 -23.23 29.73 -23.86
N GLY A 545 -22.22 30.60 -23.93
CA GLY A 545 -20.97 30.38 -24.69
C GLY A 545 -19.79 29.91 -23.83
N GLY A 546 -19.96 29.92 -22.50
CA GLY A 546 -18.90 29.61 -21.51
C GLY A 546 -17.62 30.40 -21.77
N TYR A 547 -16.52 29.67 -22.02
CA TYR A 547 -15.17 30.13 -22.44
C TYR A 547 -14.74 29.24 -23.59
N PRO A 548 -15.01 29.65 -24.86
CA PRO A 548 -14.84 28.78 -26.03
C PRO A 548 -13.47 28.75 -26.73
N GLY A 549 -12.48 29.47 -26.21
CA GLY A 549 -11.06 29.31 -26.62
C GLY A 549 -10.74 29.86 -28.00
N GLN A 550 -9.54 29.54 -28.48
CA GLN A 550 -8.87 30.25 -29.59
C GLN A 550 -9.84 30.54 -30.75
N SER A 551 -10.84 29.67 -31.00
CA SER A 551 -11.74 29.74 -32.19
C SER A 551 -13.19 30.05 -31.77
N GLY A 552 -13.37 30.55 -30.55
CA GLY A 552 -14.72 30.78 -30.01
C GLY A 552 -15.60 31.59 -30.95
N GLY A 553 -15.00 32.56 -31.66
CA GLY A 553 -15.71 33.47 -32.56
C GLY A 553 -16.36 32.72 -33.70
N HIS A 554 -15.56 31.99 -34.45
CA HIS A 554 -15.98 31.17 -35.61
C HIS A 554 -17.03 30.14 -35.15
N ALA A 555 -16.89 29.63 -33.92
CA ALA A 555 -17.84 28.65 -33.34
C ALA A 555 -19.19 29.35 -33.16
N LEU A 556 -19.21 30.50 -32.49
CA LEU A 556 -20.46 31.24 -32.15
C LEU A 556 -21.17 31.75 -33.40
N ALA A 557 -20.44 32.27 -34.38
CA ALA A 557 -21.00 32.82 -35.63
C ALA A 557 -21.61 31.68 -36.44
N ASP A 558 -20.85 30.59 -36.65
CA ASP A 558 -21.28 29.40 -37.43
C ASP A 558 -22.53 28.79 -36.79
N ILE A 559 -22.63 28.80 -35.46
CA ILE A 559 -23.86 28.37 -34.76
C ILE A 559 -24.98 29.33 -35.16
N ILE A 560 -24.73 30.64 -35.06
CA ILE A 560 -25.78 31.70 -35.19
C ILE A 560 -26.23 31.80 -36.67
N THR A 561 -25.30 31.79 -37.64
CA THR A 561 -25.63 31.79 -39.10
C THR A 561 -26.29 30.45 -39.47
N GLY A 562 -25.97 29.37 -38.78
CA GLY A 562 -26.50 28.02 -39.07
C GLY A 562 -25.57 27.18 -39.92
N LYS A 563 -24.33 27.63 -40.16
CA LYS A 563 -23.25 26.80 -40.78
C LYS A 563 -23.02 25.53 -39.95
N ARG A 564 -23.46 25.56 -38.67
CA ARG A 564 -23.42 24.47 -37.66
C ARG A 564 -24.63 24.59 -36.71
N ALA A 565 -25.18 23.45 -36.25
CA ALA A 565 -26.31 23.33 -35.30
C ALA A 565 -25.78 22.99 -33.92
N PRO A 566 -26.31 23.61 -32.84
CA PRO A 566 -25.87 23.31 -31.48
C PRO A 566 -26.45 22.00 -30.94
N ALA A 567 -25.79 21.36 -29.96
CA ALA A 567 -26.30 20.17 -29.23
C ALA A 567 -25.95 20.20 -27.73
N GLY A 568 -25.17 21.16 -27.26
CA GLY A 568 -24.66 21.18 -25.88
C GLY A 568 -25.76 21.37 -24.85
N ARG A 569 -25.49 21.07 -23.59
CA ARG A 569 -26.45 21.25 -22.48
C ARG A 569 -25.67 21.76 -21.26
N LEU A 570 -26.32 22.54 -20.39
CA LEU A 570 -25.69 23.07 -19.17
C LEU A 570 -25.15 21.88 -18.36
N VAL A 571 -23.99 22.06 -17.73
CA VAL A 571 -23.46 21.04 -16.80
C VAL A 571 -23.48 21.63 -15.39
N THR A 572 -24.12 22.78 -15.23
CA THR A 572 -24.54 23.29 -13.90
C THR A 572 -25.98 23.82 -13.99
N THR A 573 -26.61 23.98 -12.85
CA THR A 573 -27.90 24.66 -12.65
C THR A 573 -27.66 26.16 -12.85
N GLN A 574 -28.59 26.87 -13.50
CA GLN A 574 -28.68 28.36 -13.44
C GLN A 574 -29.71 28.72 -12.37
N TYR A 575 -29.23 29.04 -11.16
CA TYR A 575 -30.09 29.29 -9.98
C TYR A 575 -30.69 30.69 -10.06
N PRO A 576 -31.83 30.94 -9.38
CA PRO A 576 -32.25 32.31 -9.13
C PRO A 576 -31.26 33.01 -8.20
N ALA A 577 -31.11 34.33 -8.34
CA ALA A 577 -30.16 35.17 -7.57
C ALA A 577 -30.37 34.98 -6.07
N GLU A 578 -31.60 34.71 -5.62
CA GLU A 578 -31.90 34.56 -4.16
C GLU A 578 -31.10 33.37 -3.59
N TYR A 579 -30.76 32.38 -4.44
CA TYR A 579 -30.00 31.17 -4.03
C TYR A 579 -28.71 31.56 -3.28
N ALA A 580 -28.01 32.61 -3.76
CA ALA A 580 -26.73 33.10 -3.19
C ALA A 580 -26.95 33.93 -1.92
N GLU A 581 -28.21 34.20 -1.56
CA GLU A 581 -28.60 35.07 -0.40
C GLU A 581 -29.09 34.22 0.79
N VAL A 582 -29.82 33.11 0.56
CA VAL A 582 -30.54 32.38 1.65
C VAL A 582 -29.56 31.63 2.58
N PHE A 583 -28.53 30.96 2.06
CA PHE A 583 -27.63 30.13 2.90
C PHE A 583 -26.17 30.45 2.61
N PRO A 584 -25.28 30.31 3.61
CA PRO A 584 -23.86 30.57 3.43
C PRO A 584 -23.23 29.54 2.48
N ALA A 585 -22.40 30.01 1.55
CA ALA A 585 -21.80 29.20 0.46
C ALA A 585 -20.81 28.19 1.06
N ILE A 586 -20.37 28.38 2.30
CA ILE A 586 -19.42 27.47 3.00
C ILE A 586 -20.13 26.21 3.52
N ASP A 587 -21.47 26.16 3.50
CA ASP A 587 -22.25 24.96 3.89
C ASP A 587 -22.13 23.91 2.78
N MET A 588 -21.52 22.76 3.11
CA MET A 588 -21.17 21.66 2.17
C MET A 588 -22.32 20.66 2.13
N ASN A 589 -23.33 20.82 2.99
CA ASN A 589 -24.48 19.90 3.15
C ASN A 589 -25.37 20.02 1.91
N LEU A 590 -25.40 18.97 1.09
CA LEU A 590 -26.09 18.89 -0.22
C LEU A 590 -27.60 18.68 0.00
N ARG A 591 -27.99 17.98 1.06
CA ARG A 591 -29.41 17.63 1.34
C ARG A 591 -30.09 18.88 1.90
N PRO A 592 -31.37 19.19 1.54
CA PRO A 592 -32.05 20.36 2.09
C PRO A 592 -32.19 20.29 3.61
N ASN A 593 -31.99 21.42 4.26
CA ASN A 593 -32.17 21.60 5.72
C ASN A 593 -32.97 22.90 5.87
N GLU A 594 -34.23 22.83 6.34
CA GLU A 594 -35.14 24.00 6.37
C GLU A 594 -34.76 24.87 7.57
N THR A 595 -34.27 24.27 8.65
CA THR A 595 -33.82 24.99 9.87
C THR A 595 -32.68 25.98 9.56
N SER A 596 -31.81 25.69 8.58
CA SER A 596 -30.55 26.43 8.32
C SER A 596 -30.73 27.40 7.13
N GLY A 597 -31.81 27.22 6.36
CA GLY A 597 -32.15 28.04 5.19
C GLY A 597 -31.66 27.39 3.92
N ASN A 598 -31.15 26.16 4.04
CA ASN A 598 -30.45 25.43 2.93
C ASN A 598 -31.53 24.77 2.08
N PRO A 599 -31.80 25.25 0.85
CA PRO A 599 -32.80 24.64 -0.02
C PRO A 599 -32.39 23.30 -0.66
N GLY A 600 -31.17 22.83 -0.37
CA GLY A 600 -30.53 21.68 -1.05
C GLY A 600 -29.68 22.16 -2.21
N GLN A 601 -28.50 21.55 -2.40
CA GLN A 601 -27.48 22.01 -3.38
C GLN A 601 -27.47 21.08 -4.60
N THR A 602 -27.35 21.65 -5.80
CA THR A 602 -27.27 20.95 -7.11
C THR A 602 -28.65 20.44 -7.53
N TYR A 603 -28.76 19.97 -8.78
CA TYR A 603 -29.99 19.43 -9.40
C TYR A 603 -30.53 18.26 -8.58
N MET A 604 -29.65 17.43 -8.03
CA MET A 604 -29.99 16.24 -7.19
C MET A 604 -30.83 16.64 -5.96
N TRP A 605 -30.65 17.82 -5.37
CA TRP A 605 -31.27 18.12 -4.06
C TRP A 605 -32.04 19.45 -4.04
N TYR A 606 -31.90 20.31 -5.06
CA TYR A 606 -32.44 21.70 -5.03
C TYR A 606 -33.97 21.64 -5.02
N THR A 607 -34.60 22.11 -3.93
CA THR A 607 -36.08 22.22 -3.78
C THR A 607 -36.63 23.45 -4.53
N GLY A 608 -35.83 24.48 -4.78
CA GLY A 608 -36.28 25.70 -5.46
C GLY A 608 -36.51 25.49 -6.96
N THR A 609 -36.60 26.58 -7.71
CA THR A 609 -36.98 26.59 -9.15
C THR A 609 -35.86 27.20 -9.99
N PRO A 610 -35.01 26.37 -10.62
CA PRO A 610 -33.95 26.89 -11.47
C PRO A 610 -34.53 27.79 -12.56
N VAL A 611 -33.78 28.82 -12.94
CA VAL A 611 -34.12 29.67 -14.11
C VAL A 611 -33.96 28.82 -15.37
N TYR A 612 -32.79 28.19 -15.52
CA TYR A 612 -32.59 27.02 -16.42
C TYR A 612 -31.88 25.91 -15.63
N GLU A 613 -32.09 24.69 -16.11
CA GLU A 613 -31.86 23.43 -15.36
C GLU A 613 -30.55 22.81 -15.81
N PHE A 614 -29.86 22.12 -14.91
CA PHE A 614 -28.80 21.15 -15.24
C PHE A 614 -29.36 20.26 -16.36
N GLY A 615 -28.66 20.17 -17.50
CA GLY A 615 -29.01 19.28 -18.62
C GLY A 615 -29.85 19.97 -19.69
N HIS A 616 -30.29 21.22 -19.46
CA HIS A 616 -31.15 22.00 -20.41
C HIS A 616 -30.34 22.45 -21.63
N GLY A 617 -30.88 22.23 -22.83
CA GLY A 617 -30.29 22.64 -24.12
C GLY A 617 -31.22 22.35 -25.30
N LEU A 618 -31.18 23.18 -26.36
CA LEU A 618 -32.10 23.10 -27.54
C LEU A 618 -31.32 22.83 -28.82
N PHE A 619 -32.03 22.41 -29.86
CA PHE A 619 -31.47 22.08 -31.21
C PHE A 619 -32.14 22.98 -32.26
N TYR A 620 -31.57 22.96 -33.46
CA TYR A 620 -32.12 23.63 -34.66
C TYR A 620 -33.02 22.63 -35.40
N THR A 621 -33.85 21.90 -34.64
CA THR A 621 -34.64 20.74 -35.14
C THR A 621 -35.42 20.10 -34.00
N THR A 622 -36.26 19.12 -34.36
CA THR A 622 -37.15 18.37 -33.44
C THR A 622 -36.74 16.90 -33.47
N PHE A 623 -37.00 16.22 -32.35
CA PHE A 623 -36.58 14.82 -32.09
C PHE A 623 -37.80 14.06 -31.56
N GLU A 624 -38.02 12.87 -32.11
CA GLU A 624 -39.02 11.85 -31.68
C GLU A 624 -38.26 10.75 -30.93
N GLU A 625 -38.64 10.48 -29.68
CA GLU A 625 -37.90 9.54 -28.78
C GLU A 625 -38.85 8.47 -28.24
N SER A 626 -38.44 7.20 -28.34
CA SER A 626 -39.25 6.00 -27.99
C SER A 626 -38.33 4.82 -27.63
N THR A 627 -38.86 3.81 -26.94
CA THR A 627 -38.18 2.51 -26.74
C THR A 627 -39.19 1.37 -26.78
N GLU A 628 -38.79 0.21 -27.36
CA GLU A 628 -39.56 -1.07 -27.44
C GLU A 628 -40.03 -1.48 -26.03
N THR A 629 -39.12 -1.57 -25.05
CA THR A 629 -39.39 -2.04 -23.65
C THR A 629 -39.29 -0.90 -22.64
N THR A 630 -40.41 -0.53 -22.04
CA THR A 630 -40.52 0.53 -21.00
C THR A 630 -40.52 -0.09 -19.61
N ASP A 631 -40.52 -1.42 -19.51
CA ASP A 631 -40.33 -2.12 -18.20
C ASP A 631 -39.25 -3.19 -18.36
N ALA A 632 -38.04 -2.88 -17.91
CA ALA A 632 -36.86 -3.75 -17.91
C ALA A 632 -37.07 -4.86 -16.88
N GLY A 633 -37.97 -4.66 -15.92
CA GLY A 633 -38.45 -5.69 -14.99
C GLY A 633 -37.59 -5.75 -13.75
N SER A 634 -37.28 -6.97 -13.27
CA SER A 634 -36.65 -7.24 -11.94
C SER A 634 -35.20 -7.74 -12.10
N PHE A 635 -34.34 -7.29 -11.20
CA PHE A 635 -32.93 -7.75 -11.05
C PHE A 635 -32.73 -8.07 -9.57
N ASN A 636 -32.25 -9.28 -9.27
CA ASN A 636 -31.92 -9.70 -7.88
C ASN A 636 -30.49 -9.23 -7.53
N ILE A 637 -30.35 -8.47 -6.45
CA ILE A 637 -29.07 -7.80 -6.07
C ILE A 637 -27.99 -8.87 -5.90
N GLN A 638 -28.28 -9.91 -5.08
CA GLN A 638 -27.38 -11.05 -4.82
C GLN A 638 -27.05 -11.77 -6.15
N THR A 639 -28.01 -11.95 -7.07
CA THR A 639 -27.77 -12.65 -8.37
C THR A 639 -26.75 -11.88 -9.19
N VAL A 640 -26.93 -10.56 -9.31
CA VAL A 640 -26.12 -9.65 -10.16
C VAL A 640 -24.68 -9.63 -9.63
N LEU A 641 -24.48 -9.62 -8.30
CA LEU A 641 -23.13 -9.53 -7.68
C LEU A 641 -22.44 -10.89 -7.57
N THR A 642 -23.14 -12.04 -7.77
CA THR A 642 -22.62 -13.41 -7.50
C THR A 642 -22.24 -14.16 -8.77
N THR A 643 -22.50 -13.59 -9.95
CA THR A 643 -22.07 -14.16 -11.26
C THR A 643 -20.66 -13.68 -11.57
N PRO A 644 -19.97 -14.29 -12.55
CA PRO A 644 -18.68 -13.77 -12.98
C PRO A 644 -18.77 -12.30 -13.40
N HIS A 645 -17.62 -11.66 -13.49
CA HIS A 645 -17.44 -10.26 -13.93
C HIS A 645 -16.17 -10.20 -14.75
N SER A 646 -15.95 -11.21 -15.60
CA SER A 646 -14.92 -11.24 -16.66
C SER A 646 -14.82 -9.87 -17.33
N GLY A 647 -13.59 -9.36 -17.50
CA GLY A 647 -13.29 -8.08 -18.15
C GLY A 647 -13.23 -6.91 -17.16
N TYR A 648 -13.86 -7.05 -15.98
CA TYR A 648 -13.97 -6.03 -14.90
C TYR A 648 -13.22 -6.46 -13.62
N GLU A 649 -12.46 -5.53 -13.03
CA GLU A 649 -11.78 -5.69 -11.71
C GLU A 649 -12.80 -5.91 -10.60
N HIS A 650 -13.92 -5.18 -10.60
CA HIS A 650 -14.95 -5.28 -9.53
C HIS A 650 -16.30 -5.61 -10.18
N ALA A 651 -17.09 -6.45 -9.50
CA ALA A 651 -18.41 -6.92 -9.95
C ALA A 651 -19.28 -5.72 -10.30
N GLN A 652 -19.18 -4.64 -9.52
CA GLN A 652 -20.12 -3.49 -9.60
C GLN A 652 -19.85 -2.68 -10.87
N GLN A 653 -18.73 -2.96 -11.55
CA GLN A 653 -18.35 -2.28 -12.83
C GLN A 653 -19.20 -2.82 -13.98
N LYS A 654 -19.93 -3.91 -13.75
CA LYS A 654 -20.75 -4.60 -14.79
C LYS A 654 -21.98 -3.75 -15.15
N THR A 655 -22.37 -3.83 -16.41
CA THR A 655 -23.64 -3.24 -16.93
C THR A 655 -24.81 -3.97 -16.27
N LEU A 656 -25.56 -3.29 -15.40
CA LEU A 656 -26.84 -3.83 -14.84
C LEU A 656 -27.86 -4.06 -15.97
N LEU A 657 -27.99 -3.09 -16.87
CA LEU A 657 -28.82 -3.14 -18.09
C LEU A 657 -28.42 -1.94 -18.95
N ASN A 658 -28.71 -2.03 -20.23
CA ASN A 658 -28.62 -0.92 -21.21
C ASN A 658 -29.94 -0.16 -21.25
N PHE A 659 -29.90 1.14 -20.93
CA PHE A 659 -30.90 2.15 -21.37
C PHE A 659 -30.74 2.30 -22.88
N THR A 660 -31.85 2.26 -23.60
CA THR A 660 -31.89 1.99 -25.06
C THR A 660 -33.16 2.63 -25.61
N ALA A 661 -33.00 3.62 -26.50
CA ALA A 661 -34.11 4.37 -27.13
C ALA A 661 -33.89 4.45 -28.64
N THR A 662 -34.93 4.84 -29.36
CA THR A 662 -34.83 5.27 -30.79
C THR A 662 -35.07 6.78 -30.82
N VAL A 663 -34.25 7.48 -31.61
CA VAL A 663 -34.22 8.96 -31.72
C VAL A 663 -34.28 9.24 -33.23
N LYS A 664 -35.34 9.96 -33.65
CA LYS A 664 -35.62 10.34 -35.07
C LYS A 664 -35.66 11.87 -35.19
N ASN A 665 -34.95 12.38 -36.21
CA ASN A 665 -34.98 13.81 -36.64
C ASN A 665 -36.32 14.07 -37.37
N THR A 666 -37.32 14.62 -36.66
CA THR A 666 -38.66 15.01 -37.17
C THR A 666 -38.74 16.51 -37.53
N GLY A 667 -37.62 17.13 -37.92
CA GLY A 667 -37.55 18.57 -38.25
C GLY A 667 -36.89 18.82 -39.59
N GLU A 668 -36.55 20.08 -39.88
CA GLU A 668 -36.07 20.56 -41.21
C GLU A 668 -34.53 20.58 -41.28
N ARG A 669 -33.81 20.69 -40.14
CA ARG A 669 -32.31 20.82 -40.13
C ARG A 669 -31.67 19.57 -39.50
N GLU A 670 -30.58 19.08 -40.10
CA GLU A 670 -29.62 18.08 -39.54
C GLU A 670 -29.08 18.57 -38.20
N SER A 671 -28.84 17.66 -37.25
CA SER A 671 -28.34 17.97 -35.88
C SER A 671 -27.59 16.77 -35.29
N ASP A 672 -26.64 17.04 -34.39
CA ASP A 672 -26.18 16.07 -33.37
C ASP A 672 -27.29 16.00 -32.31
N TYR A 673 -27.42 14.86 -31.62
CA TYR A 673 -28.40 14.68 -30.51
C TYR A 673 -27.62 14.29 -29.24
N THR A 674 -27.91 14.94 -28.13
CA THR A 674 -27.26 14.68 -26.82
C THR A 674 -28.29 14.17 -25.81
N ALA A 675 -27.95 13.08 -25.14
CA ALA A 675 -28.78 12.44 -24.10
C ALA A 675 -28.03 12.47 -22.78
N LEU A 676 -28.73 12.87 -21.72
CA LEU A 676 -28.40 12.60 -20.29
C LEU A 676 -29.43 11.60 -19.78
N VAL A 677 -28.99 10.50 -19.18
CA VAL A 677 -29.88 9.45 -18.61
C VAL A 677 -29.82 9.53 -17.08
N TYR A 678 -30.94 9.85 -16.46
CA TYR A 678 -31.06 10.08 -15.00
C TYR A 678 -31.75 8.87 -14.36
N VAL A 679 -31.39 8.55 -13.12
CA VAL A 679 -32.08 7.53 -12.29
C VAL A 679 -32.76 8.29 -11.16
N ASN A 680 -33.90 7.78 -10.68
CA ASN A 680 -34.50 8.22 -9.40
C ASN A 680 -35.17 7.00 -8.78
N THR A 681 -35.26 7.00 -7.45
CA THR A 681 -35.63 5.79 -6.66
C THR A 681 -36.33 6.23 -5.40
N THR A 682 -37.06 5.31 -4.77
CA THR A 682 -37.55 5.38 -3.37
C THR A 682 -36.73 4.42 -2.50
N ALA A 683 -35.79 3.67 -3.10
CA ALA A 683 -34.91 2.72 -2.41
C ALA A 683 -33.94 3.49 -1.48
N GLY A 684 -33.37 2.78 -0.52
CA GLY A 684 -32.31 3.30 0.35
C GLY A 684 -32.87 4.37 1.28
N PRO A 685 -32.01 5.08 2.04
CA PRO A 685 -32.48 5.93 3.12
C PRO A 685 -33.00 7.27 2.61
N ALA A 686 -33.77 7.96 3.46
CA ALA A 686 -34.35 9.30 3.22
C ALA A 686 -33.41 10.36 3.80
N PRO A 687 -33.33 11.59 3.24
CA PRO A 687 -34.10 12.01 2.07
C PRO A 687 -33.72 11.37 0.72
N TYR A 688 -34.60 11.53 -0.27
CA TYR A 688 -34.41 10.96 -1.63
C TYR A 688 -33.91 12.04 -2.57
N PRO A 689 -32.85 11.77 -3.38
CA PRO A 689 -32.47 12.67 -4.45
C PRO A 689 -33.66 12.85 -5.39
N LYS A 690 -33.84 14.05 -5.97
CA LYS A 690 -34.73 14.31 -7.13
C LYS A 690 -34.35 13.29 -8.23
N LYS A 691 -33.05 13.15 -8.53
CA LYS A 691 -32.51 12.26 -9.60
C LYS A 691 -30.98 12.34 -9.61
N TRP A 692 -30.29 11.47 -10.36
CA TRP A 692 -28.81 11.60 -10.54
C TRP A 692 -28.35 10.93 -11.85
N VAL A 693 -27.44 11.58 -12.56
CA VAL A 693 -26.92 11.14 -13.87
C VAL A 693 -26.22 9.80 -13.66
N VAL A 694 -26.58 8.82 -14.47
CA VAL A 694 -25.99 7.44 -14.52
C VAL A 694 -25.46 7.23 -15.93
N GLY A 695 -25.56 8.23 -16.83
CA GLY A 695 -25.03 8.06 -18.20
C GLY A 695 -25.37 9.23 -19.10
N PHE A 696 -24.72 9.29 -20.26
CA PHE A 696 -24.86 10.36 -21.27
C PHE A 696 -24.29 9.85 -22.60
N ASP A 697 -24.66 10.49 -23.71
CA ASP A 697 -24.03 10.21 -25.03
C ASP A 697 -24.38 11.36 -25.98
N ARG A 698 -23.73 11.36 -27.14
CA ARG A 698 -23.97 12.34 -28.23
C ARG A 698 -23.90 11.58 -29.57
N LEU A 699 -24.98 11.61 -30.36
CA LEU A 699 -25.10 10.95 -31.68
C LEU A 699 -24.81 11.99 -32.77
N GLY A 700 -24.12 11.59 -33.84
CA GLY A 700 -23.56 12.51 -34.86
C GLY A 700 -24.37 12.51 -36.14
N GLY A 701 -24.46 13.70 -36.77
CA GLY A 701 -25.14 13.95 -38.05
C GLY A 701 -26.44 13.20 -38.27
N LEU A 702 -27.51 13.50 -37.51
CA LEU A 702 -28.88 12.99 -37.77
C LEU A 702 -29.56 13.90 -38.81
N GLU A 703 -29.59 13.47 -40.08
CA GLU A 703 -30.26 14.25 -41.15
C GLU A 703 -31.77 14.15 -40.91
N PRO A 704 -32.61 15.08 -41.45
CA PRO A 704 -34.07 14.99 -41.25
C PRO A 704 -34.65 13.68 -41.80
N GLY A 705 -35.46 12.99 -40.98
CA GLY A 705 -36.05 11.67 -41.32
C GLY A 705 -35.21 10.47 -40.85
N ASP A 706 -33.88 10.64 -40.78
CA ASP A 706 -32.92 9.71 -40.11
C ASP A 706 -33.37 9.36 -38.69
N SER A 707 -33.10 8.12 -38.29
CA SER A 707 -33.24 7.63 -36.90
C SER A 707 -31.90 7.01 -36.46
N GLN A 708 -31.66 6.99 -35.14
CA GLN A 708 -30.47 6.35 -34.52
C GLN A 708 -30.85 5.70 -33.19
N THR A 709 -30.22 4.55 -32.93
CA THR A 709 -30.21 3.81 -31.63
C THR A 709 -29.37 4.63 -30.64
N LEU A 710 -29.96 5.02 -29.52
CA LEU A 710 -29.27 5.49 -28.29
C LEU A 710 -29.14 4.31 -27.32
N THR A 711 -27.91 3.96 -26.95
CA THR A 711 -27.56 2.82 -26.10
C THR A 711 -26.57 3.31 -25.03
N VAL A 712 -27.03 3.38 -23.78
CA VAL A 712 -26.25 3.88 -22.62
C VAL A 712 -26.16 2.78 -21.57
N PRO A 713 -24.99 2.08 -21.48
CA PRO A 713 -24.73 1.17 -20.36
C PRO A 713 -25.03 1.84 -19.02
N VAL A 714 -25.91 1.24 -18.22
CA VAL A 714 -26.20 1.68 -16.81
C VAL A 714 -25.58 0.63 -15.89
N THR A 715 -24.50 1.00 -15.19
CA THR A 715 -23.65 0.05 -14.45
C THR A 715 -24.31 -0.20 -13.11
N VAL A 716 -24.06 -1.39 -12.56
CA VAL A 716 -24.51 -1.71 -11.19
C VAL A 716 -24.06 -0.58 -10.28
N GLU A 717 -22.78 -0.16 -10.31
CA GLU A 717 -22.30 0.87 -9.33
C GLU A 717 -22.99 2.22 -9.54
N SER A 718 -23.33 2.60 -10.77
CA SER A 718 -23.91 3.95 -11.07
C SER A 718 -25.29 4.13 -10.41
N VAL A 719 -26.00 3.06 -9.99
CA VAL A 719 -27.33 3.16 -9.31
C VAL A 719 -27.25 2.80 -7.81
N ALA A 720 -26.05 2.56 -7.27
CA ALA A 720 -25.87 2.33 -5.82
C ALA A 720 -25.93 3.66 -5.11
N ARG A 721 -26.54 3.72 -3.94
CA ARG A 721 -26.56 4.93 -3.07
C ARG A 721 -25.48 4.73 -2.00
N THR A 722 -25.59 5.45 -0.87
CA THR A 722 -24.56 5.56 0.17
C THR A 722 -25.23 5.66 1.53
N ASP A 723 -24.83 4.85 2.51
CA ASP A 723 -25.47 4.81 3.86
C ASP A 723 -24.88 5.90 4.76
N GLU A 724 -25.36 6.02 6.00
CA GLU A 724 -25.05 7.13 6.92
C GLU A 724 -23.55 7.07 7.28
N GLN A 725 -22.88 5.92 7.09
CA GLN A 725 -21.46 5.67 7.46
C GLN A 725 -20.52 5.85 6.24
N GLY A 726 -21.09 5.98 5.05
CA GLY A 726 -20.31 6.25 3.83
C GLY A 726 -20.17 5.04 2.94
N ASN A 727 -20.72 3.88 3.34
CA ASN A 727 -20.67 2.64 2.52
C ASN A 727 -21.46 2.88 1.22
N ARG A 728 -20.94 2.40 0.08
CA ARG A 728 -21.69 2.33 -1.19
C ARG A 728 -22.55 1.05 -1.17
N VAL A 729 -23.88 1.23 -1.18
CA VAL A 729 -24.87 0.13 -0.99
C VAL A 729 -25.89 0.15 -2.15
N LEU A 730 -26.06 -0.97 -2.85
CA LEU A 730 -27.24 -1.30 -3.70
C LEU A 730 -28.43 -1.63 -2.79
N TYR A 731 -29.51 -0.86 -2.91
CA TYR A 731 -30.76 -1.03 -2.14
C TYR A 731 -31.84 -1.66 -3.01
N PRO A 732 -32.63 -2.59 -2.45
CA PRO A 732 -33.77 -3.13 -3.17
C PRO A 732 -34.93 -2.11 -3.17
N GLY A 733 -35.71 -2.08 -4.23
CA GLY A 733 -36.80 -1.11 -4.36
C GLY A 733 -37.02 -0.73 -5.80
N SER A 734 -37.72 0.40 -6.02
CA SER A 734 -38.24 0.81 -7.35
C SER A 734 -37.35 1.94 -7.93
N TYR A 735 -36.99 1.80 -9.21
CA TYR A 735 -36.02 2.64 -9.93
C TYR A 735 -36.62 3.04 -11.27
N GLU A 736 -36.26 4.22 -11.76
CA GLU A 736 -36.70 4.71 -13.09
C GLU A 736 -35.53 5.44 -13.74
N LEU A 737 -35.20 5.05 -14.97
CA LEU A 737 -34.27 5.75 -15.89
C LEU A 737 -35.04 6.66 -16.85
N ALA A 738 -34.86 7.99 -16.73
CA ALA A 738 -35.53 9.04 -17.52
C ALA A 738 -34.53 9.67 -18.53
N LEU A 739 -34.99 9.89 -19.77
CA LEU A 739 -34.19 10.53 -20.86
C LEU A 739 -34.38 12.05 -20.83
N ASN A 740 -33.32 12.79 -20.53
CA ASN A 740 -33.28 14.28 -20.48
C ASN A 740 -34.26 14.74 -19.42
N ASN A 741 -34.41 16.05 -19.21
CA ASN A 741 -35.11 16.66 -18.04
C ASN A 741 -36.63 16.52 -18.20
N GLU A 742 -37.11 16.42 -19.44
CA GLU A 742 -38.54 16.28 -19.80
C GLU A 742 -38.93 14.80 -19.70
N ARG A 743 -37.96 13.90 -19.51
CA ARG A 743 -38.19 12.43 -19.32
C ARG A 743 -38.95 11.89 -20.54
N SER A 744 -38.49 12.25 -21.73
CA SER A 744 -39.11 11.84 -23.02
C SER A 744 -39.31 10.32 -23.03
N VAL A 745 -38.45 9.58 -22.32
CA VAL A 745 -38.48 8.08 -22.24
C VAL A 745 -38.20 7.65 -20.79
N VAL A 746 -39.14 6.91 -20.22
CA VAL A 746 -38.99 6.32 -18.85
C VAL A 746 -38.93 4.80 -18.98
N VAL A 747 -37.82 4.22 -18.53
CA VAL A 747 -37.66 2.74 -18.36
C VAL A 747 -37.69 2.43 -16.85
N LYS A 748 -38.57 1.51 -16.45
CA LYS A 748 -38.69 1.06 -15.05
C LYS A 748 -37.86 -0.22 -14.89
N PHE A 749 -37.30 -0.41 -13.70
CA PHE A 749 -36.69 -1.68 -13.25
C PHE A 749 -36.82 -1.74 -11.73
N GLU A 750 -36.79 -2.93 -11.17
CA GLU A 750 -36.91 -3.15 -9.71
C GLU A 750 -35.69 -3.94 -9.24
N LEU A 751 -35.08 -3.51 -8.13
CA LEU A 751 -33.99 -4.27 -7.45
C LEU A 751 -34.60 -5.13 -6.34
N LYS A 752 -34.45 -6.44 -6.45
CA LYS A 752 -35.01 -7.41 -5.45
C LYS A 752 -33.82 -8.03 -4.70
N GLY A 753 -34.05 -8.52 -3.48
CA GLY A 753 -33.03 -9.15 -2.61
C GLY A 753 -32.73 -8.28 -1.41
N GLU A 754 -31.54 -8.44 -0.85
CA GLU A 754 -31.09 -7.71 0.36
C GLU A 754 -30.06 -6.65 -0.06
N GLU A 755 -29.96 -5.59 0.76
CA GLU A 755 -28.85 -4.59 0.69
C GLU A 755 -27.49 -5.30 0.58
N ALA A 756 -26.73 -5.05 -0.49
CA ALA A 756 -25.29 -5.41 -0.61
C ALA A 756 -24.41 -4.17 -0.49
N VAL A 757 -23.33 -4.28 0.28
CA VAL A 757 -22.19 -3.30 0.27
C VAL A 757 -21.34 -3.61 -0.95
N ILE A 758 -21.09 -2.63 -1.81
CA ILE A 758 -20.14 -2.77 -2.96
C ILE A 758 -18.83 -2.05 -2.67
N LEU A 759 -18.81 -1.11 -1.72
CA LEU A 759 -17.55 -0.45 -1.30
C LEU A 759 -17.62 -0.17 0.19
N SER A 760 -16.80 -0.90 0.95
CA SER A 760 -16.67 -0.74 2.43
C SER A 760 -15.91 0.57 2.67
N TRP A 761 -16.54 1.54 3.33
CA TRP A 761 -15.96 2.88 3.61
C TRP A 761 -15.27 2.85 4.96
N PRO A 762 -13.93 3.06 5.01
CA PRO A 762 -13.20 2.93 6.26
C PRO A 762 -13.60 4.07 7.20
N GLU A 763 -13.51 3.77 8.49
CA GLU A 763 -13.79 4.66 9.63
C GLU A 763 -12.60 5.61 9.79
N ASP A 764 -12.85 6.85 10.15
CA ASP A 764 -11.78 7.88 10.34
C ASP A 764 -11.35 7.87 11.81
N THR A 765 -10.23 7.24 12.13
CA THR A 765 -9.79 7.05 13.53
C THR A 765 -8.70 8.07 13.86
N THR A 766 -8.16 8.74 12.82
CA THR A 766 -6.93 9.58 12.87
C THR A 766 -7.26 11.08 12.95
N SER A 767 -8.34 11.54 12.32
CA SER A 767 -8.76 12.95 12.30
C SER A 767 -8.95 13.48 13.73
N ASP A 768 -9.62 12.74 14.61
CA ASP A 768 -10.06 13.23 15.95
C ASP A 768 -9.13 12.72 17.05
N PHE A 769 -8.06 11.99 16.72
CA PHE A 769 -7.07 11.42 17.67
C PHE A 769 -6.14 12.52 18.22
N PCA B 1 -13.99 -25.50 17.22
CA PCA B 1 -15.14 -25.37 16.36
CB PCA B 1 -14.55 -24.76 15.06
CG PCA B 1 -13.13 -24.34 15.41
CD PCA B 1 -12.85 -24.97 16.75
OE PCA B 1 -11.75 -25.00 17.32
C PCA B 1 -15.85 -26.70 16.03
O PCA B 1 -17.07 -26.76 15.93
N ALA B 2 -15.06 -27.76 15.79
CA ALA B 2 -15.56 -29.11 15.57
C ALA B 2 -15.56 -29.92 16.88
N ASN B 3 -15.49 -29.27 18.04
CA ASN B 3 -15.57 -29.98 19.33
C ASN B 3 -16.87 -30.79 19.33
N THR B 4 -16.86 -31.95 19.98
CA THR B 4 -18.03 -32.86 20.11
C THR B 4 -18.68 -32.70 21.48
N SER B 5 -18.12 -31.87 22.36
CA SER B 5 -18.69 -31.41 23.66
C SER B 5 -18.16 -30.01 23.98
N TYR B 6 -18.63 -29.39 25.08
CA TYR B 6 -18.22 -28.03 25.52
C TYR B 6 -16.71 -27.97 25.71
N THR B 7 -16.03 -27.10 24.98
CA THR B 7 -14.57 -26.87 25.09
C THR B 7 -14.35 -25.40 25.39
N ASP B 8 -13.61 -25.11 26.47
CA ASP B 8 -13.20 -23.74 26.87
C ASP B 8 -11.83 -23.45 26.27
N TYR B 9 -11.79 -22.67 25.20
CA TYR B 9 -10.54 -22.33 24.47
C TYR B 9 -9.76 -21.21 25.20
N ASN B 10 -10.29 -20.68 26.31
CA ASN B 10 -9.47 -19.89 27.26
C ASN B 10 -8.44 -20.78 27.96
N VAL B 11 -8.68 -22.09 28.07
CA VAL B 11 -7.83 -23.09 28.80
C VAL B 11 -7.24 -24.12 27.82
N GLU B 12 -8.08 -24.71 26.96
CA GLU B 12 -7.64 -25.62 25.86
C GLU B 12 -6.82 -24.84 24.80
N ALA B 13 -5.63 -25.33 24.44
CA ALA B 13 -4.63 -24.64 23.56
C ALA B 13 -4.63 -25.22 22.13
N ASN B 14 -5.40 -26.27 21.87
CA ASN B 14 -5.55 -26.86 20.51
C ASN B 14 -6.95 -26.58 19.98
N PRO B 15 -7.11 -25.91 18.81
CA PRO B 15 -8.42 -25.77 18.18
C PRO B 15 -8.92 -27.13 17.69
N ASP B 16 -10.24 -27.26 17.53
CA ASP B 16 -10.89 -28.44 16.90
C ASP B 16 -11.19 -28.07 15.45
N LEU B 17 -10.26 -28.33 14.56
CA LEU B 17 -10.42 -27.93 13.14
C LEU B 17 -11.33 -28.94 12.44
N PHE B 18 -12.25 -28.43 11.61
CA PHE B 18 -13.11 -29.24 10.72
C PHE B 18 -12.21 -29.99 9.75
N PRO B 19 -12.58 -31.23 9.37
CA PRO B 19 -11.81 -32.02 8.41
C PRO B 19 -11.43 -31.36 7.08
N LEU B 20 -12.21 -30.38 6.60
CA LEU B 20 -11.99 -29.72 5.29
C LEU B 20 -10.66 -28.97 5.37
N CYS B 21 -10.47 -28.26 6.47
CA CYS B 21 -9.21 -27.54 6.79
C CYS B 21 -8.01 -28.51 6.87
N LEU B 22 -8.20 -29.69 7.48
CA LEU B 22 -7.10 -30.67 7.70
C LEU B 22 -6.90 -31.58 6.46
N GLN B 23 -7.81 -31.54 5.49
CA GLN B 23 -7.74 -32.39 4.25
C GLN B 23 -6.51 -32.03 3.42
N HIS B 24 -5.56 -32.96 3.27
CA HIS B 24 -4.49 -32.94 2.23
C HIS B 24 -5.15 -33.02 0.84
N LEU B 25 -4.61 -32.28 -0.14
CA LEU B 25 -5.18 -32.19 -1.50
C LEU B 25 -4.14 -32.75 -2.47
N ASN B 26 -4.63 -33.32 -3.58
CA ASN B 26 -3.81 -33.83 -4.70
C ASN B 26 -3.40 -32.65 -5.59
N ALA B 27 -2.12 -32.31 -5.63
CA ALA B 27 -1.63 -31.14 -6.39
C ALA B 27 -1.64 -31.45 -7.88
N SER B 28 -2.19 -30.56 -8.68
CA SER B 28 -1.93 -30.44 -10.14
C SER B 28 -1.75 -28.97 -10.50
N PHE B 29 -1.36 -28.73 -11.74
CA PHE B 29 -1.10 -27.40 -12.34
C PHE B 29 -2.15 -27.14 -13.40
N PRO B 30 -2.75 -25.93 -13.42
CA PRO B 30 -3.60 -25.52 -14.53
C PRO B 30 -2.86 -25.58 -15.87
N ASP B 31 -3.64 -25.69 -16.95
CA ASP B 31 -3.17 -25.95 -18.34
C ASP B 31 -3.42 -24.71 -19.22
N CYS B 32 -2.38 -23.93 -19.49
CA CYS B 32 -2.41 -22.69 -20.32
C CYS B 32 -2.07 -23.00 -21.80
N ALA B 33 -1.93 -24.28 -22.14
CA ALA B 33 -1.82 -24.77 -23.53
C ALA B 33 -3.22 -24.96 -24.13
N SER B 34 -4.17 -25.55 -23.42
CA SER B 34 -5.48 -25.93 -24.02
C SER B 34 -6.64 -25.96 -23.02
N GLY B 35 -6.41 -25.66 -21.74
CA GLY B 35 -7.50 -25.59 -20.75
C GLY B 35 -8.37 -24.36 -20.98
N PRO B 36 -9.53 -24.24 -20.30
CA PRO B 36 -10.38 -23.06 -20.40
C PRO B 36 -9.75 -21.67 -20.21
N LEU B 37 -8.56 -21.60 -19.59
CA LEU B 37 -7.87 -20.35 -19.20
C LEU B 37 -6.81 -19.96 -20.23
N SER B 38 -6.37 -20.92 -21.06
CA SER B 38 -5.28 -20.71 -22.07
C SER B 38 -5.51 -19.40 -22.84
N LEU B 39 -6.75 -19.12 -23.26
CA LEU B 39 -7.10 -17.93 -24.08
C LEU B 39 -7.56 -16.74 -23.23
N THR B 40 -7.41 -16.80 -21.90
CA THR B 40 -7.76 -15.68 -20.97
C THR B 40 -6.47 -15.01 -20.52
N PRO B 41 -6.54 -13.82 -19.87
CA PRO B 41 -5.34 -13.07 -19.48
C PRO B 41 -4.42 -13.75 -18.44
N VAL B 42 -4.95 -14.66 -17.61
CA VAL B 42 -4.17 -15.33 -16.53
C VAL B 42 -3.01 -16.12 -17.15
N CYS B 43 -3.16 -16.52 -18.41
CA CYS B 43 -2.18 -17.31 -19.19
C CYS B 43 -1.36 -16.35 -20.08
N ASP B 44 -1.58 -15.04 -20.00
CA ASP B 44 -0.77 -14.03 -20.74
C ASP B 44 0.48 -13.69 -19.93
N ARG B 45 1.66 -14.11 -20.40
CA ARG B 45 2.96 -14.04 -19.67
C ARG B 45 3.57 -12.65 -19.79
N SER B 46 2.88 -11.70 -20.42
CA SER B 46 3.34 -10.31 -20.63
C SER B 46 2.67 -9.38 -19.61
N LEU B 47 1.69 -9.86 -18.84
CA LEU B 47 0.99 -9.08 -17.78
C LEU B 47 1.63 -9.34 -16.39
N SER B 48 1.48 -8.41 -15.47
CA SER B 48 1.96 -8.53 -14.07
C SER B 48 1.28 -9.71 -13.40
N PRO B 49 1.89 -10.33 -12.36
CA PRO B 49 1.21 -11.36 -11.58
C PRO B 49 -0.15 -10.87 -11.03
N LYS B 50 -0.19 -9.59 -10.62
CA LYS B 50 -1.40 -9.00 -10.02
C LYS B 50 -2.48 -8.90 -11.10
N ASP B 51 -2.16 -8.55 -12.34
CA ASP B 51 -3.18 -8.41 -13.41
C ASP B 51 -3.73 -9.78 -13.76
N ARG B 52 -2.84 -10.77 -13.92
CA ARG B 52 -3.17 -12.20 -14.23
C ARG B 52 -4.07 -12.76 -13.11
N ALA B 53 -3.66 -12.64 -11.86
CA ALA B 53 -4.46 -13.08 -10.70
C ALA B 53 -5.81 -12.37 -10.71
N THR B 54 -5.83 -11.06 -10.95
CA THR B 54 -7.09 -10.27 -10.93
C THR B 54 -8.06 -10.76 -12.02
N ALA B 55 -7.54 -11.02 -13.22
CA ALA B 55 -8.32 -11.53 -14.37
C ALA B 55 -8.94 -12.88 -14.00
N LEU B 56 -8.16 -13.76 -13.35
CA LEU B 56 -8.56 -15.11 -12.88
C LEU B 56 -9.78 -15.02 -11.98
N VAL B 57 -9.71 -14.20 -10.94
CA VAL B 57 -10.76 -14.16 -9.88
C VAL B 57 -12.05 -13.58 -10.48
N SER B 58 -11.90 -12.73 -11.50
CA SER B 58 -13.02 -12.05 -12.22
C SER B 58 -13.95 -13.10 -12.85
N LEU B 59 -13.43 -14.29 -13.17
CA LEU B 59 -14.16 -15.39 -13.84
C LEU B 59 -15.03 -16.17 -12.84
N PHE B 60 -14.65 -16.17 -11.56
CA PHE B 60 -15.34 -16.98 -10.52
C PHE B 60 -16.76 -16.44 -10.38
N THR B 61 -17.71 -17.33 -10.14
CA THR B 61 -18.94 -17.01 -9.37
C THR B 61 -18.50 -16.83 -7.92
N PHE B 62 -19.31 -16.12 -7.17
CA PHE B 62 -19.10 -15.87 -5.73
C PHE B 62 -18.92 -17.20 -5.00
N ASP B 63 -19.79 -18.18 -5.27
CA ASP B 63 -19.72 -19.53 -4.63
C ASP B 63 -18.33 -20.14 -4.84
N GLU B 64 -17.76 -20.04 -6.05
CA GLU B 64 -16.42 -20.60 -6.37
C GLU B 64 -15.30 -19.84 -5.64
N LEU B 65 -15.40 -18.50 -5.60
CA LEU B 65 -14.47 -17.61 -4.88
C LEU B 65 -14.41 -18.02 -3.41
N VAL B 66 -15.57 -18.12 -2.78
CA VAL B 66 -15.62 -18.42 -1.33
C VAL B 66 -15.01 -19.80 -1.11
N ASN B 67 -15.15 -20.73 -2.05
CA ASN B 67 -14.57 -22.08 -1.86
C ASN B 67 -13.05 -21.98 -1.84
N ASN B 68 -12.48 -20.82 -2.19
CA ASN B 68 -11.01 -20.66 -2.32
C ASN B 68 -10.51 -19.56 -1.38
N THR B 69 -11.31 -19.14 -0.40
CA THR B 69 -10.88 -18.16 0.64
C THR B 69 -10.28 -18.90 1.83
N GLY B 70 -10.28 -20.23 1.81
CA GLY B 70 -9.66 -21.08 2.85
C GLY B 70 -8.38 -21.74 2.38
N ASN B 71 -7.62 -22.32 3.31
CA ASN B 71 -6.32 -23.01 3.02
C ASN B 71 -6.61 -24.19 2.10
N THR B 72 -7.70 -24.91 2.36
CA THR B 72 -8.12 -26.03 1.48
C THR B 72 -8.90 -25.43 0.30
N GLY B 73 -8.17 -24.88 -0.66
CA GLY B 73 -8.79 -24.22 -1.82
C GLY B 73 -9.36 -25.27 -2.73
N LEU B 74 -10.69 -25.36 -2.83
CA LEU B 74 -11.34 -26.51 -3.49
C LEU B 74 -11.22 -26.41 -5.02
N GLY B 75 -10.66 -25.33 -5.53
CA GLY B 75 -10.52 -25.07 -6.99
C GLY B 75 -11.82 -24.61 -7.65
N VAL B 76 -11.80 -24.57 -8.98
CA VAL B 76 -12.97 -24.24 -9.85
C VAL B 76 -12.93 -25.20 -11.05
N SER B 77 -13.66 -26.31 -10.98
CA SER B 77 -13.59 -27.42 -11.96
C SER B 77 -13.91 -26.90 -13.37
N ARG B 78 -14.84 -25.95 -13.44
CA ARG B 78 -15.40 -25.27 -14.64
C ARG B 78 -14.31 -24.60 -15.49
N LEU B 79 -13.26 -24.06 -14.86
CA LEU B 79 -12.14 -23.35 -15.53
C LEU B 79 -10.86 -24.20 -15.53
N GLY B 80 -10.95 -25.45 -15.10
CA GLY B 80 -9.76 -26.32 -15.01
C GLY B 80 -8.73 -25.75 -14.07
N LEU B 81 -9.18 -25.10 -13.00
CA LEU B 81 -8.32 -24.55 -11.92
C LEU B 81 -8.32 -25.57 -10.79
N PRO B 82 -7.17 -26.26 -10.58
CA PRO B 82 -7.10 -27.31 -9.56
C PRO B 82 -7.35 -26.81 -8.13
N ASN B 83 -7.72 -27.75 -7.24
CA ASN B 83 -7.66 -27.55 -5.76
C ASN B 83 -6.20 -27.24 -5.38
N TYR B 84 -6.00 -26.35 -4.42
CA TYR B 84 -4.66 -25.90 -3.94
C TYR B 84 -4.68 -25.80 -2.43
N GLN B 85 -3.68 -26.41 -1.78
CA GLN B 85 -3.54 -26.46 -0.30
C GLN B 85 -2.43 -25.48 0.10
N VAL B 86 -2.85 -24.46 0.82
CA VAL B 86 -1.97 -23.36 1.28
C VAL B 86 -1.14 -23.87 2.45
N TRP B 87 -1.71 -24.75 3.28
CA TRP B 87 -1.10 -25.32 4.51
C TRP B 87 -0.01 -26.34 4.12
N GLY B 88 1.20 -25.84 3.86
CA GLY B 88 2.46 -26.58 3.81
C GLY B 88 3.33 -26.18 5.00
N GLU B 89 4.34 -26.98 5.31
CA GLU B 89 5.20 -26.78 6.51
C GLU B 89 6.62 -27.14 6.09
N ALA B 90 7.61 -26.36 6.52
CA ALA B 90 9.02 -26.65 6.23
C ALA B 90 9.91 -26.13 7.37
N LEU B 91 9.50 -26.36 8.62
CA LEU B 91 10.22 -25.79 9.78
C LEU B 91 11.70 -26.18 9.72
N HIS B 92 12.02 -27.44 9.44
CA HIS B 92 13.42 -27.94 9.36
C HIS B 92 13.46 -29.13 8.40
N GLY B 93 12.78 -28.98 7.27
CA GLY B 93 12.59 -30.04 6.27
C GLY B 93 11.12 -30.20 5.93
N VAL B 94 10.84 -30.92 4.85
CA VAL B 94 9.45 -31.07 4.34
C VAL B 94 8.62 -31.63 5.49
N GLY B 95 7.55 -30.94 5.86
CA GLY B 95 6.78 -31.22 7.09
C GLY B 95 5.37 -31.71 6.80
N ARG B 96 4.75 -31.34 5.67
CA ARG B 96 3.29 -31.58 5.46
C ARG B 96 2.98 -31.86 3.97
N ALA B 97 3.87 -32.56 3.28
CA ALA B 97 3.59 -33.12 1.94
C ALA B 97 2.75 -34.39 2.12
N ASN B 98 2.24 -34.94 1.01
CA ASN B 98 1.36 -36.13 0.97
C ASN B 98 2.26 -37.35 0.79
N PHE B 99 3.08 -37.62 1.82
CA PHE B 99 4.08 -38.71 1.92
C PHE B 99 3.45 -40.06 1.53
N VAL B 100 4.06 -40.81 0.60
CA VAL B 100 3.62 -42.19 0.20
C VAL B 100 4.06 -43.15 1.31
N GLU B 101 3.31 -44.23 1.59
CA GLU B 101 3.60 -45.19 2.69
C GLU B 101 5.06 -45.70 2.60
N SER B 102 5.62 -45.87 1.40
CA SER B 102 7.03 -46.34 1.19
C SER B 102 7.45 -46.14 -0.28
N GLY B 103 8.76 -46.23 -0.55
CA GLY B 103 9.35 -46.05 -1.89
C GLY B 103 9.69 -44.60 -2.15
N ASN B 104 9.40 -44.11 -3.35
CA ASN B 104 9.56 -42.68 -3.74
C ASN B 104 8.63 -41.82 -2.88
N PHE B 105 9.13 -40.69 -2.36
CA PHE B 105 8.36 -39.66 -1.62
C PHE B 105 7.74 -40.24 -0.34
N SER B 106 8.48 -41.13 0.33
CA SER B 106 8.06 -41.75 1.62
C SER B 106 8.78 -41.04 2.76
N TRP B 107 9.80 -40.24 2.43
CA TRP B 107 10.60 -39.45 3.39
C TRP B 107 11.22 -38.22 2.73
N ALA B 108 11.67 -37.28 3.55
CA ALA B 108 12.48 -36.12 3.14
C ALA B 108 13.50 -35.87 4.26
N THR B 109 14.57 -35.13 3.97
CA THR B 109 15.68 -34.88 4.93
C THR B 109 15.05 -34.22 6.15
N SER B 110 15.33 -34.74 7.36
CA SER B 110 14.95 -34.10 8.64
C SER B 110 16.21 -33.51 9.32
N PHE B 111 16.42 -32.21 9.15
CA PHE B 111 17.52 -31.41 9.73
C PHE B 111 17.26 -31.23 11.22
N PRO B 112 18.25 -30.78 12.02
CA PRO B 112 18.00 -30.44 13.42
C PRO B 112 16.86 -29.42 13.59
N MET B 113 16.26 -29.35 14.76
CA MET B 113 15.33 -28.24 15.09
C MET B 113 16.08 -26.91 14.93
N PRO B 114 15.37 -25.78 14.61
CA PRO B 114 16.00 -24.46 14.50
C PRO B 114 16.81 -24.03 15.71
N ILE B 115 16.32 -24.26 16.93
CA ILE B 115 17.05 -23.93 18.20
C ILE B 115 18.49 -24.45 18.06
N THR B 116 18.71 -25.62 17.45
CA THR B 116 20.04 -26.28 17.27
C THR B 116 20.73 -25.73 16.01
N MET B 117 20.00 -25.51 14.92
CA MET B 117 20.57 -24.89 13.68
C MET B 117 21.19 -23.53 14.03
N MET B 118 20.49 -22.70 14.78
CA MET B 118 20.95 -21.35 15.14
C MET B 118 22.25 -21.41 15.96
N ALA B 119 22.36 -22.38 16.89
CA ALA B 119 23.49 -22.59 17.84
C ALA B 119 24.84 -22.67 17.09
N ALA B 120 24.85 -23.18 15.87
CA ALA B 120 26.00 -23.23 14.95
C ALA B 120 26.52 -21.83 14.67
N LEU B 121 25.71 -20.79 14.83
CA LEU B 121 26.08 -19.38 14.50
C LEU B 121 26.75 -19.29 13.11
N ASN B 122 26.28 -20.10 12.14
CA ASN B 122 26.74 -20.13 10.72
C ASN B 122 25.55 -19.74 9.84
N LYS B 123 25.46 -18.45 9.47
CA LYS B 123 24.36 -17.85 8.66
C LYS B 123 24.27 -18.56 7.30
N THR B 124 25.40 -19.04 6.77
CA THR B 124 25.48 -19.81 5.50
C THR B 124 24.81 -21.17 5.70
N LEU B 125 24.90 -21.72 6.91
CA LEU B 125 24.37 -23.09 7.18
C LEU B 125 22.85 -23.03 7.02
N ILE B 126 22.23 -22.10 7.75
CA ILE B 126 20.77 -21.79 7.70
C ILE B 126 20.34 -21.57 6.24
N HIS B 127 21.03 -20.70 5.50
CA HIS B 127 20.75 -20.50 4.05
C HIS B 127 20.74 -21.86 3.36
N GLN B 128 21.82 -22.65 3.48
CA GLN B 128 22.04 -23.86 2.63
C GLN B 128 20.89 -24.85 2.89
N ILE B 129 20.49 -25.00 4.15
CA ILE B 129 19.40 -25.94 4.52
C ILE B 129 18.10 -25.51 3.82
N GLY B 130 17.71 -24.22 3.97
CA GLY B 130 16.58 -23.61 3.25
C GLY B 130 16.57 -24.03 1.78
N THR B 131 17.72 -23.95 1.11
CA THR B 131 17.85 -24.27 -0.34
C THR B 131 17.52 -25.75 -0.54
N ILE B 132 17.91 -26.59 0.44
CA ILE B 132 17.73 -28.05 0.36
C ILE B 132 16.27 -28.34 0.59
N VAL B 133 15.70 -27.75 1.64
CA VAL B 133 14.24 -27.89 1.95
C VAL B 133 13.44 -27.43 0.73
N SER B 134 13.78 -26.26 0.18
CA SER B 134 13.14 -25.61 -0.99
C SER B 134 13.10 -26.57 -2.19
N THR B 135 14.18 -27.31 -2.43
CA THR B 135 14.32 -28.27 -3.56
C THR B 135 13.44 -29.50 -3.31
N GLN B 136 13.51 -30.07 -2.10
CA GLN B 136 12.72 -31.26 -1.70
C GLN B 136 11.24 -30.89 -1.77
N LEU B 137 10.89 -29.69 -1.29
CA LEU B 137 9.50 -29.18 -1.34
C LEU B 137 9.04 -29.17 -2.81
N ARG B 138 9.92 -28.78 -3.73
CA ARG B 138 9.59 -28.67 -5.17
C ARG B 138 9.40 -30.08 -5.79
N ALA B 139 10.25 -31.04 -5.42
CA ALA B 139 10.13 -32.47 -5.85
C ALA B 139 8.74 -32.99 -5.50
N PHE B 140 8.25 -32.66 -4.32
CA PHE B 140 6.94 -33.13 -3.83
C PHE B 140 5.85 -32.43 -4.65
N SER B 141 5.98 -31.12 -4.87
CA SER B 141 5.05 -30.31 -5.71
C SER B 141 4.94 -30.93 -7.11
N ASN B 142 6.08 -31.29 -7.72
CA ASN B 142 6.19 -31.78 -9.13
C ASN B 142 5.66 -33.20 -9.28
N ALA B 143 5.55 -33.96 -8.18
CA ALA B 143 4.91 -35.30 -8.16
C ALA B 143 3.48 -35.17 -7.62
N GLY B 144 2.94 -33.95 -7.61
CA GLY B 144 1.53 -33.67 -7.25
C GLY B 144 1.25 -33.93 -5.79
N LEU B 145 2.25 -33.78 -4.90
CA LEU B 145 2.20 -34.21 -3.46
C LEU B 145 2.29 -33.03 -2.49
N GLY B 146 2.27 -31.81 -2.99
CA GLY B 146 2.32 -30.59 -2.14
C GLY B 146 2.06 -29.31 -2.92
N GLY B 147 1.91 -28.21 -2.19
CA GLY B 147 1.84 -26.85 -2.76
C GLY B 147 3.22 -26.26 -3.01
N VAL B 148 3.28 -24.94 -3.24
CA VAL B 148 4.54 -24.17 -3.40
C VAL B 148 4.60 -23.07 -2.34
N ASP B 149 3.89 -23.23 -1.22
CA ASP B 149 3.94 -22.28 -0.08
C ASP B 149 3.96 -23.07 1.23
N VAL B 150 4.77 -22.63 2.18
CA VAL B 150 4.94 -23.31 3.48
C VAL B 150 4.83 -22.28 4.59
N TYR B 151 4.23 -22.67 5.71
CA TYR B 151 4.07 -21.87 6.95
C TYR B 151 5.35 -21.91 7.78
N SER B 152 6.45 -21.40 7.22
CA SER B 152 7.81 -21.39 7.82
C SER B 152 8.60 -20.21 7.24
N PRO B 153 9.43 -19.52 8.06
CA PRO B 153 9.84 -19.98 9.38
C PRO B 153 9.14 -19.34 10.58
N ASN B 154 9.21 -20.02 11.73
CA ASN B 154 8.92 -19.48 13.09
C ASN B 154 10.02 -18.46 13.39
N ILE B 155 9.69 -17.18 13.41
CA ILE B 155 10.66 -16.12 13.81
C ILE B 155 10.12 -15.34 15.01
N ASN B 156 9.27 -15.97 15.81
CA ASN B 156 9.07 -15.57 17.23
C ASN B 156 10.38 -15.83 17.98
N THR B 157 10.55 -15.20 19.14
CA THR B 157 11.71 -15.39 20.02
C THR B 157 11.28 -16.19 21.24
N PHE B 158 12.22 -16.99 21.75
CA PHE B 158 12.09 -17.85 22.95
C PHE B 158 12.23 -16.93 24.18
N ARG B 159 11.24 -16.08 24.40
CA ARG B 159 11.28 -14.97 25.39
C ARG B 159 11.33 -15.57 26.80
N HIS B 160 10.33 -16.37 27.17
CA HIS B 160 10.19 -17.05 28.48
C HIS B 160 10.54 -18.52 28.32
N PRO B 161 11.35 -19.11 29.24
CA PRO B 161 11.88 -20.46 29.07
C PRO B 161 10.88 -21.63 29.15
N VAL B 162 9.65 -21.43 29.65
CA VAL B 162 8.61 -22.51 29.66
C VAL B 162 8.04 -22.80 28.27
N TRP B 163 8.18 -21.91 27.30
CA TRP B 163 7.42 -21.99 26.03
C TRP B 163 7.64 -23.36 25.40
N GLY B 164 6.53 -24.06 25.12
CA GLY B 164 6.52 -25.40 24.50
C GLY B 164 6.99 -25.37 23.06
N ARG B 165 7.02 -24.20 22.44
CA ARG B 165 7.37 -24.07 20.99
C ARG B 165 8.68 -23.28 20.80
N GLY B 166 9.33 -22.85 21.88
CA GLY B 166 10.63 -22.16 21.83
C GLY B 166 11.67 -22.98 21.09
N GLN B 167 11.48 -24.30 21.07
CA GLN B 167 12.32 -25.25 20.30
C GLN B 167 12.28 -24.92 18.79
N GLU B 168 11.20 -24.30 18.29
CA GLU B 168 11.01 -24.03 16.82
C GLU B 168 11.77 -22.78 16.36
N THR B 169 12.26 -21.97 17.31
CA THR B 169 12.78 -20.60 17.09
C THR B 169 14.31 -20.58 17.10
N PRO B 170 14.95 -19.48 16.62
CA PRO B 170 16.40 -19.34 16.70
C PRO B 170 16.83 -18.69 18.03
N GLY B 171 16.00 -18.79 19.07
CA GLY B 171 16.36 -18.46 20.46
C GLY B 171 15.71 -17.19 20.93
N GLU B 172 16.25 -16.58 21.99
CA GLU B 172 15.64 -15.45 22.71
C GLU B 172 16.18 -14.12 22.17
N ASP B 173 17.08 -14.14 21.19
CA ASP B 173 17.65 -12.90 20.64
C ASP B 173 17.03 -12.51 19.29
N ALA B 174 16.38 -11.32 19.23
CA ALA B 174 15.78 -10.70 18.02
C ALA B 174 16.78 -10.56 16.86
N PHE B 175 18.06 -10.25 17.13
CA PHE B 175 19.07 -10.01 16.06
C PHE B 175 19.37 -11.33 15.35
N LEU B 176 19.66 -12.40 16.10
CA LEU B 176 19.96 -13.75 15.55
C LEU B 176 18.71 -14.29 14.84
N THR B 177 17.54 -14.08 15.46
CA THR B 177 16.23 -14.53 14.94
C THR B 177 15.96 -13.83 13.60
N SER B 178 16.25 -12.53 13.52
CA SER B 178 16.14 -11.72 12.28
C SER B 178 17.00 -12.34 11.19
N VAL B 179 18.25 -12.66 11.49
CA VAL B 179 19.24 -13.13 10.48
C VAL B 179 18.80 -14.53 10.01
N TYR B 180 18.33 -15.35 10.96
CA TYR B 180 17.75 -16.69 10.70
C TYR B 180 16.67 -16.55 9.63
N GLY B 181 15.70 -15.68 9.90
CA GLY B 181 14.56 -15.37 9.00
C GLY B 181 15.03 -14.98 7.62
N TYR B 182 15.91 -13.97 7.53
CA TYR B 182 16.49 -13.47 6.27
C TYR B 182 17.10 -14.64 5.49
N GLU B 183 17.99 -15.41 6.09
CA GLU B 183 18.73 -16.49 5.35
C GLU B 183 17.78 -17.60 4.89
N TYR B 184 16.85 -18.02 5.76
CA TYR B 184 15.89 -19.12 5.46
C TYR B 184 14.89 -18.70 4.37
N ILE B 185 14.23 -17.55 4.57
CA ILE B 185 13.24 -16.98 3.61
C ILE B 185 13.90 -16.77 2.23
N THR B 186 15.10 -16.21 2.18
CA THR B 186 15.79 -15.92 0.89
C THR B 186 16.08 -17.25 0.21
N ALA B 187 16.40 -18.28 1.00
CA ALA B 187 16.66 -19.66 0.52
C ALA B 187 15.37 -20.31 0.04
N LEU B 188 14.33 -20.27 0.87
CA LEU B 188 12.98 -20.80 0.52
C LEU B 188 12.47 -20.15 -0.79
N GLN B 189 12.55 -18.84 -0.92
CA GLN B 189 11.83 -18.09 -1.99
C GLN B 189 12.70 -18.07 -3.25
N GLY B 190 14.00 -18.37 -3.13
CA GLY B 190 14.96 -18.59 -4.25
C GLY B 190 15.68 -17.32 -4.65
N GLY B 191 15.94 -16.42 -3.72
CA GLY B 191 16.50 -15.09 -3.98
C GLY B 191 15.74 -13.99 -3.23
N VAL B 192 16.21 -12.74 -3.35
CA VAL B 192 15.59 -11.52 -2.77
C VAL B 192 14.60 -10.93 -3.79
N ASP B 193 13.30 -11.19 -3.58
CA ASP B 193 12.20 -10.81 -4.52
C ASP B 193 12.61 -11.17 -5.94
N PRO B 194 12.76 -12.47 -6.26
CA PRO B 194 13.29 -12.92 -7.55
C PRO B 194 12.23 -13.11 -8.64
N GLU B 195 12.65 -13.24 -9.90
CA GLU B 195 11.70 -13.22 -11.04
C GLU B 195 10.67 -14.33 -10.82
N THR B 196 11.12 -15.55 -10.52
CA THR B 196 10.26 -16.71 -10.18
C THR B 196 10.46 -17.07 -8.71
N LEU B 197 9.38 -17.15 -7.95
CA LEU B 197 9.44 -17.67 -6.56
C LEU B 197 9.69 -19.18 -6.63
N LYS B 198 10.67 -19.66 -5.87
CA LYS B 198 10.95 -21.11 -5.73
C LYS B 198 9.85 -21.68 -4.84
N ILE B 199 9.81 -21.25 -3.58
CA ILE B 199 8.75 -21.61 -2.57
C ILE B 199 8.33 -20.33 -1.84
N ILE B 200 7.02 -20.05 -1.82
CA ILE B 200 6.48 -18.91 -1.04
C ILE B 200 6.72 -19.23 0.43
N ALA B 201 7.41 -18.34 1.16
CA ALA B 201 7.68 -18.51 2.60
C ALA B 201 6.65 -17.69 3.39
N THR B 202 6.57 -17.96 4.69
CA THR B 202 5.60 -17.33 5.60
C THR B 202 6.26 -17.08 6.95
N ALA B 203 6.55 -15.83 7.28
CA ALA B 203 7.02 -15.47 8.62
C ALA B 203 5.86 -15.68 9.58
N LYS B 204 6.02 -16.49 10.63
CA LYS B 204 5.01 -16.64 11.72
C LYS B 204 5.72 -16.50 13.06
N HIS B 205 4.99 -16.16 14.15
CA HIS B 205 3.57 -15.84 14.22
C HIS B 205 3.44 -14.37 14.64
N TYR B 206 2.81 -13.54 13.82
CA TYR B 206 2.74 -12.06 13.93
C TYR B 206 1.48 -11.69 14.70
N ALA B 207 1.61 -11.19 15.95
CA ALA B 207 2.83 -11.06 16.72
C ALA B 207 2.48 -11.12 18.22
N GLY B 208 3.50 -11.16 19.07
CA GLY B 208 3.33 -11.19 20.54
C GLY B 208 2.97 -12.57 21.04
N TYR B 209 3.26 -13.61 20.23
CA TYR B 209 2.95 -15.04 20.49
C TYR B 209 4.22 -15.73 20.98
N ASP B 210 4.24 -16.12 22.25
CA ASP B 210 5.40 -16.86 22.85
C ASP B 210 4.93 -17.62 24.12
N ILE B 211 3.66 -18.01 24.16
CA ILE B 211 2.99 -18.81 25.24
C ILE B 211 1.89 -19.70 24.63
N GLU B 212 1.88 -20.99 24.95
CA GLU B 212 0.85 -21.99 24.55
C GLU B 212 -0.29 -22.05 25.59
N SER B 213 0.05 -22.20 26.89
CA SER B 213 -0.91 -22.72 27.90
C SER B 213 -0.50 -22.50 29.35
N TRP B 214 0.71 -22.03 29.65
CA TRP B 214 1.23 -21.87 31.04
C TRP B 214 0.11 -21.46 31.98
N ASN B 215 -0.08 -22.16 33.11
CA ASN B 215 -1.17 -21.95 34.11
C ASN B 215 -2.54 -21.75 33.44
N ASN B 216 -2.85 -22.52 32.39
CA ASN B 216 -4.17 -22.51 31.69
C ASN B 216 -4.39 -21.17 30.96
N HIS B 217 -3.32 -20.44 30.62
CA HIS B 217 -3.40 -19.22 29.76
C HIS B 217 -3.25 -19.70 28.32
N SER B 218 -4.36 -20.16 27.72
CA SER B 218 -4.44 -20.68 26.33
C SER B 218 -4.14 -19.55 25.35
N ARG B 219 -3.24 -19.83 24.41
CA ARG B 219 -2.85 -18.95 23.29
C ARG B 219 -4.13 -18.48 22.58
N LEU B 220 -5.16 -19.33 22.49
CA LEU B 220 -6.37 -19.03 21.69
C LEU B 220 -7.18 -17.87 22.32
N GLY B 221 -6.98 -17.59 23.61
CA GLY B 221 -7.75 -16.54 24.33
C GLY B 221 -6.86 -15.56 25.07
N ASN B 222 -5.55 -15.69 24.91
CA ASN B 222 -4.56 -14.80 25.58
C ASN B 222 -4.68 -13.40 24.99
N ASP B 223 -4.71 -12.40 25.87
CA ASP B 223 -4.63 -10.96 25.52
C ASP B 223 -3.38 -10.38 26.21
N MET B 224 -2.31 -10.22 25.46
CA MET B 224 -1.00 -9.82 26.03
C MET B 224 -0.88 -8.29 26.02
N GLN B 225 -0.66 -7.68 27.19
CA GLN B 225 -0.39 -6.22 27.34
C GLN B 225 1.10 -5.97 27.05
N ILE B 226 1.38 -5.30 25.92
CA ILE B 226 2.75 -5.01 25.42
C ILE B 226 2.85 -3.50 25.16
N THR B 227 3.95 -2.87 25.56
CA THR B 227 4.19 -1.42 25.37
C THR B 227 4.67 -1.21 23.93
N GLN B 228 4.33 -0.05 23.36
CA GLN B 228 4.71 0.28 21.98
C GLN B 228 6.23 0.19 21.89
N GLN B 229 6.92 0.61 22.95
CA GLN B 229 8.41 0.52 23.01
C GLN B 229 8.90 -0.93 22.81
N GLU B 230 8.29 -1.88 23.51
CA GLU B 230 8.83 -3.27 23.53
C GLU B 230 8.37 -3.99 22.27
N LEU B 231 7.13 -3.68 21.85
CA LEU B 231 6.55 -4.13 20.56
C LEU B 231 7.53 -3.75 19.45
N SER B 232 8.01 -2.49 19.45
CA SER B 232 8.94 -1.99 18.42
C SER B 232 10.34 -2.58 18.61
N GLU B 233 10.86 -2.66 19.83
CA GLU B 233 12.29 -2.97 20.05
C GLU B 233 12.52 -4.49 20.02
N TYR B 234 11.52 -5.31 20.40
CA TYR B 234 11.72 -6.75 20.68
C TYR B 234 10.80 -7.64 19.83
N TYR B 235 9.48 -7.44 19.97
CA TYR B 235 8.46 -8.39 19.46
C TYR B 235 8.35 -8.35 17.94
N THR B 236 8.74 -7.25 17.25
CA THR B 236 8.52 -7.11 15.78
C THR B 236 9.78 -7.06 14.91
N PRO B 237 11.02 -6.70 15.36
CA PRO B 237 12.17 -6.61 14.45
C PRO B 237 12.37 -7.78 13.47
N PRO B 238 12.25 -9.05 13.91
CA PRO B 238 12.41 -10.19 12.99
C PRO B 238 11.44 -10.15 11.80
N PHE B 239 10.22 -9.69 12.07
CA PHE B 239 9.13 -9.48 11.08
C PHE B 239 9.49 -8.28 10.20
N ILE B 240 9.98 -7.20 10.80
CA ILE B 240 10.43 -6.02 10.03
C ILE B 240 11.45 -6.51 9.01
N VAL B 241 12.46 -7.25 9.46
CA VAL B 241 13.53 -7.78 8.59
C VAL B 241 12.96 -8.73 7.53
N ALA B 242 12.07 -9.67 7.90
CA ALA B 242 11.48 -10.65 6.95
C ALA B 242 10.75 -9.90 5.84
N SER B 243 9.99 -8.87 6.24
CA SER B 243 9.07 -8.11 5.37
C SER B 243 9.88 -7.15 4.49
N ARG B 244 10.73 -6.33 5.11
CA ARG B 244 11.46 -5.21 4.45
C ARG B 244 12.67 -5.68 3.65
N ASP B 245 13.41 -6.71 4.11
CA ASP B 245 14.74 -7.08 3.54
C ASP B 245 14.69 -8.46 2.88
N ALA B 246 14.04 -9.44 3.49
CA ALA B 246 13.98 -10.80 2.89
C ALA B 246 12.93 -10.79 1.78
N LYS B 247 12.07 -9.76 1.77
CA LYS B 247 10.87 -9.60 0.91
C LYS B 247 10.02 -10.88 1.00
N VAL B 248 9.70 -11.31 2.22
CA VAL B 248 8.84 -12.50 2.46
C VAL B 248 7.49 -12.23 1.80
N ARG B 249 6.95 -13.21 1.08
CA ARG B 249 5.70 -13.00 0.30
C ARG B 249 4.46 -13.33 1.14
N SER B 250 4.62 -13.80 2.38
CA SER B 250 3.46 -14.15 3.26
C SER B 250 3.82 -13.95 4.74
N VAL B 251 2.81 -13.64 5.55
CA VAL B 251 2.95 -13.53 7.02
C VAL B 251 1.74 -14.26 7.61
N MET B 252 1.94 -15.15 8.58
CA MET B 252 0.82 -15.74 9.34
C MET B 252 0.55 -14.88 10.57
N CYS B 253 -0.70 -14.48 10.79
CA CYS B 253 -1.13 -13.75 12.01
C CYS B 253 -1.36 -14.76 13.14
N SER B 254 -1.03 -14.36 14.38
CA SER B 254 -1.01 -15.22 15.59
C SER B 254 -2.44 -15.43 16.14
N TYR B 255 -2.60 -16.40 17.04
CA TYR B 255 -3.89 -16.77 17.68
C TYR B 255 -4.25 -15.71 18.71
N ASN B 256 -3.22 -15.15 19.36
CA ASN B 256 -3.35 -14.26 20.54
C ASN B 256 -3.83 -12.85 20.15
N ALA B 257 -4.38 -12.15 21.13
CA ALA B 257 -4.61 -10.68 21.13
C ALA B 257 -3.39 -9.96 21.73
N VAL B 258 -3.23 -8.68 21.37
CA VAL B 258 -2.18 -7.75 21.88
C VAL B 258 -2.90 -6.45 22.16
N ASN B 259 -2.84 -5.92 23.37
CA ASN B 259 -3.52 -4.64 23.73
C ASN B 259 -4.98 -4.65 23.24
N GLY B 260 -5.70 -5.74 23.50
CA GLY B 260 -7.16 -5.85 23.34
C GLY B 260 -7.58 -6.49 22.03
N VAL B 261 -6.66 -6.74 21.09
CA VAL B 261 -7.09 -7.05 19.68
C VAL B 261 -6.37 -8.28 19.12
N PRO B 262 -7.14 -9.28 18.66
CA PRO B 262 -6.56 -10.45 18.01
C PRO B 262 -5.76 -10.10 16.75
N SER B 263 -4.61 -10.72 16.58
CA SER B 263 -3.64 -10.38 15.52
C SER B 263 -4.34 -10.31 14.15
N CYS B 264 -5.23 -11.24 13.86
CA CYS B 264 -5.82 -11.43 12.52
C CYS B 264 -6.94 -10.42 12.29
N ALA B 265 -7.49 -9.79 13.35
CA ALA B 265 -8.43 -8.63 13.23
C ALA B 265 -7.72 -7.31 13.65
N ASN B 266 -6.40 -7.26 13.56
CA ASN B 266 -5.58 -6.16 14.13
C ASN B 266 -5.09 -5.31 12.95
N LYS B 267 -5.87 -4.27 12.65
CA LYS B 267 -5.62 -3.20 11.64
C LYS B 267 -4.22 -2.63 11.83
N PHE B 268 -3.89 -2.26 13.08
CA PHE B 268 -2.58 -1.67 13.46
C PHE B 268 -1.45 -2.62 13.04
N PHE B 269 -1.61 -3.91 13.30
CA PHE B 269 -0.56 -4.90 13.06
C PHE B 269 -0.43 -5.10 11.55
N LEU B 270 -1.56 -5.31 10.88
CA LEU B 270 -1.58 -5.83 9.48
C LEU B 270 -1.45 -4.70 8.46
N GLN B 271 -2.19 -3.60 8.65
CA GLN B 271 -2.21 -2.42 7.75
C GLN B 271 -1.16 -1.39 8.20
N THR B 272 -1.34 -0.76 9.37
CA THR B 272 -0.54 0.40 9.83
C THR B 272 0.93 0.00 9.92
N LEU B 273 1.24 -1.14 10.54
CA LEU B 273 2.65 -1.59 10.73
C LEU B 273 3.11 -2.39 9.51
N LEU B 274 2.65 -3.62 9.37
CA LEU B 274 3.19 -4.56 8.37
C LEU B 274 3.16 -3.90 6.99
N ARG B 275 2.03 -3.29 6.60
CA ARG B 275 1.85 -2.80 5.21
C ARG B 275 2.39 -1.36 5.04
N ASP B 276 2.04 -0.46 5.95
CA ASP B 276 2.31 1.00 5.82
C ASP B 276 3.68 1.32 6.41
N THR B 277 4.30 0.48 7.25
CA THR B 277 5.62 0.76 7.88
C THR B 277 6.73 -0.25 7.56
N PHE B 278 6.46 -1.57 7.40
CA PHE B 278 7.52 -2.59 7.21
C PHE B 278 7.67 -2.99 5.73
N GLU B 279 6.94 -2.34 4.81
CA GLU B 279 7.15 -2.42 3.33
C GLU B 279 6.91 -3.85 2.88
N PHE B 280 5.93 -4.53 3.48
CA PHE B 280 5.46 -5.86 3.06
C PHE B 280 5.08 -5.76 1.59
N SER B 281 5.51 -6.73 0.80
CA SER B 281 5.28 -6.76 -0.66
C SER B 281 3.82 -6.37 -0.96
N GLU B 282 3.65 -5.58 -2.03
CA GLU B 282 2.36 -5.10 -2.60
C GLU B 282 1.43 -6.29 -2.83
N ASP B 283 1.99 -7.40 -3.33
CA ASP B 283 1.25 -8.65 -3.63
C ASP B 283 1.31 -9.65 -2.47
N GLY B 284 1.95 -9.34 -1.34
CA GLY B 284 2.10 -10.29 -0.22
C GLY B 284 0.76 -10.64 0.40
N TYR B 285 0.58 -11.83 1.00
CA TYR B 285 -0.72 -12.21 1.61
C TYR B 285 -0.51 -12.63 3.06
N VAL B 286 -1.52 -12.34 3.87
CA VAL B 286 -1.54 -12.72 5.31
C VAL B 286 -2.43 -13.97 5.42
N SER B 287 -1.91 -15.02 6.07
CA SER B 287 -2.66 -16.26 6.37
C SER B 287 -2.96 -16.27 7.87
N GLY B 288 -4.20 -16.58 8.24
CA GLY B 288 -4.54 -16.84 9.65
C GLY B 288 -3.84 -18.11 10.09
N ASP B 289 -3.45 -18.21 11.35
CA ASP B 289 -3.14 -19.52 11.97
C ASP B 289 -4.42 -20.37 11.97
N CYS B 290 -4.31 -21.65 11.68
CA CYS B 290 -5.45 -22.58 11.63
C CYS B 290 -6.35 -22.45 12.86
N GLY B 291 -7.51 -21.82 12.64
CA GLY B 291 -8.58 -21.56 13.63
C GLY B 291 -8.60 -20.11 14.12
N ALA B 292 -7.62 -19.26 13.74
CA ALA B 292 -7.37 -17.96 14.40
C ALA B 292 -8.53 -17.00 14.15
N VAL B 293 -9.07 -17.02 12.93
CA VAL B 293 -10.29 -16.23 12.56
C VAL B 293 -11.47 -16.66 13.44
N TYR B 294 -11.70 -17.97 13.63
CA TYR B 294 -12.76 -18.49 14.55
C TYR B 294 -12.51 -17.92 15.96
N ASN B 295 -11.26 -17.93 16.42
CA ASN B 295 -10.88 -17.47 17.78
C ASN B 295 -11.22 -15.99 18.03
N VAL B 296 -11.22 -15.13 17.00
CA VAL B 296 -11.62 -13.70 17.13
C VAL B 296 -13.00 -13.67 17.82
N TRP B 297 -13.86 -14.64 17.49
CA TRP B 297 -15.19 -14.89 18.13
C TRP B 297 -15.00 -15.76 19.40
N ASN B 298 -14.61 -17.02 19.25
CA ASN B 298 -14.50 -18.00 20.38
C ASN B 298 -13.05 -18.39 20.61
N PRO B 299 -12.41 -18.01 21.75
CA PRO B 299 -13.05 -17.33 22.87
C PRO B 299 -12.71 -15.85 23.16
N HIS B 300 -12.06 -15.13 22.24
CA HIS B 300 -11.70 -13.70 22.44
C HIS B 300 -12.98 -12.87 22.60
N GLY B 301 -14.01 -13.16 21.84
CA GLY B 301 -15.28 -12.41 21.90
C GLY B 301 -15.06 -10.98 21.46
N TYR B 302 -14.10 -10.77 20.55
CA TYR B 302 -13.88 -9.45 19.92
C TYR B 302 -15.03 -9.23 18.92
N ALA B 303 -15.35 -10.26 18.13
CA ALA B 303 -16.57 -10.37 17.29
C ALA B 303 -17.63 -11.24 18.01
N SER B 304 -18.92 -10.96 17.82
CA SER B 304 -20.03 -11.62 18.55
C SER B 304 -20.49 -12.92 17.86
N ASN B 305 -19.94 -13.26 16.68
CA ASN B 305 -20.22 -14.51 15.93
C ASN B 305 -19.14 -14.77 14.84
N GLU B 306 -19.17 -15.92 14.20
CA GLU B 306 -18.10 -16.34 13.25
C GLU B 306 -18.18 -15.48 11.97
N ALA B 307 -19.35 -14.90 11.67
CA ALA B 307 -19.58 -14.09 10.44
C ALA B 307 -18.94 -12.71 10.63
N ALA B 308 -19.13 -12.08 11.78
CA ALA B 308 -18.45 -10.83 12.19
C ALA B 308 -16.92 -11.06 12.35
N ALA B 309 -16.49 -12.18 12.92
CA ALA B 309 -15.06 -12.47 13.06
C ALA B 309 -14.41 -12.58 11.67
N SER B 310 -15.12 -13.16 10.69
CA SER B 310 -14.65 -13.33 9.29
C SER B 310 -14.50 -11.94 8.64
N ALA B 311 -15.55 -11.12 8.76
CA ALA B 311 -15.62 -9.71 8.30
C ALA B 311 -14.50 -8.88 8.95
N ASP B 312 -14.41 -8.85 10.28
CA ASP B 312 -13.31 -8.13 11.00
C ASP B 312 -11.93 -8.60 10.54
N SER B 313 -11.73 -9.86 10.23
CA SER B 313 -10.39 -10.38 9.86
C SER B 313 -10.08 -9.97 8.41
N ILE B 314 -11.06 -10.07 7.51
CA ILE B 314 -10.89 -9.65 6.08
C ILE B 314 -10.63 -8.13 6.03
N LEU B 315 -11.42 -7.32 6.73
CA LEU B 315 -11.26 -5.86 6.66
C LEU B 315 -9.90 -5.43 7.25
N ALA B 316 -9.36 -6.16 8.25
CA ALA B 316 -8.06 -5.87 8.91
C ALA B 316 -6.88 -6.22 7.99
N GLY B 317 -6.96 -7.28 7.19
CA GLY B 317 -5.91 -7.65 6.21
C GLY B 317 -5.55 -9.13 6.18
N THR B 318 -6.31 -10.00 6.84
CA THR B 318 -6.12 -11.47 6.77
C THR B 318 -6.70 -11.97 5.43
N ASP B 319 -5.82 -12.38 4.52
CA ASP B 319 -6.13 -12.68 3.09
C ASP B 319 -6.70 -14.11 2.93
N ILE B 320 -6.15 -15.08 3.67
CA ILE B 320 -6.52 -16.52 3.62
C ILE B 320 -6.75 -17.02 5.05
N ASP B 321 -7.83 -17.76 5.25
CA ASP B 321 -8.19 -18.35 6.57
C ASP B 321 -7.68 -19.79 6.55
N CYS B 322 -6.66 -20.11 7.35
CA CYS B 322 -6.43 -21.51 7.72
C CYS B 322 -7.57 -21.83 8.67
N GLY B 323 -8.54 -22.60 8.18
CA GLY B 323 -9.80 -22.92 8.89
C GLY B 323 -10.94 -23.00 7.91
N THR B 324 -12.15 -22.76 8.42
CA THR B 324 -13.42 -22.88 7.64
C THR B 324 -14.33 -21.69 7.94
N SER B 325 -13.76 -20.62 8.49
CA SER B 325 -14.50 -19.39 8.82
C SER B 325 -14.85 -18.69 7.50
N TYR B 326 -13.86 -18.42 6.66
CA TYR B 326 -14.12 -17.70 5.39
C TYR B 326 -15.09 -18.54 4.55
N GLN B 327 -14.73 -19.79 4.27
CA GLN B 327 -15.44 -20.73 3.34
C GLN B 327 -16.91 -20.89 3.75
N TRP B 328 -17.22 -20.95 5.03
CA TRP B 328 -18.59 -21.29 5.49
C TRP B 328 -19.30 -20.06 6.09
N HIS B 329 -18.65 -18.89 6.20
CA HIS B 329 -19.32 -17.71 6.78
C HIS B 329 -19.14 -16.48 5.93
N SER B 330 -18.21 -16.44 4.97
CA SER B 330 -18.02 -15.18 4.20
C SER B 330 -19.30 -14.87 3.42
N GLU B 331 -20.09 -15.86 2.98
CA GLU B 331 -21.41 -15.63 2.33
C GLU B 331 -22.42 -14.98 3.30
N ASP B 332 -22.60 -15.51 4.51
CA ASP B 332 -23.41 -14.83 5.56
C ASP B 332 -22.93 -13.38 5.74
N ALA B 333 -21.62 -13.18 5.93
CA ALA B 333 -20.99 -11.86 6.18
C ALA B 333 -21.43 -10.90 5.06
N PHE B 334 -21.37 -11.35 3.80
CA PHE B 334 -21.75 -10.57 2.58
C PHE B 334 -23.25 -10.24 2.59
N GLU B 335 -24.08 -11.22 2.92
CA GLU B 335 -25.56 -11.05 2.89
C GLU B 335 -25.99 -10.14 4.04
N ASP B 336 -25.16 -10.01 5.08
CA ASP B 336 -25.40 -9.12 6.24
C ASP B 336 -24.68 -7.78 6.05
N SER B 337 -24.19 -7.49 4.85
CA SER B 337 -23.57 -6.17 4.54
C SER B 337 -22.37 -5.93 5.47
N LEU B 338 -21.60 -6.97 5.81
CA LEU B 338 -20.41 -6.81 6.71
C LEU B 338 -19.16 -6.61 5.85
N VAL B 339 -19.18 -7.10 4.62
CA VAL B 339 -18.09 -7.00 3.61
C VAL B 339 -18.71 -6.98 2.20
N SER B 340 -17.93 -6.57 1.23
CA SER B 340 -18.24 -6.53 -0.21
C SER B 340 -17.56 -7.73 -0.88
N ARG B 341 -18.06 -8.14 -2.04
CA ARG B 341 -17.41 -9.20 -2.85
C ARG B 341 -15.95 -8.79 -3.07
N SER B 342 -15.68 -7.50 -3.31
CA SER B 342 -14.33 -6.97 -3.60
C SER B 342 -13.42 -7.21 -2.39
N ASP B 343 -13.93 -6.97 -1.17
CA ASP B 343 -13.19 -7.26 0.08
C ASP B 343 -12.78 -8.74 0.04
N ILE B 344 -13.72 -9.65 -0.17
CA ILE B 344 -13.43 -11.11 -0.08
C ILE B 344 -12.45 -11.48 -1.21
N GLU B 345 -12.52 -10.82 -2.36
CA GLU B 345 -11.64 -11.09 -3.51
C GLU B 345 -10.18 -10.67 -3.23
N ARG B 346 -9.94 -9.69 -2.36
CA ARG B 346 -8.62 -9.03 -2.24
C ARG B 346 -7.58 -10.09 -1.83
N GLY B 347 -7.90 -10.84 -0.76
CA GLY B 347 -7.15 -12.01 -0.24
C GLY B 347 -6.87 -13.05 -1.31
N VAL B 348 -7.88 -13.50 -2.06
CA VAL B 348 -7.65 -14.53 -3.13
C VAL B 348 -6.74 -13.97 -4.24
N ILE B 349 -6.94 -12.73 -4.71
CA ILE B 349 -6.08 -12.15 -5.79
C ILE B 349 -4.59 -12.13 -5.36
N ARG B 350 -4.33 -11.76 -4.11
CA ARG B 350 -2.98 -11.74 -3.50
C ARG B 350 -2.37 -13.14 -3.49
N LEU B 351 -3.11 -14.13 -2.99
CA LEU B 351 -2.62 -15.52 -2.97
C LEU B 351 -2.17 -15.90 -4.39
N TYR B 352 -3.04 -15.73 -5.39
CA TYR B 352 -2.80 -16.17 -6.78
C TYR B 352 -1.79 -15.24 -7.48
N SER B 353 -1.52 -14.03 -6.96
CA SER B 353 -0.43 -13.17 -7.49
C SER B 353 0.89 -13.91 -7.26
N ASN B 354 1.05 -14.45 -6.05
CA ASN B 354 2.23 -15.24 -5.63
C ASN B 354 2.30 -16.55 -6.42
N LEU B 355 1.19 -17.24 -6.66
CA LEU B 355 1.24 -18.53 -7.39
C LEU B 355 1.67 -18.26 -8.84
N VAL B 356 1.11 -17.22 -9.45
CA VAL B 356 1.53 -16.79 -10.81
C VAL B 356 3.04 -16.51 -10.79
N GLN B 357 3.53 -15.79 -9.79
CA GLN B 357 4.97 -15.44 -9.68
C GLN B 357 5.82 -16.68 -9.42
N ALA B 358 5.23 -17.81 -9.01
CA ALA B 358 5.92 -19.10 -8.77
C ALA B 358 5.88 -20.02 -10.02
N GLY B 359 5.36 -19.53 -11.15
CA GLY B 359 5.30 -20.31 -12.40
C GLY B 359 4.14 -21.26 -12.41
N TYR B 360 3.16 -21.07 -11.53
CA TYR B 360 2.02 -22.03 -11.38
C TYR B 360 1.20 -22.11 -12.68
N PHE B 361 1.11 -21.04 -13.50
CA PHE B 361 0.29 -21.04 -14.74
C PHE B 361 1.12 -21.13 -16.02
N ASP B 362 2.33 -21.68 -15.96
CA ASP B 362 3.37 -21.53 -17.01
C ASP B 362 3.86 -22.88 -17.55
N GLY B 363 3.26 -24.01 -17.16
CA GLY B 363 3.53 -25.31 -17.80
C GLY B 363 4.89 -25.92 -17.46
N GLU B 364 5.13 -27.12 -18.00
CA GLU B 364 6.15 -28.10 -17.53
C GLU B 364 7.56 -27.56 -17.69
N ASP B 365 7.76 -26.60 -18.60
CA ASP B 365 9.09 -26.03 -18.91
C ASP B 365 9.42 -24.89 -17.94
N ALA B 366 8.48 -24.49 -17.07
CA ALA B 366 8.67 -23.40 -16.10
C ALA B 366 9.87 -23.71 -15.20
N PRO B 367 10.49 -22.68 -14.58
CA PRO B 367 11.55 -22.90 -13.59
C PRO B 367 11.09 -23.81 -12.45
N TYR B 368 11.98 -24.71 -12.00
CA TYR B 368 11.80 -25.58 -10.81
C TYR B 368 10.84 -26.74 -11.09
N ARG B 369 10.33 -26.88 -12.31
CA ARG B 369 9.26 -27.87 -12.61
C ARG B 369 9.90 -29.22 -12.95
N ASP B 370 11.23 -29.25 -13.03
CA ASP B 370 12.07 -30.39 -13.51
C ASP B 370 12.69 -31.13 -12.32
N ILE B 371 12.31 -30.79 -11.08
CA ILE B 371 12.91 -31.38 -9.87
C ILE B 371 12.17 -32.68 -9.55
N THR B 372 12.91 -33.76 -9.32
CA THR B 372 12.42 -35.15 -9.23
C THR B 372 12.85 -35.80 -7.91
N TRP B 373 12.40 -37.03 -7.69
CA TRP B 373 12.75 -37.81 -6.47
C TRP B 373 14.29 -37.87 -6.39
N ASP B 374 14.97 -37.94 -7.54
CA ASP B 374 16.43 -38.13 -7.61
C ASP B 374 17.15 -36.92 -6.99
N ASP B 375 16.51 -35.75 -6.91
CA ASP B 375 17.09 -34.50 -6.32
C ASP B 375 16.97 -34.55 -4.80
N VAL B 376 16.00 -35.29 -4.28
CA VAL B 376 15.81 -35.49 -2.82
C VAL B 376 16.93 -36.41 -2.35
N LEU B 377 17.10 -37.55 -3.02
CA LEU B 377 18.22 -38.53 -2.79
C LEU B 377 19.53 -37.74 -2.80
N SER B 378 19.81 -36.98 -3.87
CA SER B 378 21.14 -36.32 -4.08
C SER B 378 21.39 -35.25 -3.02
N THR B 379 20.35 -34.54 -2.59
CA THR B 379 20.48 -33.40 -1.64
C THR B 379 20.65 -33.95 -0.22
N ASP B 380 19.91 -35.03 0.08
CA ASP B 380 20.02 -35.77 1.38
C ASP B 380 21.44 -36.33 1.48
N ALA B 381 21.95 -36.90 0.37
CA ALA B 381 23.27 -37.57 0.29
C ALA B 381 24.42 -36.59 0.61
N TRP B 382 24.18 -35.29 0.65
CA TRP B 382 25.20 -34.29 1.07
C TRP B 382 25.45 -34.41 2.58
N ASN B 383 24.52 -35.03 3.29
CA ASN B 383 24.53 -35.20 4.77
C ASN B 383 24.79 -33.86 5.45
N ILE B 384 24.01 -32.84 5.08
CA ILE B 384 24.04 -31.49 5.70
C ILE B 384 23.32 -31.56 7.05
N ALA B 385 22.44 -32.56 7.25
CA ALA B 385 21.74 -32.76 8.53
C ALA B 385 22.74 -33.21 9.62
N TYR B 386 23.66 -34.12 9.26
CA TYR B 386 24.83 -34.54 10.09
C TYR B 386 25.65 -33.30 10.41
N GLU B 387 26.19 -32.63 9.36
CA GLU B 387 26.98 -31.37 9.47
C GLU B 387 26.27 -30.37 10.39
N ALA B 388 24.97 -30.13 10.18
CA ALA B 388 24.19 -29.15 10.95
C ALA B 388 24.28 -29.54 12.43
N ALA B 389 23.97 -30.80 12.75
CA ALA B 389 24.04 -31.32 14.15
C ALA B 389 25.45 -31.14 14.71
N VAL B 390 26.48 -31.51 13.93
CA VAL B 390 27.90 -31.45 14.39
C VAL B 390 28.28 -30.00 14.76
N GLU B 391 27.73 -28.99 14.06
CA GLU B 391 28.09 -27.56 14.23
C GLU B 391 27.28 -26.94 15.38
N GLY B 392 26.09 -27.50 15.66
CA GLY B 392 25.07 -26.89 16.52
C GLY B 392 25.06 -27.43 17.94
N ILE B 393 25.66 -28.61 18.16
CA ILE B 393 25.85 -29.18 19.52
C ILE B 393 26.76 -28.24 20.33
N VAL B 394 26.37 -27.93 21.57
CA VAL B 394 27.07 -26.97 22.48
C VAL B 394 27.72 -27.74 23.63
N LEU B 395 29.04 -27.61 23.79
CA LEU B 395 29.80 -28.01 25.02
C LEU B 395 29.64 -26.91 26.09
N LEU B 396 28.91 -27.21 27.17
CA LEU B 396 28.70 -26.31 28.33
C LEU B 396 29.84 -26.44 29.35
N LYS B 397 30.44 -27.63 29.49
CA LYS B 397 31.41 -27.97 30.57
C LYS B 397 32.34 -29.09 30.07
N ASN B 398 33.63 -29.02 30.42
CA ASN B 398 34.69 -30.02 30.02
C ASN B 398 35.93 -29.75 30.86
N ASP B 399 36.65 -30.80 31.28
CA ASP B 399 37.87 -30.71 32.13
C ASP B 399 38.98 -31.59 31.53
N GLU B 400 39.06 -31.69 30.21
CA GLU B 400 40.04 -32.56 29.50
C GLU B 400 39.42 -33.93 29.19
N THR B 401 38.35 -34.33 29.90
CA THR B 401 37.65 -35.65 29.71
C THR B 401 37.32 -35.89 28.22
N LEU B 402 36.79 -34.87 27.54
CA LEU B 402 36.44 -34.93 26.09
C LEU B 402 37.46 -34.13 25.29
N PRO B 403 37.88 -34.64 24.11
CA PRO B 403 37.43 -35.95 23.63
C PRO B 403 37.91 -37.13 24.49
N LEU B 404 37.28 -38.29 24.28
CA LEU B 404 37.56 -39.55 25.04
C LEU B 404 38.99 -40.01 24.77
N SER B 405 39.74 -40.25 25.85
CA SER B 405 41.13 -40.78 25.89
C SER B 405 41.32 -41.93 24.87
N LYS B 406 42.56 -42.10 24.39
CA LYS B 406 43.07 -43.34 23.72
C LYS B 406 42.71 -44.57 24.57
N ASP B 407 42.70 -44.40 25.90
CA ASP B 407 42.53 -45.46 26.95
C ASP B 407 41.12 -46.05 26.92
N ILE B 408 40.08 -45.23 26.71
CA ILE B 408 38.64 -45.62 26.78
C ILE B 408 38.31 -46.55 25.61
N LYS B 409 38.18 -47.85 25.86
CA LYS B 409 37.93 -48.91 24.83
C LYS B 409 36.48 -49.36 24.92
N SER B 410 35.81 -49.08 26.03
CA SER B 410 34.40 -49.45 26.27
C SER B 410 33.73 -48.32 27.07
N VAL B 411 32.42 -48.14 26.86
CA VAL B 411 31.65 -46.97 27.38
C VAL B 411 30.21 -47.42 27.66
N ALA B 412 29.68 -47.00 28.82
CA ALA B 412 28.30 -47.26 29.26
C ALA B 412 27.40 -46.11 28.81
N VAL B 413 26.45 -46.37 27.90
CA VAL B 413 25.43 -45.40 27.42
C VAL B 413 24.16 -45.61 28.26
N ILE B 414 23.73 -44.59 29.00
CA ILE B 414 22.59 -44.68 29.94
C ILE B 414 21.64 -43.47 29.76
N GLY B 415 20.35 -43.64 30.08
CA GLY B 415 19.38 -42.53 30.19
C GLY B 415 18.22 -42.64 29.19
N PRO B 416 17.12 -41.91 29.43
CA PRO B 416 15.94 -41.97 28.55
C PRO B 416 16.18 -41.48 27.11
N TRP B 417 17.22 -40.69 26.85
CA TRP B 417 17.54 -40.09 25.52
C TRP B 417 18.59 -40.93 24.75
N ALA B 418 19.01 -42.09 25.25
CA ALA B 418 20.03 -42.95 24.59
C ALA B 418 19.38 -43.76 23.46
N ASN B 419 18.26 -44.40 23.78
CA ASN B 419 17.45 -45.22 22.83
C ASN B 419 16.20 -44.41 22.43
N VAL B 420 16.29 -43.67 21.33
CA VAL B 420 15.19 -42.78 20.83
C VAL B 420 15.09 -42.88 19.31
N THR B 421 13.90 -42.58 18.77
CA THR B 421 13.62 -42.49 17.32
C THR B 421 13.22 -41.04 16.99
N GLU B 422 11.93 -40.74 17.01
CA GLU B 422 11.35 -39.44 16.54
C GLU B 422 11.67 -38.33 17.55
N GLU B 423 12.13 -38.68 18.76
CA GLU B 423 12.61 -37.69 19.78
C GLU B 423 13.67 -36.78 19.15
N LEU B 424 14.43 -37.31 18.20
CA LEU B 424 15.50 -36.56 17.49
C LEU B 424 14.90 -35.39 16.68
N GLN B 425 13.65 -35.47 16.26
CA GLN B 425 13.11 -34.55 15.20
C GLN B 425 12.31 -33.39 15.83
N GLY B 426 12.21 -33.33 17.15
CA GLY B 426 11.35 -32.35 17.86
C GLY B 426 9.91 -32.39 17.36
N ASN B 427 9.53 -31.42 16.52
CA ASN B 427 8.12 -31.30 16.04
C ASN B 427 8.14 -30.76 14.60
N TYR B 428 6.96 -30.63 13.99
CA TYR B 428 6.78 -30.16 12.59
C TYR B 428 7.82 -30.87 11.72
N PHE B 429 7.88 -32.20 11.79
CA PHE B 429 8.84 -33.07 11.05
C PHE B 429 8.05 -34.04 10.16
N GLY B 430 8.64 -34.42 9.04
CA GLY B 430 8.11 -35.51 8.20
C GLY B 430 8.91 -36.79 8.41
N PRO B 431 8.40 -37.93 7.90
CA PRO B 431 9.18 -39.17 7.87
C PRO B 431 10.61 -38.92 7.35
N ALA B 432 11.61 -39.32 8.14
CA ALA B 432 13.06 -39.20 7.84
C ALA B 432 13.57 -40.48 7.18
N PRO B 433 14.68 -40.44 6.43
CA PRO B 433 15.18 -41.66 5.77
C PRO B 433 15.78 -42.64 6.79
N TYR B 434 16.04 -42.16 8.01
CA TYR B 434 16.60 -42.92 9.14
C TYR B 434 16.61 -41.99 10.36
N LEU B 435 16.96 -42.56 11.51
CA LEU B 435 17.06 -41.87 12.81
C LEU B 435 18.14 -42.60 13.61
N ILE B 436 19.30 -41.97 13.77
CA ILE B 436 20.47 -42.58 14.46
C ILE B 436 20.46 -42.10 15.91
N SER B 437 19.94 -42.91 16.83
CA SER B 437 19.97 -42.65 18.29
C SER B 437 21.42 -42.50 18.76
N PRO B 438 21.68 -41.83 19.91
CA PRO B 438 23.03 -41.78 20.48
C PRO B 438 23.66 -43.17 20.70
N LEU B 439 22.87 -44.11 21.23
CA LEU B 439 23.23 -45.55 21.31
C LEU B 439 23.83 -46.03 19.97
N THR B 440 23.08 -45.89 18.87
CA THR B 440 23.52 -46.35 17.52
C THR B 440 24.72 -45.55 17.04
N GLY B 441 24.90 -44.34 17.57
CA GLY B 441 26.10 -43.52 17.29
C GLY B 441 27.35 -44.24 17.78
N PHE B 442 27.33 -44.63 19.06
CA PHE B 442 28.50 -45.19 19.80
C PHE B 442 28.83 -46.59 19.30
N ARG B 443 27.81 -47.38 18.98
CA ARG B 443 27.96 -48.73 18.36
C ARG B 443 28.74 -48.55 17.05
N ASP B 444 28.39 -47.53 16.26
CA ASP B 444 28.99 -47.26 14.93
C ASP B 444 30.39 -46.65 15.08
N SER B 445 30.69 -45.99 16.21
CA SER B 445 32.01 -45.37 16.49
C SER B 445 33.02 -46.44 16.93
N GLY B 446 32.55 -47.67 17.20
CA GLY B 446 33.39 -48.88 17.37
C GLY B 446 33.96 -49.06 18.78
N LEU B 447 33.53 -48.25 19.76
CA LEU B 447 33.73 -48.54 21.21
C LEU B 447 32.79 -49.69 21.58
N ASP B 448 33.15 -50.50 22.58
CA ASP B 448 32.26 -51.55 23.15
C ASP B 448 31.15 -50.82 23.93
N VAL B 449 29.89 -51.00 23.55
CA VAL B 449 28.76 -50.26 24.19
C VAL B 449 28.04 -51.20 25.16
N HIS B 450 27.75 -50.71 26.38
CA HIS B 450 26.91 -51.38 27.40
C HIS B 450 25.70 -50.48 27.72
N TYR B 451 24.53 -50.79 27.17
CA TYR B 451 23.28 -49.97 27.29
C TYR B 451 22.58 -50.26 28.62
N ALA B 452 22.09 -49.23 29.29
CA ALA B 452 21.10 -49.38 30.36
C ALA B 452 20.15 -48.19 30.31
N LEU B 453 18.84 -48.42 30.25
CA LEU B 453 17.84 -47.34 30.30
C LEU B 453 18.11 -46.50 31.55
N GLY B 454 18.14 -47.15 32.71
CA GLY B 454 18.41 -46.51 34.01
C GLY B 454 17.14 -45.89 34.55
N THR B 455 16.58 -44.91 33.83
CA THR B 455 15.31 -44.25 34.22
C THR B 455 14.59 -43.78 32.94
N ASN B 456 13.27 -43.67 33.02
CA ASN B 456 12.45 -43.03 31.96
C ASN B 456 12.45 -41.52 32.22
N LEU B 457 12.16 -40.74 31.16
CA LEU B 457 12.27 -39.26 31.13
C LEU B 457 11.60 -38.68 32.37
N THR B 458 10.38 -39.10 32.69
CA THR B 458 9.57 -38.62 33.84
C THR B 458 9.17 -39.77 34.78
N SER B 459 10.15 -40.41 35.41
CA SER B 459 9.96 -41.56 36.35
C SER B 459 10.36 -41.12 37.76
N HIS B 460 9.76 -41.75 38.77
CA HIS B 460 10.20 -41.64 40.19
C HIS B 460 10.55 -43.04 40.75
N SER B 461 10.58 -44.06 39.90
CA SER B 461 11.03 -45.42 40.28
C SER B 461 12.55 -45.50 40.11
N THR B 462 13.18 -46.27 41.00
CA THR B 462 14.63 -46.62 41.00
C THR B 462 14.82 -48.01 40.38
N SER B 463 13.74 -48.70 40.02
CA SER B 463 13.74 -50.04 39.36
C SER B 463 15.00 -50.22 38.51
N GLY B 464 15.29 -49.26 37.63
CA GLY B 464 16.33 -49.36 36.60
C GLY B 464 17.70 -48.96 37.08
N PHE B 465 17.83 -48.34 38.26
CA PHE B 465 19.13 -47.79 38.73
C PHE B 465 20.13 -48.95 38.86
N GLU B 466 19.76 -50.02 39.59
CA GLU B 466 20.68 -51.16 39.88
C GLU B 466 21.39 -51.56 38.57
N GLU B 467 20.62 -51.88 37.53
CA GLU B 467 21.11 -52.39 36.21
C GLU B 467 22.09 -51.39 35.55
N ALA B 468 21.89 -50.07 35.75
CA ALA B 468 22.67 -48.99 35.10
C ALA B 468 24.01 -48.85 35.80
N LEU B 469 24.00 -48.77 37.14
CA LEU B 469 25.21 -48.68 38.01
C LEU B 469 26.18 -49.82 37.67
N THR B 470 25.65 -51.03 37.55
CA THR B 470 26.42 -52.29 37.34
C THR B 470 27.01 -52.26 35.93
N ALA B 471 26.32 -51.68 34.94
CA ALA B 471 26.81 -51.51 33.54
C ALA B 471 27.92 -50.47 33.48
N ALA B 472 27.80 -49.38 34.26
CA ALA B 472 28.78 -48.27 34.40
C ALA B 472 30.11 -48.79 34.95
N LYS B 473 30.06 -49.73 35.91
CA LYS B 473 31.25 -50.36 36.55
C LYS B 473 32.03 -51.16 35.50
N GLN B 474 31.38 -52.10 34.82
CA GLN B 474 31.93 -52.84 33.64
C GLN B 474 32.88 -51.93 32.84
N ALA B 475 32.42 -50.74 32.45
CA ALA B 475 32.96 -49.95 31.32
C ALA B 475 33.94 -48.87 31.81
N ASP B 476 34.75 -48.33 30.87
CA ASP B 476 35.82 -47.31 31.06
C ASP B 476 35.28 -45.88 31.26
N ALA B 477 34.07 -45.55 30.80
CA ALA B 477 33.49 -44.17 30.84
C ALA B 477 31.95 -44.18 30.72
N ILE B 478 31.26 -43.21 31.31
CA ILE B 478 29.77 -43.11 31.35
C ILE B 478 29.25 -41.93 30.50
N ILE B 479 28.50 -42.23 29.43
CA ILE B 479 27.62 -41.26 28.68
C ILE B 479 26.19 -41.37 29.20
N PHE B 480 25.70 -40.37 29.95
CA PHE B 480 24.27 -40.25 30.38
C PHE B 480 23.50 -39.29 29.47
N ALA B 481 22.59 -39.81 28.65
CA ALA B 481 21.74 -39.03 27.72
C ALA B 481 20.35 -38.83 28.36
N GLY B 482 20.08 -37.62 28.86
CA GLY B 482 18.78 -37.23 29.41
C GLY B 482 18.34 -35.87 28.89
N GLY B 483 17.43 -35.23 29.63
CA GLY B 483 16.89 -33.90 29.31
C GLY B 483 15.38 -33.92 29.20
N ILE B 484 14.86 -33.18 28.24
CA ILE B 484 13.39 -33.07 27.99
C ILE B 484 13.12 -33.41 26.53
N ASP B 485 11.87 -33.68 26.19
CA ASP B 485 11.46 -33.89 24.79
C ASP B 485 10.02 -33.41 24.70
N ASN B 486 9.31 -33.77 23.61
CA ASN B 486 7.97 -33.20 23.30
C ASN B 486 6.89 -33.82 24.20
N THR B 487 7.24 -34.77 25.08
CA THR B 487 6.35 -35.23 26.18
C THR B 487 6.31 -34.15 27.27
N ILE B 488 7.26 -33.21 27.26
CA ILE B 488 7.41 -32.13 28.28
C ILE B 488 7.12 -30.78 27.61
N GLU B 489 7.80 -30.49 26.49
CA GLU B 489 7.64 -29.24 25.70
C GLU B 489 7.10 -29.56 24.28
N ALA B 490 5.91 -29.04 23.96
CA ALA B 490 5.32 -29.08 22.61
C ALA B 490 4.30 -27.96 22.41
N GLU B 491 3.83 -27.81 21.18
CA GLU B 491 2.63 -26.99 20.83
C GLU B 491 1.48 -27.36 21.77
N ALA B 492 0.76 -26.37 22.28
CA ALA B 492 -0.36 -26.50 23.24
C ALA B 492 0.14 -26.99 24.59
N MET B 493 1.45 -27.09 24.83
CA MET B 493 1.97 -27.64 26.11
C MET B 493 3.25 -26.91 26.55
N ASP B 494 3.09 -25.84 27.29
CA ASP B 494 4.20 -25.14 27.99
C ASP B 494 4.64 -25.98 29.19
N ARG B 495 5.88 -25.79 29.65
CA ARG B 495 6.35 -26.37 30.92
C ARG B 495 5.74 -25.59 32.06
N GLU B 496 5.63 -26.22 33.21
CA GLU B 496 5.16 -25.55 34.44
C GLU B 496 6.36 -25.27 35.34
N ASN B 497 7.54 -25.81 34.98
CA ASN B 497 8.83 -25.56 35.66
C ASN B 497 9.95 -25.74 34.64
N ILE B 498 11.18 -25.37 35.00
CA ILE B 498 12.37 -25.43 34.10
C ILE B 498 13.50 -26.25 34.76
N THR B 499 13.12 -27.28 35.52
CA THR B 499 14.03 -28.26 36.16
C THR B 499 14.06 -29.55 35.33
N TRP B 500 15.14 -30.32 35.41
CA TRP B 500 15.18 -31.70 34.87
C TRP B 500 13.93 -32.46 35.34
N PRO B 501 13.32 -33.29 34.49
CA PRO B 501 12.17 -34.09 34.94
C PRO B 501 12.54 -35.41 35.65
N GLY B 502 11.60 -35.90 36.45
CA GLY B 502 11.69 -37.19 37.16
C GLY B 502 12.90 -37.27 38.06
N ASN B 503 13.68 -38.35 37.96
CA ASN B 503 14.80 -38.66 38.87
C ASN B 503 16.09 -38.77 38.07
N GLN B 504 16.13 -38.22 36.86
CA GLN B 504 17.33 -38.29 35.97
C GLN B 504 18.55 -37.76 36.72
N LEU B 505 18.36 -36.69 37.52
CA LEU B 505 19.43 -36.01 38.28
C LEU B 505 19.95 -36.97 39.37
N ASP B 506 19.03 -37.54 40.16
CA ASP B 506 19.32 -38.53 41.22
C ASP B 506 20.21 -39.63 40.63
N LEU B 507 19.87 -40.14 39.44
CA LEU B 507 20.67 -41.21 38.77
C LEU B 507 22.05 -40.67 38.38
N ILE B 508 22.14 -39.48 37.77
CA ILE B 508 23.44 -38.87 37.30
C ILE B 508 24.38 -38.76 38.50
N SER B 509 23.82 -38.42 39.65
CA SER B 509 24.53 -38.23 40.95
C SER B 509 25.25 -39.54 41.34
N LYS B 510 24.50 -40.62 41.51
CA LYS B 510 25.01 -41.98 41.84
C LYS B 510 26.11 -42.37 40.83
N LEU B 511 25.97 -41.99 39.56
CA LEU B 511 26.96 -42.35 38.52
C LEU B 511 28.23 -41.52 38.73
N SER B 512 28.11 -40.37 39.38
CA SER B 512 29.23 -39.43 39.62
C SER B 512 30.24 -40.07 40.59
N GLU B 513 29.76 -40.60 41.71
CA GLU B 513 30.56 -41.27 42.75
C GLU B 513 30.92 -42.70 42.33
N LEU B 514 31.72 -42.88 41.27
CA LEU B 514 32.20 -44.21 40.82
C LEU B 514 33.63 -44.09 40.27
N GLY B 515 34.31 -42.98 40.61
CA GLY B 515 35.57 -42.54 39.97
C GLY B 515 35.61 -42.83 38.47
N LYS B 516 34.48 -42.70 37.79
CA LYS B 516 34.41 -42.98 36.33
C LYS B 516 34.26 -41.67 35.58
N PRO B 517 34.89 -41.54 34.39
CA PRO B 517 34.58 -40.46 33.45
C PRO B 517 33.08 -40.35 33.17
N LEU B 518 32.43 -39.28 33.63
CA LEU B 518 30.96 -39.02 33.48
C LEU B 518 30.67 -37.85 32.52
N VAL B 519 30.17 -38.17 31.34
CA VAL B 519 29.65 -37.20 30.32
C VAL B 519 28.11 -37.15 30.37
N VAL B 520 27.54 -35.95 30.55
CA VAL B 520 26.06 -35.77 30.50
C VAL B 520 25.69 -35.06 29.19
N LEU B 521 24.82 -35.69 28.40
CA LEU B 521 24.01 -35.05 27.32
C LEU B 521 22.68 -34.54 27.90
N GLN B 522 22.50 -33.22 27.90
CA GLN B 522 21.22 -32.51 28.18
C GLN B 522 20.54 -32.16 26.84
N MET B 523 19.48 -32.88 26.52
CA MET B 523 18.75 -32.79 25.23
C MET B 523 17.42 -32.06 25.45
N GLY B 524 16.79 -31.65 24.35
CA GLY B 524 15.56 -30.83 24.38
C GLY B 524 15.85 -29.44 23.90
N GLY B 525 14.82 -28.62 23.74
CA GLY B 525 14.93 -27.28 23.14
C GLY B 525 15.09 -26.23 24.21
N GLY B 526 14.09 -26.12 25.08
CA GLY B 526 14.18 -25.40 26.35
C GLY B 526 15.37 -25.90 27.16
N GLN B 527 15.79 -25.07 28.10
CA GLN B 527 16.98 -25.29 28.96
C GLN B 527 16.46 -25.80 30.30
N VAL B 528 17.25 -26.63 30.97
CA VAL B 528 16.89 -27.19 32.31
C VAL B 528 17.96 -26.74 33.29
N ASP B 529 17.58 -26.56 34.55
CA ASP B 529 18.48 -26.11 35.62
C ASP B 529 19.52 -27.21 35.90
N SER B 530 20.73 -27.01 35.40
CA SER B 530 21.89 -27.94 35.51
C SER B 530 22.87 -27.45 36.60
N SER B 531 22.42 -26.56 37.50
CA SER B 531 23.24 -25.98 38.60
C SER B 531 23.98 -27.11 39.33
N SER B 532 23.22 -28.12 39.80
CA SER B 532 23.73 -29.32 40.50
C SER B 532 24.80 -30.05 39.68
N LEU B 533 24.67 -30.14 38.35
CA LEU B 533 25.71 -30.76 37.48
C LEU B 533 26.85 -29.77 37.30
N LYS B 534 26.62 -28.47 37.51
CA LYS B 534 27.67 -27.44 37.32
C LYS B 534 28.71 -27.59 38.45
N ASP B 535 28.27 -27.48 39.70
CA ASP B 535 29.15 -27.44 40.90
C ASP B 535 29.40 -28.85 41.44
N ASN B 536 29.40 -29.89 40.59
CA ASN B 536 29.71 -31.29 40.98
C ASN B 536 30.86 -31.79 40.11
N ASP B 537 32.07 -31.84 40.69
CA ASP B 537 33.35 -32.06 39.97
C ASP B 537 33.40 -33.46 39.35
N ASN B 538 32.51 -34.38 39.74
CA ASN B 538 32.58 -35.78 39.22
C ASN B 538 31.86 -35.86 37.87
N VAL B 539 30.76 -35.13 37.69
CA VAL B 539 30.22 -34.86 36.33
C VAL B 539 31.31 -34.05 35.61
N ASN B 540 31.96 -34.68 34.65
CA ASN B 540 33.20 -34.15 34.03
C ASN B 540 32.79 -33.16 32.95
N ALA B 541 31.88 -33.60 32.08
CA ALA B 541 31.47 -32.92 30.83
C ALA B 541 29.94 -32.81 30.78
N LEU B 542 29.46 -31.71 30.16
CA LEU B 542 28.03 -31.42 29.91
C LEU B 542 27.88 -30.88 28.48
N ILE B 543 26.99 -31.51 27.70
CA ILE B 543 26.63 -31.09 26.32
C ILE B 543 25.12 -30.82 26.26
N TRP B 544 24.73 -29.64 25.79
CA TRP B 544 23.39 -29.36 25.24
C TRP B 544 23.39 -29.84 23.79
N GLY B 545 22.56 -30.82 23.44
CA GLY B 545 22.43 -31.39 22.08
C GLY B 545 21.08 -31.09 21.43
N GLY B 546 20.26 -30.24 22.07
CA GLY B 546 18.96 -29.77 21.54
C GLY B 546 18.14 -30.88 20.90
N TYR B 547 17.90 -30.77 19.59
CA TYR B 547 17.15 -31.74 18.75
C TYR B 547 17.92 -31.94 17.45
N PRO B 548 18.90 -32.87 17.42
CA PRO B 548 19.90 -32.89 16.36
C PRO B 548 19.54 -33.66 15.07
N GLY B 549 18.29 -34.10 14.94
CA GLY B 549 17.75 -34.62 13.67
C GLY B 549 18.26 -36.00 13.27
N GLN B 550 18.12 -36.33 11.98
CA GLN B 550 18.16 -37.72 11.43
C GLN B 550 19.50 -38.39 11.74
N SER B 551 20.57 -37.62 11.90
CA SER B 551 21.96 -38.12 12.09
C SER B 551 22.50 -37.65 13.45
N GLY B 552 21.62 -37.35 14.39
CA GLY B 552 22.01 -36.75 15.69
C GLY B 552 23.05 -37.59 16.43
N GLY B 553 22.88 -38.92 16.42
CA GLY B 553 23.72 -39.87 17.16
C GLY B 553 25.12 -39.97 16.59
N HIS B 554 25.24 -40.00 15.26
CA HIS B 554 26.56 -39.93 14.59
C HIS B 554 27.21 -38.64 15.01
N ALA B 555 26.46 -37.54 15.08
CA ALA B 555 26.99 -36.20 15.41
C ALA B 555 27.52 -36.23 16.84
N LEU B 556 26.70 -36.64 17.81
CA LEU B 556 27.03 -36.63 19.26
C LEU B 556 28.21 -37.58 19.56
N ALA B 557 28.11 -38.83 19.13
CA ALA B 557 29.21 -39.83 19.19
C ALA B 557 30.51 -39.21 18.65
N ASP B 558 30.48 -38.64 17.44
CA ASP B 558 31.69 -38.10 16.74
C ASP B 558 32.25 -36.88 17.47
N ILE B 559 31.42 -36.09 18.14
CA ILE B 559 31.90 -34.95 18.99
C ILE B 559 32.66 -35.57 20.17
N ILE B 560 32.06 -36.59 20.80
CA ILE B 560 32.52 -37.22 22.07
C ILE B 560 33.87 -37.92 21.82
N THR B 561 33.96 -38.79 20.81
CA THR B 561 35.17 -39.52 20.39
C THR B 561 36.20 -38.58 19.75
N GLY B 562 35.92 -37.28 19.66
CA GLY B 562 36.78 -36.26 19.03
C GLY B 562 36.98 -36.39 17.52
N LYS B 563 36.18 -37.16 16.77
CA LYS B 563 36.26 -37.23 15.28
C LYS B 563 35.91 -35.87 14.65
N ARG B 564 35.12 -35.07 15.37
CA ARG B 564 34.80 -33.65 15.08
C ARG B 564 34.88 -32.91 16.44
N ALA B 565 35.07 -31.58 16.41
CA ALA B 565 35.18 -30.73 17.61
C ALA B 565 33.94 -29.83 17.70
N PRO B 566 33.44 -29.49 18.91
CA PRO B 566 32.30 -28.59 19.06
C PRO B 566 32.68 -27.10 19.11
N ALA B 567 31.85 -26.24 18.48
CA ALA B 567 32.02 -24.77 18.43
C ALA B 567 30.69 -24.06 18.68
N GLY B 568 29.58 -24.79 18.60
CA GLY B 568 28.23 -24.26 18.86
C GLY B 568 28.21 -23.43 20.14
N ARG B 569 27.16 -22.66 20.37
CA ARG B 569 26.95 -21.88 21.61
C ARG B 569 25.45 -21.73 21.87
N LEU B 570 25.07 -21.62 23.14
CA LEU B 570 23.67 -21.50 23.58
C LEU B 570 23.08 -20.32 22.84
N VAL B 571 21.79 -20.39 22.50
CA VAL B 571 21.05 -19.24 21.91
C VAL B 571 19.87 -18.88 22.81
N THR B 572 19.82 -19.43 24.03
CA THR B 572 18.95 -18.96 25.15
C THR B 572 19.72 -19.04 26.46
N THR B 573 19.31 -18.25 27.45
CA THR B 573 19.74 -18.34 28.88
C THR B 573 19.25 -19.68 29.44
N GLN B 574 20.07 -20.40 30.21
CA GLN B 574 19.63 -21.45 31.18
C GLN B 574 19.39 -20.77 32.53
N TYR B 575 18.15 -20.44 32.84
CA TYR B 575 17.76 -19.75 34.09
C TYR B 575 17.70 -20.77 35.23
N PRO B 576 17.85 -20.32 36.49
CA PRO B 576 17.63 -21.18 37.65
C PRO B 576 16.12 -21.43 37.88
N ALA B 577 15.82 -22.60 38.45
CA ALA B 577 14.43 -23.02 38.78
C ALA B 577 13.58 -21.81 39.15
N GLU B 578 14.08 -20.96 40.05
CA GLU B 578 13.24 -19.97 40.80
C GLU B 578 12.62 -18.97 39.78
N TYR B 579 13.33 -18.65 38.69
CA TYR B 579 12.89 -17.73 37.59
C TYR B 579 11.45 -18.03 37.16
N ALA B 580 11.13 -19.33 36.98
CA ALA B 580 9.81 -19.83 36.53
C ALA B 580 8.78 -19.74 37.66
N GLU B 581 9.19 -19.39 38.89
CA GLU B 581 8.26 -19.38 40.05
C GLU B 581 7.91 -17.94 40.43
N VAL B 582 8.81 -16.98 40.20
CA VAL B 582 8.77 -15.69 40.97
C VAL B 582 7.89 -14.63 40.28
N PHE B 583 7.59 -14.76 38.99
CA PHE B 583 6.63 -13.87 38.27
C PHE B 583 5.96 -14.63 37.15
N PRO B 584 4.72 -14.24 36.80
CA PRO B 584 3.98 -14.95 35.77
C PRO B 584 4.63 -14.92 34.36
N ALA B 585 4.57 -16.03 33.63
CA ALA B 585 5.17 -16.18 32.28
C ALA B 585 4.39 -15.36 31.24
N ILE B 586 3.20 -14.87 31.58
CA ILE B 586 2.36 -14.06 30.64
C ILE B 586 2.56 -12.57 30.88
N ASP B 587 3.51 -12.18 31.73
CA ASP B 587 3.98 -10.77 31.83
C ASP B 587 4.98 -10.56 30.69
N MET B 588 4.65 -9.73 29.71
CA MET B 588 5.48 -9.49 28.49
C MET B 588 6.58 -8.46 28.78
N ASN B 589 6.49 -7.73 29.90
CA ASN B 589 7.40 -6.60 30.21
C ASN B 589 8.81 -7.17 30.45
N LEU B 590 9.75 -6.81 29.56
CA LEU B 590 11.14 -7.32 29.51
C LEU B 590 12.00 -6.61 30.55
N ARG B 591 11.67 -5.35 30.85
CA ARG B 591 12.52 -4.47 31.70
C ARG B 591 12.25 -4.91 33.12
N PRO B 592 13.27 -4.96 34.02
CA PRO B 592 13.09 -5.40 35.40
C PRO B 592 12.13 -4.47 36.16
N ASN B 593 11.07 -5.02 36.74
CA ASN B 593 10.11 -4.31 37.63
C ASN B 593 10.10 -5.03 39.00
N GLU B 594 10.92 -4.55 39.96
CA GLU B 594 11.01 -5.10 41.35
C GLU B 594 9.60 -5.17 41.96
N THR B 595 8.80 -4.14 41.85
CA THR B 595 7.41 -4.09 42.42
C THR B 595 6.60 -5.34 42.02
N SER B 596 6.74 -5.83 40.78
CA SER B 596 5.90 -6.91 40.20
C SER B 596 6.52 -8.27 40.51
N GLY B 597 7.85 -8.33 40.64
CA GLY B 597 8.59 -9.58 40.86
C GLY B 597 9.50 -9.89 39.70
N ASN B 598 9.41 -9.12 38.61
CA ASN B 598 10.12 -9.34 37.32
C ASN B 598 11.59 -9.00 37.49
N PRO B 599 12.50 -10.00 37.42
CA PRO B 599 13.94 -9.74 37.42
C PRO B 599 14.53 -9.26 36.09
N GLY B 600 13.67 -9.04 35.10
CA GLY B 600 14.06 -8.71 33.72
C GLY B 600 14.29 -9.97 32.93
N GLN B 601 13.82 -10.01 31.67
CA GLN B 601 13.77 -11.24 30.83
C GLN B 601 14.83 -11.17 29.73
N THR B 602 15.43 -12.31 29.41
CA THR B 602 16.46 -12.53 28.36
C THR B 602 17.82 -12.06 28.90
N TYR B 603 18.90 -12.39 28.21
CA TYR B 603 20.26 -11.98 28.63
C TYR B 603 20.29 -10.45 28.77
N MET B 604 19.54 -9.73 27.92
CA MET B 604 19.52 -8.24 27.80
C MET B 604 19.10 -7.55 29.10
N TRP B 605 18.23 -8.16 29.90
CA TRP B 605 17.58 -7.45 31.03
C TRP B 605 17.70 -8.22 32.35
N TYR B 606 18.17 -9.48 32.34
CA TYR B 606 18.05 -10.37 33.53
C TYR B 606 19.09 -9.94 34.56
N THR B 607 18.62 -9.61 35.76
CA THR B 607 19.40 -9.13 36.93
C THR B 607 19.60 -10.25 37.98
N GLY B 608 19.39 -11.52 37.61
CA GLY B 608 19.82 -12.68 38.43
C GLY B 608 21.01 -13.37 37.80
N THR B 609 21.33 -14.58 38.24
CA THR B 609 22.55 -15.32 37.81
C THR B 609 22.15 -16.56 37.01
N PRO B 610 22.31 -16.52 35.67
CA PRO B 610 22.11 -17.73 34.88
C PRO B 610 23.00 -18.87 35.40
N VAL B 611 22.52 -20.10 35.28
CA VAL B 611 23.37 -21.31 35.46
C VAL B 611 24.38 -21.31 34.31
N TYR B 612 23.91 -21.21 33.08
CA TYR B 612 24.75 -21.02 31.86
C TYR B 612 24.14 -19.88 31.06
N GLU B 613 24.99 -19.00 30.49
CA GLU B 613 24.57 -17.71 29.90
C GLU B 613 24.28 -17.90 28.41
N PHE B 614 23.29 -17.16 27.88
CA PHE B 614 23.19 -16.87 26.44
C PHE B 614 24.61 -16.68 25.90
N GLY B 615 25.01 -17.42 24.87
CA GLY B 615 26.29 -17.23 24.17
C GLY B 615 27.39 -18.18 24.63
N HIS B 616 27.25 -18.75 25.84
CA HIS B 616 28.20 -19.72 26.46
C HIS B 616 28.43 -20.97 25.61
N GLY B 617 29.70 -21.25 25.27
CA GLY B 617 30.16 -22.45 24.52
C GLY B 617 31.62 -22.79 24.83
N LEU B 618 32.09 -24.00 24.50
CA LEU B 618 33.52 -24.41 24.69
C LEU B 618 34.07 -25.08 23.43
N PHE B 619 35.39 -25.24 23.38
CA PHE B 619 36.11 -25.94 22.28
C PHE B 619 37.13 -26.93 22.86
N TYR B 620 37.59 -27.81 21.97
CA TYR B 620 38.61 -28.86 22.20
C TYR B 620 40.01 -28.27 21.90
N THR B 621 40.18 -26.97 22.15
CA THR B 621 41.42 -26.19 21.86
C THR B 621 41.29 -24.84 22.57
N THR B 622 42.30 -23.99 22.47
CA THR B 622 42.31 -22.67 23.14
C THR B 622 42.57 -21.59 22.09
N PHE B 623 42.05 -20.40 22.34
CA PHE B 623 42.04 -19.27 21.38
C PHE B 623 42.70 -18.04 22.02
N GLU B 624 43.59 -17.44 21.23
CA GLU B 624 44.20 -16.11 21.48
C GLU B 624 43.48 -15.08 20.58
N GLU B 625 42.78 -14.13 21.22
CA GLU B 625 41.88 -13.16 20.56
C GLU B 625 42.39 -11.75 20.85
N SER B 626 42.53 -10.90 19.81
CA SER B 626 42.98 -9.49 19.95
C SER B 626 42.84 -8.73 18.61
N THR B 627 43.06 -7.40 18.63
CA THR B 627 42.67 -6.46 17.55
C THR B 627 43.71 -5.33 17.35
N GLU B 628 43.77 -4.74 16.13
CA GLU B 628 44.60 -3.55 15.77
C GLU B 628 44.01 -2.28 16.42
N THR B 629 42.77 -1.88 16.08
CA THR B 629 42.11 -0.63 16.57
C THR B 629 41.16 -0.96 17.73
N THR B 630 41.56 -0.69 18.98
CA THR B 630 40.78 -1.00 20.21
C THR B 630 40.02 0.25 20.70
N ASP B 631 40.13 1.36 19.98
CA ASP B 631 39.17 2.50 20.08
C ASP B 631 38.99 3.01 18.64
N ALA B 632 37.80 2.79 18.05
CA ALA B 632 37.45 3.18 16.67
C ALA B 632 37.00 4.65 16.63
N GLY B 633 36.97 5.31 17.79
CA GLY B 633 36.90 6.78 17.89
C GLY B 633 35.48 7.23 17.82
N SER B 634 35.26 8.52 17.56
CA SER B 634 33.92 9.18 17.48
C SER B 634 33.33 9.09 16.05
N PHE B 635 32.00 9.15 15.98
CA PHE B 635 31.20 9.27 14.73
C PHE B 635 30.08 10.26 15.02
N ASN B 636 29.83 11.18 14.08
CA ASN B 636 28.68 12.11 14.19
C ASN B 636 27.48 11.39 13.57
N ILE B 637 26.35 11.41 14.30
CA ILE B 637 25.08 10.71 13.96
C ILE B 637 24.52 11.38 12.69
N GLN B 638 24.42 12.73 12.74
CA GLN B 638 24.01 13.58 11.59
C GLN B 638 24.95 13.33 10.41
N THR B 639 26.26 13.19 10.61
CA THR B 639 27.23 12.88 9.52
C THR B 639 26.93 11.50 8.96
N VAL B 640 26.89 10.45 9.81
CA VAL B 640 26.67 9.03 9.40
C VAL B 640 25.41 9.00 8.53
N LEU B 641 24.36 9.71 8.96
CA LEU B 641 22.99 9.61 8.39
C LEU B 641 22.82 10.45 7.13
N THR B 642 23.71 11.40 6.82
CA THR B 642 23.47 12.44 5.79
C THR B 642 24.43 12.30 4.61
N THR B 643 25.27 11.28 4.63
CA THR B 643 26.15 10.93 3.48
C THR B 643 25.33 10.07 2.52
N PRO B 644 25.78 9.82 1.28
CA PRO B 644 25.14 8.82 0.42
C PRO B 644 25.14 7.46 1.11
N HIS B 645 24.17 6.63 0.73
CA HIS B 645 24.03 5.22 1.19
C HIS B 645 23.88 4.34 -0.05
N SER B 646 24.74 4.56 -1.03
CA SER B 646 24.85 3.72 -2.25
C SER B 646 24.80 2.25 -1.84
N GLY B 647 23.85 1.48 -2.40
CA GLY B 647 23.70 0.03 -2.24
C GLY B 647 22.62 -0.34 -1.23
N TYR B 648 22.25 0.57 -0.33
CA TYR B 648 21.23 0.35 0.73
C TYR B 648 19.96 1.15 0.42
N GLU B 649 18.79 0.55 0.68
CA GLU B 649 17.47 1.22 0.56
C GLU B 649 17.42 2.28 1.67
N HIS B 650 18.01 2.01 2.82
CA HIS B 650 17.90 2.88 4.01
C HIS B 650 19.30 3.27 4.52
N ALA B 651 19.47 4.53 4.88
CA ALA B 651 20.72 5.10 5.44
C ALA B 651 21.26 4.22 6.58
N GLN B 652 20.36 3.80 7.49
CA GLN B 652 20.68 3.08 8.75
C GLN B 652 21.15 1.65 8.44
N GLN B 653 21.02 1.20 7.19
CA GLN B 653 21.46 -0.16 6.77
C GLN B 653 22.98 -0.23 6.62
N LYS B 654 23.67 0.92 6.49
CA LYS B 654 25.15 0.99 6.26
C LYS B 654 25.93 0.45 7.48
N THR B 655 27.10 -0.15 7.23
CA THR B 655 28.14 -0.44 8.26
C THR B 655 28.60 0.86 8.93
N LEU B 656 28.44 0.98 10.25
CA LEU B 656 28.95 2.12 11.06
C LEU B 656 30.45 1.96 11.24
N LEU B 657 30.89 0.73 11.49
CA LEU B 657 32.31 0.33 11.73
C LEU B 657 32.36 -1.20 11.67
N ASN B 658 33.49 -1.73 11.23
CA ASN B 658 33.81 -3.17 11.38
C ASN B 658 34.30 -3.42 12.82
N PHE B 659 33.94 -4.58 13.35
CA PHE B 659 34.61 -5.21 14.51
C PHE B 659 35.60 -6.22 13.94
N THR B 660 36.90 -5.96 14.12
CA THR B 660 37.98 -6.83 13.62
C THR B 660 38.74 -7.40 14.83
N ALA B 661 39.27 -8.60 14.68
CA ALA B 661 40.21 -9.21 15.63
C ALA B 661 41.06 -10.25 14.89
N THR B 662 42.17 -10.68 15.52
CA THR B 662 42.95 -11.89 15.15
C THR B 662 42.59 -12.98 16.16
N VAL B 663 42.52 -14.21 15.68
CA VAL B 663 42.14 -15.41 16.50
C VAL B 663 43.11 -16.53 16.12
N LYS B 664 44.05 -16.83 17.02
CA LYS B 664 45.10 -17.89 16.88
C LYS B 664 44.66 -19.11 17.69
N ASN B 665 44.78 -20.29 17.07
CA ASN B 665 44.64 -21.63 17.71
C ASN B 665 45.93 -21.92 18.51
N THR B 666 45.85 -21.80 19.85
CA THR B 666 47.00 -21.94 20.80
C THR B 666 46.88 -23.22 21.65
N GLY B 667 46.14 -24.23 21.19
CA GLY B 667 45.85 -25.44 21.97
C GLY B 667 46.18 -26.71 21.20
N GLU B 668 45.67 -27.86 21.66
CA GLU B 668 45.98 -29.20 21.11
C GLU B 668 45.45 -29.31 19.68
N ARG B 669 44.15 -29.00 19.47
CA ARG B 669 43.35 -29.53 18.34
C ARG B 669 42.94 -28.42 17.34
N GLU B 670 43.00 -28.74 16.04
CA GLU B 670 42.22 -28.07 14.95
C GLU B 670 40.77 -27.88 15.41
N SER B 671 40.14 -26.76 15.04
CA SER B 671 38.68 -26.55 15.26
C SER B 671 38.17 -25.26 14.61
N ASP B 672 36.85 -25.21 14.38
CA ASP B 672 36.07 -23.99 14.07
C ASP B 672 36.07 -23.09 15.31
N TYR B 673 35.67 -21.84 15.15
CA TYR B 673 35.50 -20.83 16.21
C TYR B 673 34.25 -20.03 15.88
N THR B 674 33.47 -19.74 16.91
CA THR B 674 32.23 -18.94 16.84
C THR B 674 32.46 -17.68 17.69
N ALA B 675 31.89 -16.56 17.25
CA ALA B 675 31.91 -15.27 17.97
C ALA B 675 30.49 -14.72 17.99
N LEU B 676 30.06 -14.12 19.12
CA LEU B 676 28.86 -13.24 19.22
C LEU B 676 29.32 -11.86 19.72
N VAL B 677 29.33 -10.85 18.84
CA VAL B 677 29.70 -9.44 19.19
C VAL B 677 28.50 -8.75 19.81
N TYR B 678 28.61 -8.27 21.05
CA TYR B 678 27.57 -7.51 21.79
C TYR B 678 27.94 -6.02 21.80
N VAL B 679 26.95 -5.14 21.98
CA VAL B 679 27.13 -3.70 22.34
C VAL B 679 26.55 -3.54 23.72
N ASN B 680 27.07 -2.58 24.49
CA ASN B 680 26.40 -1.99 25.67
C ASN B 680 26.68 -0.49 25.63
N THR B 681 25.92 0.30 26.41
CA THR B 681 25.92 1.78 26.36
C THR B 681 25.10 2.33 27.52
N THR B 682 25.41 3.56 27.91
CA THR B 682 24.65 4.41 28.86
C THR B 682 23.91 5.49 28.03
N ALA B 683 24.08 5.46 26.70
CA ALA B 683 23.36 6.32 25.72
C ALA B 683 21.86 6.03 25.78
N GLY B 684 21.04 7.06 25.62
CA GLY B 684 19.58 6.93 25.55
C GLY B 684 18.99 6.91 26.95
N PRO B 685 17.65 6.77 27.10
CA PRO B 685 17.01 6.76 28.42
C PRO B 685 17.22 5.45 29.20
N ALA B 686 17.10 5.56 30.54
CA ALA B 686 17.08 4.44 31.50
C ALA B 686 15.68 3.82 31.50
N PRO B 687 15.55 2.51 31.82
CA PRO B 687 16.67 1.68 32.24
C PRO B 687 17.54 1.32 31.04
N TYR B 688 18.68 0.67 31.28
CA TYR B 688 19.70 0.32 30.26
C TYR B 688 19.77 -1.20 30.14
N PRO B 689 19.67 -1.79 28.93
CA PRO B 689 20.01 -3.20 28.76
C PRO B 689 21.44 -3.44 29.28
N LYS B 690 21.80 -4.69 29.53
CA LYS B 690 23.17 -5.05 29.98
C LYS B 690 24.07 -5.08 28.75
N LYS B 691 23.63 -5.80 27.72
CA LYS B 691 24.29 -5.79 26.38
C LYS B 691 23.21 -6.19 25.37
N TRP B 692 23.55 -6.28 24.07
CA TRP B 692 22.65 -6.87 23.04
C TRP B 692 23.45 -7.20 21.78
N VAL B 693 23.18 -8.35 21.17
CA VAL B 693 23.92 -8.87 19.98
C VAL B 693 23.78 -7.86 18.83
N VAL B 694 24.84 -7.68 18.04
CA VAL B 694 24.87 -6.82 16.81
C VAL B 694 25.62 -7.54 15.70
N GLY B 695 26.17 -8.72 15.98
CA GLY B 695 26.70 -9.59 14.93
C GLY B 695 27.27 -10.86 15.51
N PHE B 696 27.80 -11.72 14.64
CA PHE B 696 28.19 -13.11 14.98
C PHE B 696 28.90 -13.66 13.76
N ASP B 697 29.90 -14.54 13.95
CA ASP B 697 30.51 -15.25 12.80
C ASP B 697 30.97 -16.64 13.25
N ARG B 698 31.33 -17.47 12.28
CA ARG B 698 31.98 -18.77 12.49
C ARG B 698 33.16 -18.88 11.53
N LEU B 699 34.37 -18.91 12.10
CA LEU B 699 35.65 -19.20 11.39
C LEU B 699 35.81 -20.71 11.32
N GLY B 700 36.43 -21.22 10.27
CA GLY B 700 36.44 -22.66 9.93
C GLY B 700 37.84 -23.20 9.74
N GLY B 701 38.13 -24.34 10.37
CA GLY B 701 39.32 -25.18 10.10
C GLY B 701 40.62 -24.55 10.58
N LEU B 702 40.64 -23.97 11.79
CA LEU B 702 41.86 -23.37 12.41
C LEU B 702 42.74 -24.49 12.98
N GLU B 703 43.80 -24.86 12.23
CA GLU B 703 44.90 -25.77 12.69
C GLU B 703 45.63 -25.09 13.85
N PRO B 704 46.31 -25.83 14.75
CA PRO B 704 47.06 -25.19 15.84
C PRO B 704 48.26 -24.42 15.23
N GLY B 705 48.52 -23.23 15.76
CA GLY B 705 49.45 -22.24 15.17
C GLY B 705 48.69 -21.20 14.37
N ASP B 706 47.87 -21.65 13.41
CA ASP B 706 47.04 -20.83 12.47
C ASP B 706 46.31 -19.68 13.20
N SER B 707 46.27 -18.52 12.56
CA SER B 707 45.40 -17.36 12.92
C SER B 707 44.48 -17.01 11.73
N GLN B 708 43.25 -16.60 12.03
CA GLN B 708 42.26 -16.04 11.06
C GLN B 708 41.71 -14.75 11.66
N THR B 709 41.42 -13.76 10.82
CA THR B 709 40.92 -12.43 11.24
C THR B 709 39.39 -12.46 11.20
N LEU B 710 38.75 -12.18 12.34
CA LEU B 710 37.28 -12.05 12.47
C LEU B 710 36.90 -10.61 12.12
N THR B 711 35.90 -10.43 11.23
CA THR B 711 35.45 -9.12 10.69
C THR B 711 33.92 -9.05 10.74
N VAL B 712 33.36 -8.32 11.71
CA VAL B 712 31.87 -8.27 11.93
C VAL B 712 31.37 -6.83 11.77
N PRO B 713 30.70 -6.51 10.62
CA PRO B 713 30.12 -5.18 10.41
C PRO B 713 29.03 -4.86 11.46
N VAL B 714 29.21 -3.74 12.16
CA VAL B 714 28.20 -3.18 13.08
C VAL B 714 27.45 -2.10 12.28
N THR B 715 26.22 -2.41 11.86
CA THR B 715 25.35 -1.50 11.04
C THR B 715 24.78 -0.42 11.94
N VAL B 716 24.38 0.70 11.36
CA VAL B 716 23.92 1.86 12.13
C VAL B 716 22.66 1.46 12.92
N GLU B 717 21.75 0.70 12.29
CA GLU B 717 20.44 0.31 12.90
C GLU B 717 20.69 -0.59 14.11
N SER B 718 21.73 -1.45 14.06
CA SER B 718 22.02 -2.45 15.12
C SER B 718 22.35 -1.81 16.48
N VAL B 719 22.80 -0.55 16.52
CA VAL B 719 23.21 0.14 17.79
C VAL B 719 22.17 1.18 18.22
N ALA B 720 21.10 1.36 17.45
CA ALA B 720 19.99 2.27 17.81
C ALA B 720 19.12 1.60 18.88
N ARG B 721 18.59 2.40 19.78
CA ARG B 721 17.62 1.95 20.81
C ARG B 721 16.25 2.42 20.33
N THR B 722 15.32 2.66 21.25
CA THR B 722 13.88 2.74 20.98
C THR B 722 13.27 3.61 22.07
N ASP B 723 12.44 4.60 21.76
CA ASP B 723 11.91 5.55 22.77
C ASP B 723 10.55 5.04 23.27
N GLU B 724 9.86 5.82 24.11
CA GLU B 724 8.60 5.40 24.78
C GLU B 724 7.42 5.37 23.78
N GLN B 725 7.60 5.89 22.55
CA GLN B 725 6.56 5.92 21.49
C GLN B 725 6.83 4.85 20.42
N GLY B 726 8.01 4.23 20.46
CA GLY B 726 8.39 3.07 19.63
C GLY B 726 9.26 3.47 18.46
N ASN B 727 9.63 4.74 18.33
CA ASN B 727 10.58 5.15 17.26
C ASN B 727 11.93 4.47 17.53
N ARG B 728 12.54 3.93 16.49
CA ARG B 728 13.94 3.47 16.57
C ARG B 728 14.79 4.74 16.49
N VAL B 729 15.73 4.91 17.41
CA VAL B 729 16.46 6.19 17.60
C VAL B 729 17.94 5.91 17.86
N LEU B 730 18.81 6.56 17.09
CA LEU B 730 20.23 6.73 17.42
C LEU B 730 20.35 7.80 18.51
N TYR B 731 20.86 7.44 19.67
CA TYR B 731 21.17 8.38 20.79
C TYR B 731 22.68 8.65 20.85
N PRO B 732 23.10 9.87 21.24
CA PRO B 732 24.51 10.17 21.34
C PRO B 732 25.05 9.58 22.66
N GLY B 733 26.32 9.16 22.70
CA GLY B 733 26.98 8.73 23.97
C GLY B 733 28.08 7.71 23.76
N SER B 734 28.40 6.95 24.82
CA SER B 734 29.55 6.01 24.89
C SER B 734 29.06 4.57 24.70
N TYR B 735 29.73 3.82 23.83
CA TYR B 735 29.36 2.47 23.33
C TYR B 735 30.57 1.54 23.46
N GLU B 736 30.35 0.26 23.82
CA GLU B 736 31.41 -0.78 23.83
C GLU B 736 30.93 -2.02 23.05
N LEU B 737 31.75 -2.47 22.11
CA LEU B 737 31.64 -3.77 21.40
C LEU B 737 32.55 -4.81 22.08
N ALA B 738 31.98 -5.84 22.72
CA ALA B 738 32.71 -6.91 23.44
C ALA B 738 32.57 -8.25 22.68
N LEU B 739 33.67 -9.02 22.57
CA LEU B 739 33.69 -10.34 21.87
C LEU B 739 33.41 -11.50 22.86
N ASN B 740 32.37 -12.28 22.59
CA ASN B 740 31.83 -13.36 23.46
C ASN B 740 31.54 -12.77 24.85
N ASN B 741 31.05 -13.58 25.80
CA ASN B 741 30.61 -13.09 27.14
C ASN B 741 31.81 -12.67 28.00
N GLU B 742 32.98 -13.28 27.76
CA GLU B 742 34.23 -13.05 28.53
C GLU B 742 34.79 -11.65 28.19
N ARG B 743 34.29 -11.00 27.13
CA ARG B 743 34.74 -9.67 26.64
C ARG B 743 36.22 -9.80 26.32
N SER B 744 36.57 -10.92 25.70
CA SER B 744 37.87 -11.24 25.09
C SER B 744 38.50 -9.92 24.61
N VAL B 745 37.86 -9.26 23.63
CA VAL B 745 38.33 -8.04 22.91
C VAL B 745 37.24 -6.97 23.01
N VAL B 746 37.64 -5.74 23.34
CA VAL B 746 36.73 -4.56 23.46
C VAL B 746 37.16 -3.47 22.50
N VAL B 747 36.25 -3.08 21.60
CA VAL B 747 36.35 -1.89 20.73
C VAL B 747 35.34 -0.87 21.26
N LYS B 748 35.81 0.29 21.74
CA LYS B 748 34.93 1.39 22.26
C LYS B 748 34.70 2.39 21.11
N PHE B 749 33.60 3.15 21.17
CA PHE B 749 33.23 4.22 20.19
C PHE B 749 32.25 5.19 20.86
N GLU B 750 32.26 6.45 20.44
CA GLU B 750 31.30 7.46 20.91
C GLU B 750 30.43 7.90 19.71
N LEU B 751 29.12 7.91 19.91
CA LEU B 751 28.19 8.58 18.98
C LEU B 751 28.09 10.03 19.44
N LYS B 752 28.51 10.92 18.55
CA LYS B 752 28.47 12.39 18.70
C LYS B 752 27.32 12.91 17.84
N GLY B 753 26.57 13.88 18.36
CA GLY B 753 25.60 14.65 17.56
C GLY B 753 24.36 14.91 18.36
N GLU B 754 23.21 15.05 17.69
CA GLU B 754 21.86 14.98 18.30
C GLU B 754 21.21 13.62 17.96
N GLU B 755 20.17 13.28 18.72
CA GLU B 755 19.23 12.18 18.43
C GLU B 755 18.73 12.31 16.98
N ALA B 756 18.68 11.18 16.29
CA ALA B 756 17.99 11.01 14.98
C ALA B 756 17.04 9.80 15.06
N VAL B 757 15.79 10.00 14.63
CA VAL B 757 14.81 8.90 14.36
C VAL B 757 15.27 8.20 13.09
N ILE B 758 15.43 6.86 13.09
CA ILE B 758 15.72 6.09 11.84
C ILE B 758 14.49 5.29 11.41
N LEU B 759 13.55 5.05 12.33
CA LEU B 759 12.19 4.52 12.03
C LEU B 759 11.12 5.24 12.88
N SER B 760 10.22 5.97 12.23
CA SER B 760 8.98 6.58 12.80
C SER B 760 7.97 5.47 13.06
N TRP B 761 7.59 5.31 14.33
CA TRP B 761 6.55 4.35 14.78
C TRP B 761 5.16 4.96 14.65
N PRO B 762 4.30 4.43 13.77
CA PRO B 762 2.99 5.04 13.61
C PRO B 762 2.26 4.92 14.95
N GLU B 763 1.37 5.86 15.24
CA GLU B 763 0.39 5.83 16.34
C GLU B 763 -0.69 4.77 16.04
N ASP B 764 -1.14 4.06 17.07
CA ASP B 764 -2.24 3.07 17.03
C ASP B 764 -3.53 3.80 17.38
N THR B 765 -4.26 4.26 16.37
CA THR B 765 -5.54 4.99 16.55
C THR B 765 -6.73 4.03 16.43
N THR B 766 -6.51 2.74 16.14
CA THR B 766 -7.60 1.80 15.75
C THR B 766 -7.90 0.85 16.90
N SER B 767 -6.87 0.35 17.59
CA SER B 767 -7.06 -0.70 18.62
C SER B 767 -8.16 -0.27 19.60
N ASP B 768 -8.11 0.96 20.15
CA ASP B 768 -9.06 1.39 21.23
C ASP B 768 -10.01 2.49 20.73
N PHE B 769 -10.36 2.53 19.45
CA PHE B 769 -11.23 3.59 18.88
C PHE B 769 -12.69 3.35 19.31
N VAL B 770 -13.46 4.43 19.50
CA VAL B 770 -14.92 4.40 19.77
C VAL B 770 -15.64 5.32 18.79
C1 NAG C . -16.99 13.89 -30.60
C2 NAG C . -17.52 14.32 -31.96
C3 NAG C . -16.75 13.56 -33.06
C4 NAG C . -15.27 13.77 -32.84
C5 NAG C . -14.83 13.35 -31.42
C6 NAG C . -13.34 13.48 -31.12
C7 NAG C . -19.60 13.04 -31.94
C8 NAG C . -21.08 13.12 -31.71
N2 NAG C . -18.96 14.20 -31.94
O3 NAG C . -17.03 14.10 -34.33
O4 NAG C . -14.58 13.03 -33.86
O5 NAG C . -15.60 14.17 -30.51
O6 NAG C . -12.95 14.87 -31.00
O7 NAG C . -19.02 11.99 -32.08
C1 NAG C . -13.61 13.87 -34.51
C2 NAG C . -12.49 13.05 -35.15
C3 NAG C . -11.51 13.92 -35.92
C4 NAG C . -12.26 14.95 -36.74
C5 NAG C . -13.35 15.68 -35.97
C6 NAG C . -14.08 16.71 -36.82
C7 NAG C . -11.91 11.12 -33.68
C8 NAG C . -11.05 10.68 -32.51
N2 NAG C . -11.76 12.40 -34.07
O3 NAG C . -10.67 13.10 -36.76
O4 NAG C . -11.35 16.00 -37.07
O5 NAG C . -14.28 14.73 -35.44
O6 NAG C . -14.43 16.18 -38.11
O7 NAG C . -12.68 10.35 -34.20
C1 BMA C . -10.69 15.75 -38.30
C2 BMA C . -10.09 17.07 -38.76
C3 BMA C . -9.46 16.86 -40.13
C4 BMA C . -8.40 15.77 -40.04
C5 BMA C . -9.00 14.51 -39.42
C6 BMA C . -7.88 13.50 -39.21
O2 BMA C . -9.12 17.55 -37.82
O3 BMA C . -8.89 18.11 -40.51
O4 BMA C . -7.84 15.42 -41.31
O5 BMA C . -9.68 14.78 -38.17
O6 BMA C . -8.50 12.21 -39.02
C1 MAN C . -7.46 11.22 -38.92
C2 MAN C . -8.24 9.92 -38.81
C3 MAN C . -9.10 9.98 -37.57
C4 MAN C . -8.29 10.32 -36.32
C5 MAN C . -7.47 11.58 -36.58
C6 MAN C . -6.61 11.94 -35.37
O2 MAN C . -7.34 8.82 -38.72
O3 MAN C . -9.68 8.69 -37.44
O4 MAN C . -9.14 10.51 -35.17
O5 MAN C . -6.63 11.38 -37.76
O6 MAN C . -5.86 10.76 -35.16
C1 MAN C . -10.98 8.67 -38.02
C2 MAN C . -11.87 7.79 -37.15
C3 MAN C . -11.35 6.34 -37.21
C4 MAN C . -11.34 5.88 -38.67
C5 MAN C . -10.52 6.88 -39.50
C6 MAN C . -10.55 6.52 -40.98
O2 MAN C . -13.22 7.86 -37.67
O3 MAN C . -12.11 5.49 -36.34
O4 MAN C . -10.78 4.57 -38.79
O5 MAN C . -11.03 8.20 -39.38
O6 MAN C . -10.13 7.69 -41.69
C1 MAN C . -13.99 8.94 -37.08
C2 MAN C . -15.43 8.67 -37.41
C3 MAN C . -15.61 8.79 -38.94
C4 MAN C . -15.25 10.20 -39.40
C5 MAN C . -13.83 10.52 -38.92
C6 MAN C . -13.44 11.98 -39.22
O2 MAN C . -16.19 9.66 -36.69
O3 MAN C . -16.95 8.45 -39.30
O4 MAN C . -15.30 10.27 -40.82
O5 MAN C . -13.74 10.30 -37.50
O6 MAN C . -12.08 12.08 -39.66
C1 MAN C . -5.02 10.81 -34.01
C2 MAN C . -3.95 9.77 -34.25
C3 MAN C . -4.55 8.36 -34.25
C4 MAN C . -5.13 8.19 -32.86
C5 MAN C . -6.24 9.22 -32.70
C6 MAN C . -6.83 9.10 -31.31
O2 MAN C . -3.02 9.77 -33.17
O3 MAN C . -3.59 7.35 -34.58
O4 MAN C . -5.52 6.85 -32.64
O5 MAN C . -5.66 10.53 -32.77
O6 MAN C . -7.23 10.42 -30.91
C1 MAN C . -1.82 10.49 -33.50
C2 MAN C . -0.72 9.63 -32.96
C3 MAN C . -0.99 9.44 -31.46
C4 MAN C . -1.24 10.76 -30.73
C5 MAN C . -2.26 11.64 -31.48
C6 MAN C . -2.20 13.05 -30.91
O2 MAN C . 0.55 10.25 -33.18
O3 MAN C . 0.16 8.81 -30.90
O4 MAN C . -1.71 10.51 -29.41
O5 MAN C . -1.87 11.75 -32.85
O6 MAN C . -0.94 13.62 -31.28
C1 MAN C . -9.49 18.71 -41.65
C2 MAN C . -8.54 19.86 -41.99
C3 MAN C . -8.81 21.07 -41.13
C4 MAN C . -10.30 21.42 -41.09
C5 MAN C . -11.05 20.22 -40.59
C6 MAN C . -12.51 20.62 -40.31
O2 MAN C . -8.65 20.30 -43.34
O3 MAN C . -8.09 22.14 -41.71
O4 MAN C . -10.58 22.55 -40.23
O5 MAN C . -10.86 19.19 -41.57
C1 MAN C . -7.52 19.92 -44.18
C2 MAN C . -7.56 20.94 -45.33
C3 MAN C . -8.97 20.83 -45.95
C4 MAN C . -9.34 19.40 -46.32
C5 MAN C . -8.99 18.39 -45.22
C6 MAN C . -8.97 16.96 -45.74
O2 MAN C . -6.49 20.73 -46.27
O3 MAN C . -9.06 21.63 -47.13
O4 MAN C . -10.77 19.47 -46.48
O5 MAN C . -7.67 18.61 -44.73
O6 MAN C . -10.19 16.69 -46.43
C1 NAG D . -39.16 9.50 -10.21
C2 NAG D . -40.18 8.99 -9.19
C3 NAG D . -41.63 9.22 -9.67
C4 NAG D . -41.89 10.66 -10.11
C5 NAG D . -40.80 11.05 -11.12
C6 NAG D . -40.82 12.54 -11.45
C7 NAG D . -39.44 7.00 -7.90
C8 NAG D . -39.34 5.50 -8.03
N2 NAG D . -39.93 7.57 -9.00
O3 NAG D . -42.49 8.99 -8.54
O4 NAG D . -43.21 10.82 -10.71
O5 NAG D . -39.50 10.85 -10.56
O6 NAG D . -40.20 12.73 -12.73
O7 NAG D . -39.12 7.62 -6.88
C1 NAG D . -44.34 11.06 -9.81
C2 NAG D . -45.27 12.11 -10.44
C3 NAG D . -46.66 12.14 -9.79
C4 NAG D . -47.27 10.76 -9.75
C5 NAG D . -46.31 9.86 -8.97
C6 NAG D . -46.78 8.41 -8.84
C7 NAG D . -44.15 14.13 -11.29
C8 NAG D . -43.68 15.53 -10.99
N2 NAG D . -44.75 13.46 -10.29
O3 NAG D . -47.54 12.97 -10.53
O4 NAG D . -48.62 10.88 -9.25
O5 NAG D . -45.05 9.82 -9.66
O6 NAG D . -46.04 7.53 -9.72
O7 NAG D . -44.03 13.61 -12.38
C1 NAG E . 28.87 -23.16 7.28
C2 NAG E . 30.16 -23.99 7.17
C3 NAG E . 30.47 -24.46 5.75
C4 NAG E . 29.24 -25.01 5.07
C5 NAG E . 28.11 -24.00 5.24
C6 NAG E . 26.85 -24.32 4.48
C7 NAG E . 31.52 -22.92 8.84
C8 NAG E . 32.44 -21.79 9.20
N2 NAG E . 31.21 -23.06 7.57
O3 NAG E . 31.47 -25.49 5.71
O4 NAG E . 29.56 -25.21 3.68
O5 NAG E . 27.80 -23.83 6.63
O6 NAG E . 26.30 -25.55 4.89
O7 NAG E . 31.01 -23.68 9.65
C1 NAG E . 29.23 -26.52 3.19
C2 NAG E . 29.40 -26.64 1.66
C3 NAG E . 29.13 -28.09 1.18
C4 NAG E . 29.85 -29.14 2.04
C5 NAG E . 29.58 -28.83 3.51
C6 NAG E . 30.06 -29.87 4.52
C7 NAG E . 28.71 -24.38 0.86
C8 NAG E . 28.05 -23.60 -0.25
N2 NAG E . 28.59 -25.72 0.87
O3 NAG E . 29.56 -28.30 -0.17
O4 NAG E . 29.28 -30.41 1.72
O5 NAG E . 30.05 -27.52 3.85
O6 NAG E . 31.47 -29.83 4.58
O7 NAG E . 29.37 -23.79 1.69
C1 BMA E . 29.93 -31.19 0.71
C2 BMA E . 29.48 -32.63 1.00
C3 BMA E . 30.03 -33.61 -0.04
C4 BMA E . 29.72 -33.13 -1.45
C5 BMA E . 30.02 -31.66 -1.68
C6 BMA E . 29.39 -31.20 -3.01
O2 BMA E . 28.02 -32.72 1.12
O3 BMA E . 29.46 -34.93 0.16
O4 BMA E . 30.50 -33.92 -2.37
O5 BMA E . 29.56 -30.81 -0.62
O6 BMA E . 29.82 -29.85 -3.20
C1 MAN E . 29.40 -29.13 -4.40
C2 MAN E . 30.25 -27.86 -4.46
C3 MAN E . 29.99 -26.96 -3.21
C4 MAN E . 28.49 -26.68 -3.11
C5 MAN E . 27.70 -28.01 -3.17
C6 MAN E . 26.20 -27.73 -3.15
O2 MAN E . 29.96 -27.17 -5.69
O3 MAN E . 30.71 -25.71 -3.23
O4 MAN E . 28.17 -25.92 -1.93
O5 MAN E . 28.02 -28.75 -4.38
O6 MAN E . 25.92 -26.90 -4.26
C1 MAN E . 24.61 -26.29 -4.20
C2 MAN E . 24.34 -25.71 -5.58
C3 MAN E . 25.14 -24.41 -5.78
C4 MAN E . 24.83 -23.45 -4.62
C5 MAN E . 25.23 -24.16 -3.34
C6 MAN E . 25.12 -23.29 -2.11
O2 MAN E . 22.93 -25.51 -5.74
O3 MAN E . 24.88 -23.85 -7.07
O4 MAN E . 25.47 -22.16 -4.73
O5 MAN E . 24.38 -25.28 -3.21
O6 MAN E . 23.90 -22.56 -2.11
C1 MAN E . 22.22 -26.58 -6.42
C2 MAN E . 21.27 -25.95 -7.44
C3 MAN E . 20.37 -24.96 -6.73
C4 MAN E . 19.66 -25.64 -5.56
C5 MAN E . 20.61 -26.50 -4.69
C6 MAN E . 19.83 -27.42 -3.73
O2 MAN E . 20.46 -26.95 -8.05
O3 MAN E . 19.43 -24.47 -7.68
O4 MAN E . 19.08 -24.59 -4.75
O5 MAN E . 21.42 -27.36 -5.54
O6 MAN E . 19.33 -28.60 -4.40
C1 MAN E . 31.87 -25.65 -2.34
C2 MAN E . 32.14 -24.20 -1.93
C3 MAN E . 32.50 -23.41 -3.18
C4 MAN E . 33.65 -24.09 -3.94
C5 MAN E . 33.34 -25.55 -4.20
C6 MAN E . 34.48 -26.30 -4.87
O2 MAN E . 33.22 -24.09 -0.99
O3 MAN E . 32.84 -22.10 -2.76
O4 MAN E . 33.83 -23.49 -5.22
O5 MAN E . 33.06 -26.19 -2.94
O6 MAN E . 34.04 -27.64 -5.08
C1 MAN E . 30.40 -36.02 0.36
C2 MAN E . 29.59 -37.32 0.16
C3 MAN E . 28.61 -37.48 1.34
C4 MAN E . 29.38 -37.41 2.67
C5 MAN E . 30.13 -36.07 2.72
C6 MAN E . 30.85 -35.79 4.03
O2 MAN E . 30.39 -38.53 0.04
O3 MAN E . 27.80 -38.66 1.22
O4 MAN E . 28.45 -37.58 3.76
O5 MAN E . 31.06 -36.03 1.64
O6 MAN E . 30.55 -34.47 4.49
C1 MAN E . 30.45 -39.09 -1.32
C2 MAN E . 30.90 -40.55 -1.25
C3 MAN E . 32.33 -40.60 -0.71
C4 MAN E . 33.26 -39.64 -1.45
C5 MAN E . 32.65 -38.24 -1.65
C6 MAN E . 33.46 -37.37 -2.60
O2 MAN E . 30.81 -41.15 -2.56
O3 MAN E . 32.86 -41.92 -0.89
O4 MAN E . 34.41 -39.46 -0.62
O5 MAN E . 31.34 -38.40 -2.22
O6 MAN E . 34.49 -36.68 -1.87
C1 NAG F . 17.90 28.90 -18.44
C2 NAG F . 18.57 29.56 -17.24
C3 NAG F . 18.82 31.04 -17.51
C4 NAG F . 19.54 31.25 -18.85
C5 NAG F . 18.79 30.54 -19.97
C6 NAG F . 19.45 30.72 -21.35
C7 NAG F . 18.16 28.92 -14.86
C8 NAG F . 17.07 28.87 -13.81
N2 NAG F . 17.73 29.38 -16.05
O3 NAG F . 19.61 31.59 -16.43
O4 NAG F . 19.63 32.65 -19.13
O5 NAG F . 18.66 29.14 -19.64
O6 NAG F . 20.75 30.14 -21.34
O7 NAG F . 19.35 28.60 -14.60
C1 NAG G . -29.88 21.35 10.04
C2 NAG G . -28.99 20.30 10.67
C3 NAG G . -28.87 20.53 12.17
C4 NAG G . -28.54 21.98 12.52
C5 NAG G . -29.46 22.94 11.79
C6 NAG G . -29.09 24.41 12.05
C7 NAG G . -28.87 18.08 9.65
C8 NAG G . -29.59 16.81 9.35
N2 NAG G . -29.53 18.97 10.40
O3 NAG G . -27.75 19.73 12.58
O4 NAG G . -28.73 22.18 13.93
O5 NAG G . -29.40 22.66 10.39
O6 NAG G . -27.67 24.60 12.21
O7 NAG G . -27.77 18.30 9.19
C1 NAG H . 3.62 37.68 6.81
C2 NAG H . 4.36 38.58 7.80
C3 NAG H . 4.45 37.88 9.14
C4 NAG H . 3.09 37.45 9.63
C5 NAG H . 2.45 36.56 8.56
C6 NAG H . 1.10 36.01 9.04
C7 NAG H . 6.13 40.19 7.12
C8 NAG H . 7.53 40.42 6.60
N2 NAG H . 5.72 38.91 7.32
O3 NAG H . 5.02 38.79 10.08
O4 NAG H . 3.24 36.68 10.82
O5 NAG H . 2.35 37.31 7.33
O6 NAG H . 0.20 35.76 7.96
O7 NAG H . 5.39 41.14 7.35
C1 NAG I . -25.36 -3.58 -23.50
C2 NAG I . -25.18 -5.04 -23.89
C3 NAG I . -23.81 -5.22 -24.56
C4 NAG I . -23.59 -4.21 -25.68
C5 NAG I . -23.68 -2.81 -25.07
C6 NAG I . -23.45 -1.58 -25.95
C7 NAG I . -26.34 -6.00 -21.93
C8 NAG I . -26.17 -6.74 -20.64
N2 NAG I . -25.23 -5.83 -22.66
O3 NAG I . -23.67 -6.56 -25.04
O4 NAG I . -22.36 -4.45 -26.38
O5 NAG I . -25.01 -2.72 -24.59
O6 NAG I . -22.59 -1.87 -27.06
O7 NAG I . -27.42 -5.55 -22.29
C1 NAG J . 20.52 23.45 -2.69
C2 NAG J . 21.95 23.26 -3.20
C3 NAG J . 22.78 24.54 -3.24
C4 NAG J . 21.98 25.73 -3.74
C5 NAG J . 20.55 25.84 -3.15
C6 NAG J . 19.77 26.97 -3.87
C7 NAG J . 23.29 21.24 -2.88
C8 NAG J . 24.01 20.34 -1.88
N2 NAG J . 22.68 22.32 -2.37
O3 NAG J . 23.82 24.29 -4.17
O4 NAG J . 22.79 26.86 -3.34
O5 NAG J . 19.91 24.57 -3.33
O6 NAG J . 18.48 27.31 -3.33
O7 NAG J . 23.27 21.01 -4.08
C1 NAG K . 11.10 25.64 -36.15
C2 NAG K . 12.59 25.35 -36.34
C3 NAG K . 12.86 24.81 -37.74
C4 NAG K . 11.84 23.77 -38.16
C5 NAG K . 10.41 24.21 -37.91
C6 NAG K . 9.41 23.12 -38.25
C7 NAG K . 14.27 26.67 -35.20
C8 NAG K . 15.03 27.97 -35.11
N2 NAG K . 13.32 26.59 -36.12
O3 NAG K . 14.16 24.18 -37.80
O4 NAG K . 12.06 23.52 -39.56
O5 NAG K . 10.26 24.55 -36.54
O6 NAG K . 9.50 22.76 -39.64
O7 NAG K . 14.54 25.72 -34.49
C1 NAG L . -11.12 46.23 -29.75
C2 NAG L . -11.08 47.41 -30.74
C3 NAG L . -9.62 47.65 -31.09
C4 NAG L . -8.88 48.01 -29.80
C5 NAG L . -9.01 46.88 -28.80
C6 NAG L . -8.37 47.27 -27.49
C7 NAG L . -12.89 47.96 -32.33
C8 NAG L . -13.57 47.62 -33.63
N2 NAG L . -11.84 47.20 -31.98
O3 NAG L . -9.48 48.71 -32.04
O4 NAG L . -7.50 48.26 -30.04
O5 NAG L . -10.40 46.61 -28.58
O6 NAG L . -8.80 46.28 -26.55
O7 NAG L . -13.29 48.88 -31.63
C1 NAG M . -15.06 51.15 -20.87
C2 NAG M . -15.37 52.65 -21.05
C3 NAG M . -14.22 53.33 -21.78
C4 NAG M . -12.84 52.91 -21.29
C5 NAG M . -12.69 51.42 -21.07
C6 NAG M . -11.38 51.12 -20.32
C7 NAG M . -17.79 53.09 -21.41
C8 NAG M . -18.89 53.22 -22.41
N2 NAG M . -16.56 52.87 -21.88
O3 NAG M . -14.32 54.74 -21.53
O4 NAG M . -11.94 53.22 -22.35
O5 NAG M . -13.77 50.96 -20.27
O6 NAG M . -11.58 51.41 -18.92
O7 NAG M . -18.01 53.17 -20.23
C1 NAG N . -14.69 41.10 3.93
C2 NAG N . -16.01 41.73 4.39
C3 NAG N . -15.92 43.26 4.35
C4 NAG N . -14.59 43.77 4.89
C5 NAG N . -13.41 43.09 4.19
C6 NAG N . -12.03 43.53 4.64
C7 NAG N . -18.08 40.48 3.70
C8 NAG N . -19.07 40.29 2.57
N2 NAG N . -17.10 41.36 3.47
O3 NAG N . -16.98 43.82 5.13
O4 NAG N . -14.52 45.19 4.71
O5 NAG N . -13.53 41.71 4.49
O6 NAG N . -11.09 42.57 4.12
O7 NAG N . -18.20 39.85 4.74
C1 HLB O . -2.64 25.80 -6.28
C2 HLB O . -3.81 25.69 -7.28
C3 HLB O . -3.53 24.52 -8.24
C4 HLB O . -2.33 24.92 -9.09
C5 HLB O . -1.14 25.27 -8.22
C6 HLB O . -1.46 26.26 -7.09
C8 HLB O . -1.14 28.64 -6.84
N7 HLB O . -1.79 27.59 -7.62
C9 HLB O . -1.25 29.96 -7.59
C10 HLB O . -1.14 31.10 -6.59
C11 HLB O . -0.41 32.28 -7.20
C12 HLB O . -0.53 33.51 -6.31
O13 HLB O . -4.63 24.29 -9.12
O14 HLB O . -2.05 23.90 -10.04
O15 HLB O . -5.07 25.60 -6.60
C1 EDO P . -19.30 -11.49 -16.92
O1 EDO P . -18.75 -12.77 -16.80
C2 EDO P . -18.35 -10.50 -17.47
O2 EDO P . -18.87 -9.21 -17.61
C1 EDO Q . 0.94 30.09 -12.71
O1 EDO Q . -0.16 29.19 -12.81
C2 EDO Q . 0.58 31.36 -12.01
O2 EDO Q . 1.50 31.71 -10.99
C1 NAG R . -18.08 -26.48 21.49
C2 NAG R . -19.55 -26.81 21.78
C3 NAG R . -20.33 -25.53 21.86
C4 NAG R . -19.70 -24.59 22.85
C5 NAG R . -18.22 -24.40 22.55
C6 NAG R . -17.54 -23.50 23.60
C7 NAG R . -20.61 -28.93 20.92
C8 NAG R . -21.26 -29.54 19.75
N2 NAG R . -20.17 -27.65 20.75
O3 NAG R . -21.67 -25.82 22.30
O4 NAG R . -20.32 -23.30 22.74
O5 NAG R . -17.59 -25.68 22.52
O6 NAG R . -16.26 -23.06 23.12
O7 NAG R . -20.55 -29.59 21.96
C1 NAG S . 5.56 -2.34 37.68
C2 NAG S . 4.76 -1.62 36.63
C3 NAG S . 3.71 -0.78 37.28
C4 NAG S . 2.75 -1.72 37.97
C5 NAG S . 3.56 -2.49 39.01
C6 NAG S . 2.67 -3.53 39.69
C7 NAG S . 5.73 -0.88 34.51
C8 NAG S . 6.82 -0.08 33.86
N2 NAG S . 5.66 -0.79 35.84
O3 NAG S . 3.02 0.02 36.33
O4 NAG S . 1.64 -0.98 38.53
O5 NAG S . 4.67 -3.17 38.41
O6 NAG S . 2.57 -4.70 38.89
O7 NAG S . 4.98 -1.60 33.86
C1 NAG T . -6.24 -37.98 -4.18
C2 NAG T . -7.69 -38.04 -3.81
C3 NAG T . -8.05 -39.41 -3.24
C4 NAG T . -7.56 -40.53 -4.16
C5 NAG T . -6.05 -40.33 -4.37
C6 NAG T . -5.38 -41.47 -5.14
C7 NAG T . -8.85 -36.10 -2.70
C8 NAG T . -8.85 -35.22 -1.48
N2 NAG T . -7.88 -37.04 -2.76
O3 NAG T . -9.47 -39.40 -3.00
O4 NAG T . -7.80 -41.82 -3.61
O5 NAG T . -5.87 -39.07 -5.03
O6 NAG T . -5.97 -41.55 -6.43
O7 NAG T . -9.71 -35.98 -3.57
C1 NAG U . 34.30 -2.98 6.71
C2 NAG U . 34.80 -1.82 5.84
C3 NAG U . 34.62 -2.18 4.37
C4 NAG U . 35.05 -3.62 4.04
C5 NAG U . 34.41 -4.61 4.99
C6 NAG U . 34.77 -6.08 4.71
C7 NAG U . 34.41 0.25 7.17
C8 NAG U . 33.42 1.35 7.48
N2 NAG U . 34.05 -0.61 6.21
O3 NAG U . 35.41 -1.29 3.60
O4 NAG U . 34.67 -3.99 2.71
O5 NAG U . 34.81 -4.25 6.29
O6 NAG U . 36.19 -6.27 4.70
O7 NAG U . 35.47 0.17 7.77
C1 NAG V . -17.79 -25.80 -2.63
C2 NAG V . -18.43 -26.30 -3.92
C3 NAG V . -19.33 -27.49 -3.65
C4 NAG V . -18.67 -28.55 -2.76
C5 NAG V . -18.13 -27.94 -1.44
C6 NAG V . -17.42 -28.93 -0.51
C7 NAG V . -19.09 -24.87 -5.84
C8 NAG V . -20.10 -23.89 -6.33
N2 NAG V . -19.25 -25.26 -4.57
O3 NAG V . -19.62 -28.02 -4.93
O4 NAG V . -19.64 -29.58 -2.53
O5 NAG V . -17.25 -26.90 -1.88
O6 NAG V . -16.86 -28.39 0.73
O7 NAG V . -18.20 -25.29 -6.58
C1 NAG W . 30.00 -1.93 29.02
C2 NAG W . 30.38 -0.63 29.75
C3 NAG W . 31.69 -0.69 30.54
C4 NAG W . 31.74 -1.93 31.42
C5 NAG W . 31.55 -3.09 30.46
C6 NAG W . 31.71 -4.43 31.14
C7 NAG W . 29.47 1.18 28.47
C8 NAG W . 29.72 2.19 27.37
N2 NAG W . 30.53 0.40 28.74
O3 NAG W . 31.73 0.47 31.37
O4 NAG W . 32.94 -2.08 32.20
O5 NAG W . 30.22 -3.00 29.93
O6 NAG W . 30.71 -5.28 30.57
O7 NAG W . 28.39 1.09 29.08
C1 NAG X . 11.28 -43.28 -8.31
C2 NAG X . 10.67 -43.65 -9.66
C3 NAG X . 11.75 -44.15 -10.58
C4 NAG X . 12.96 -43.24 -10.60
C5 NAG X . 13.43 -42.86 -9.20
C6 NAG X . 14.56 -41.86 -9.23
C7 NAG X . 8.36 -44.57 -9.84
C8 NAG X . 7.55 -45.83 -9.69
N2 NAG X . 9.67 -44.70 -9.54
O3 NAG X . 11.12 -44.18 -11.88
O4 NAG X . 14.04 -43.95 -11.18
O5 NAG X . 12.32 -42.32 -8.47
O6 NAG X . 15.64 -42.38 -8.44
O7 NAG X . 7.85 -43.52 -10.19
C1 NAG Y . 10.05 -47.16 31.08
C2 NAG Y . 9.97 -48.31 32.08
C3 NAG Y . 9.54 -49.55 31.34
C4 NAG Y . 8.22 -49.30 30.65
C5 NAG Y . 8.44 -48.19 29.63
C6 NAG Y . 7.21 -47.78 28.81
C7 NAG Y . 11.60 -48.33 33.92
C8 NAG Y . 13.00 -48.75 34.30
N2 NAG Y . 11.25 -48.65 32.68
O3 NAG Y . 9.48 -50.67 32.21
O4 NAG Y . 7.79 -50.55 30.11
O5 NAG Y . 8.83 -47.05 30.36
O6 NAG Y . 6.20 -47.40 29.75
O7 NAG Y . 10.81 -47.73 34.65
C1 NAG Z . 15.10 -49.43 22.02
C2 NAG Z . 14.66 -50.72 22.72
C3 NAG Z . 13.88 -51.60 21.74
C4 NAG Z . 12.78 -50.79 21.05
C5 NAG Z . 13.40 -49.58 20.35
C6 NAG Z . 12.49 -48.75 19.42
C7 NAG Z . 17.01 -51.59 23.01
C8 NAG Z . 17.88 -52.34 23.98
N2 NAG Z . 15.73 -51.48 23.40
O3 NAG Z . 13.25 -52.66 22.45
O4 NAG Z . 12.08 -51.64 20.14
O5 NAG Z . 13.95 -48.80 21.40
O6 NAG Z . 11.40 -48.11 20.11
O7 NAG Z . 17.45 -51.12 21.99
C1 HLB AA . -1.26 -22.90 13.92
C2 HLB AA . 0.19 -23.01 14.38
C3 HLB AA . 1.08 -22.66 13.19
C4 HLB AA . 0.94 -23.79 12.18
C5 HLB AA . -0.52 -24.05 11.82
C6 HLB AA . -1.52 -24.10 13.01
C8 HLB AA . -2.69 -25.90 14.14
N7 HLB AA . -1.40 -25.36 13.76
C9 HLB AA . -2.47 -27.19 14.85
C10 HLB AA . -3.79 -27.74 15.39
C11 HLB AA . -3.79 -29.28 15.41
C12 HLB AA . -4.50 -29.84 16.65
O13 HLB AA . 2.43 -22.57 13.60
O14 HLB AA . 1.79 -23.47 11.04
O15 HLB AA . 0.43 -22.18 15.51
C1 EDO BA . -15.41 -31.18 6.20
O1 EDO BA . -15.52 -30.47 7.46
C2 EDO BA . -16.35 -30.73 5.16
O2 EDO BA . -17.72 -30.57 5.58
C1 EDO CA . 10.36 6.29 8.69
O1 EDO CA . 10.42 5.99 10.06
C2 EDO CA . 11.20 5.43 7.82
O2 EDO CA . 10.67 4.17 7.47
#